data_3FRB
# 
_entry.id   3FRB 
# 
_audit_conform.dict_name       mmcif_pdbx.dic 
_audit_conform.dict_version    5.392 
_audit_conform.dict_location   http://mmcif.pdb.org/dictionaries/ascii/mmcif_pdbx.dic 
# 
loop_
_database_2.database_id 
_database_2.database_code 
_database_2.pdbx_database_accession 
_database_2.pdbx_DOI 
PDB   3FRB         pdb_00003frb 10.2210/pdb3frb/pdb 
RCSB  RCSB050945   ?            ?                   
WWPDB D_1000050945 ?            ?                   
# 
loop_
_pdbx_audit_revision_history.ordinal 
_pdbx_audit_revision_history.data_content_type 
_pdbx_audit_revision_history.major_revision 
_pdbx_audit_revision_history.minor_revision 
_pdbx_audit_revision_history.revision_date 
1 'Structure model' 1 0 2010-01-12 
2 'Structure model' 1 1 2011-07-13 
3 'Structure model' 1 2 2021-11-10 
4 'Structure model' 1 3 2024-05-29 
# 
_pdbx_audit_revision_details.ordinal             1 
_pdbx_audit_revision_details.revision_ordinal    1 
_pdbx_audit_revision_details.data_content_type   'Structure model' 
_pdbx_audit_revision_details.provider            repository 
_pdbx_audit_revision_details.type                'Initial release' 
_pdbx_audit_revision_details.description         ? 
_pdbx_audit_revision_details.details             ? 
# 
loop_
_pdbx_audit_revision_group.ordinal 
_pdbx_audit_revision_group.revision_ordinal 
_pdbx_audit_revision_group.data_content_type 
_pdbx_audit_revision_group.group 
1 2 'Structure model' 'Version format compliance' 
2 3 'Structure model' 'Database references'       
3 3 'Structure model' 'Derived calculations'      
4 4 'Structure model' 'Data collection'           
# 
loop_
_pdbx_audit_revision_category.ordinal 
_pdbx_audit_revision_category.revision_ordinal 
_pdbx_audit_revision_category.data_content_type 
_pdbx_audit_revision_category.category 
1 3 'Structure model' database_2         
2 3 'Structure model' struct_ref_seq_dif 
3 3 'Structure model' struct_site        
4 4 'Structure model' chem_comp_atom     
5 4 'Structure model' chem_comp_bond     
# 
loop_
_pdbx_audit_revision_item.ordinal 
_pdbx_audit_revision_item.revision_ordinal 
_pdbx_audit_revision_item.data_content_type 
_pdbx_audit_revision_item.item 
1 3 'Structure model' '_database_2.pdbx_DOI'                
2 3 'Structure model' '_database_2.pdbx_database_accession' 
3 3 'Structure model' '_struct_ref_seq_dif.details'         
4 3 'Structure model' '_struct_site.pdbx_auth_asym_id'      
5 3 'Structure model' '_struct_site.pdbx_auth_comp_id'      
6 3 'Structure model' '_struct_site.pdbx_auth_seq_id'       
# 
_pdbx_database_status.status_code                     REL 
_pdbx_database_status.entry_id                        3FRB 
_pdbx_database_status.recvd_initial_deposition_date   2009-01-08 
_pdbx_database_status.deposit_site                    RCSB 
_pdbx_database_status.process_site                    PDBJ 
_pdbx_database_status.status_code_sf                  REL 
_pdbx_database_status.status_code_mr                  ? 
_pdbx_database_status.SG_entry                        ? 
_pdbx_database_status.pdb_format_compatible           Y 
_pdbx_database_status.status_code_cs                  ? 
_pdbx_database_status.status_code_nmr_data            ? 
_pdbx_database_status.methods_development_category    ? 
# 
loop_
_pdbx_database_related.db_name 
_pdbx_database_related.db_id 
_pdbx_database_related.details 
_pdbx_database_related.content_type 
PDB 3FRA . unspecified 
PDB 3FRD . unspecified 
PDB 3FRE . unspecified 
PDB 3FRF . unspecified 
# 
loop_
_audit_author.name 
_audit_author.pdbx_ordinal 
'Oefner, C.'     1 
'Dale-Glenn, E.' 2 
# 
_citation.id                        primary 
_citation.title                     
;Increased hydrophobic interactions of iclaprim with Staphylococcus aureus dihydrofolate reductase are responsible for the increase in affinity and antibacterial activity
;
_citation.journal_abbrev            J.Antimicrob.Chemother. 
_citation.journal_volume            63 
_citation.page_first                687 
_citation.page_last                 698 
_citation.year                      2009 
_citation.journal_id_ASTM           ? 
_citation.country                   UK 
_citation.journal_id_ISSN           0305-7453 
_citation.journal_id_CSD            ? 
_citation.book_publisher            ? 
_citation.pdbx_database_id_PubMed   19211577 
_citation.pdbx_database_id_DOI      10.1093/jac/dkp024 
# 
loop_
_citation_author.citation_id 
_citation_author.name 
_citation_author.ordinal 
_citation_author.identifier_ORCID 
primary 'Oefner, C.'    1  ? 
primary 'Bandera, M.'   2  ? 
primary 'Haldimann, A.' 3  ? 
primary 'Laue, H.'      4  ? 
primary 'Schulz, H.'    5  ? 
primary 'Mukhija, S.'   6  ? 
primary 'Parisi, S.'    7  ? 
primary 'Weiss, L.'     8  ? 
primary 'Lociuro, S.'   9  ? 
primary 'Dale, G.E.'    10 ? 
# 
loop_
_entity.id 
_entity.type 
_entity.src_method 
_entity.pdbx_description 
_entity.formula_weight 
_entity.pdbx_number_of_molecules 
_entity.pdbx_ec 
_entity.pdbx_mutation 
_entity.pdbx_fragment 
_entity.details 
1 polymer     man 'Dihydrofolate reductase'                          18160.736 1   1.5.1.3 F98Y ? ? 
2 non-polymer syn 'NADP NICOTINAMIDE-ADENINE-DINUCLEOTIDE PHOSPHATE' 743.405   1   ?       ?    ? ? 
3 non-polymer syn TRIMETHOPRIM                                       290.318   1   ?       ?    ? ? 
4 water       nat water                                              18.015    121 ?       ?    ? ? 
# 
_entity_name_com.entity_id   1 
_entity_name_com.name        DHFR 
# 
_entity_poly.entity_id                      1 
_entity_poly.type                           'polypeptide(L)' 
_entity_poly.nstd_linkage                   no 
_entity_poly.nstd_monomer                   no 
_entity_poly.pdbx_seq_one_letter_code       
;TLSILVAHDLQRVIGFENQLPWHLPNDLKHVKKLSTGHTLVMGRKTFESIGKPLPNRRNVVLTSDTSFNVEGVDVIHSIE
DIYQLPGHVFIFGGQTLYEEMIDKVDDMYITVIEGKFRGDTFFPPYTFEDWEVASSVEGKLDEKNTIPHTFLHLIRKK
;
_entity_poly.pdbx_seq_one_letter_code_can   
;TLSILVAHDLQRVIGFENQLPWHLPNDLKHVKKLSTGHTLVMGRKTFESIGKPLPNRRNVVLTSDTSFNVEGVDVIHSIE
DIYQLPGHVFIFGGQTLYEEMIDKVDDMYITVIEGKFRGDTFFPPYTFEDWEVASSVEGKLDEKNTIPHTFLHLIRKK
;
_entity_poly.pdbx_strand_id                 X 
_entity_poly.pdbx_target_identifier         ? 
# 
loop_
_pdbx_entity_nonpoly.entity_id 
_pdbx_entity_nonpoly.name 
_pdbx_entity_nonpoly.comp_id 
2 'NADP NICOTINAMIDE-ADENINE-DINUCLEOTIDE PHOSPHATE' NAP 
3 TRIMETHOPRIM                                       TOP 
4 water                                              HOH 
# 
loop_
_entity_poly_seq.entity_id 
_entity_poly_seq.num 
_entity_poly_seq.mon_id 
_entity_poly_seq.hetero 
1 1   THR n 
1 2   LEU n 
1 3   SER n 
1 4   ILE n 
1 5   LEU n 
1 6   VAL n 
1 7   ALA n 
1 8   HIS n 
1 9   ASP n 
1 10  LEU n 
1 11  GLN n 
1 12  ARG n 
1 13  VAL n 
1 14  ILE n 
1 15  GLY n 
1 16  PHE n 
1 17  GLU n 
1 18  ASN n 
1 19  GLN n 
1 20  LEU n 
1 21  PRO n 
1 22  TRP n 
1 23  HIS n 
1 24  LEU n 
1 25  PRO n 
1 26  ASN n 
1 27  ASP n 
1 28  LEU n 
1 29  LYS n 
1 30  HIS n 
1 31  VAL n 
1 32  LYS n 
1 33  LYS n 
1 34  LEU n 
1 35  SER n 
1 36  THR n 
1 37  GLY n 
1 38  HIS n 
1 39  THR n 
1 40  LEU n 
1 41  VAL n 
1 42  MET n 
1 43  GLY n 
1 44  ARG n 
1 45  LYS n 
1 46  THR n 
1 47  PHE n 
1 48  GLU n 
1 49  SER n 
1 50  ILE n 
1 51  GLY n 
1 52  LYS n 
1 53  PRO n 
1 54  LEU n 
1 55  PRO n 
1 56  ASN n 
1 57  ARG n 
1 58  ARG n 
1 59  ASN n 
1 60  VAL n 
1 61  VAL n 
1 62  LEU n 
1 63  THR n 
1 64  SER n 
1 65  ASP n 
1 66  THR n 
1 67  SER n 
1 68  PHE n 
1 69  ASN n 
1 70  VAL n 
1 71  GLU n 
1 72  GLY n 
1 73  VAL n 
1 74  ASP n 
1 75  VAL n 
1 76  ILE n 
1 77  HIS n 
1 78  SER n 
1 79  ILE n 
1 80  GLU n 
1 81  ASP n 
1 82  ILE n 
1 83  TYR n 
1 84  GLN n 
1 85  LEU n 
1 86  PRO n 
1 87  GLY n 
1 88  HIS n 
1 89  VAL n 
1 90  PHE n 
1 91  ILE n 
1 92  PHE n 
1 93  GLY n 
1 94  GLY n 
1 95  GLN n 
1 96  THR n 
1 97  LEU n 
1 98  TYR n 
1 99  GLU n 
1 100 GLU n 
1 101 MET n 
1 102 ILE n 
1 103 ASP n 
1 104 LYS n 
1 105 VAL n 
1 106 ASP n 
1 107 ASP n 
1 108 MET n 
1 109 TYR n 
1 110 ILE n 
1 111 THR n 
1 112 VAL n 
1 113 ILE n 
1 114 GLU n 
1 115 GLY n 
1 116 LYS n 
1 117 PHE n 
1 118 ARG n 
1 119 GLY n 
1 120 ASP n 
1 121 THR n 
1 122 PHE n 
1 123 PHE n 
1 124 PRO n 
1 125 PRO n 
1 126 TYR n 
1 127 THR n 
1 128 PHE n 
1 129 GLU n 
1 130 ASP n 
1 131 TRP n 
1 132 GLU n 
1 133 VAL n 
1 134 ALA n 
1 135 SER n 
1 136 SER n 
1 137 VAL n 
1 138 GLU n 
1 139 GLY n 
1 140 LYS n 
1 141 LEU n 
1 142 ASP n 
1 143 GLU n 
1 144 LYS n 
1 145 ASN n 
1 146 THR n 
1 147 ILE n 
1 148 PRO n 
1 149 HIS n 
1 150 THR n 
1 151 PHE n 
1 152 LEU n 
1 153 HIS n 
1 154 LEU n 
1 155 ILE n 
1 156 ARG n 
1 157 LYS n 
1 158 LYS n 
# 
_entity_src_gen.entity_id                          1 
_entity_src_gen.pdbx_src_id                        1 
_entity_src_gen.pdbx_alt_source_flag               sample 
_entity_src_gen.pdbx_seq_type                      ? 
_entity_src_gen.pdbx_beg_seq_num                   ? 
_entity_src_gen.pdbx_end_seq_num                   ? 
_entity_src_gen.gene_src_common_name               ? 
_entity_src_gen.gene_src_genus                     ? 
_entity_src_gen.pdbx_gene_src_gene                 folA 
_entity_src_gen.gene_src_species                   ? 
_entity_src_gen.gene_src_strain                    ? 
_entity_src_gen.gene_src_tissue                    ? 
_entity_src_gen.gene_src_tissue_fraction           ? 
_entity_src_gen.gene_src_details                   ? 
_entity_src_gen.pdbx_gene_src_fragment             ? 
_entity_src_gen.pdbx_gene_src_scientific_name      'Staphylococcus aureus' 
_entity_src_gen.pdbx_gene_src_ncbi_taxonomy_id     1280 
_entity_src_gen.pdbx_gene_src_variant              ? 
_entity_src_gen.pdbx_gene_src_cell_line            ? 
_entity_src_gen.pdbx_gene_src_atcc                 ? 
_entity_src_gen.pdbx_gene_src_organ                ? 
_entity_src_gen.pdbx_gene_src_organelle            ? 
_entity_src_gen.pdbx_gene_src_cell                 ? 
_entity_src_gen.pdbx_gene_src_cellular_location    ? 
_entity_src_gen.host_org_common_name               ? 
_entity_src_gen.pdbx_host_org_scientific_name      'Escherichia coli' 
_entity_src_gen.pdbx_host_org_ncbi_taxonomy_id     562 
_entity_src_gen.host_org_genus                     ? 
_entity_src_gen.pdbx_host_org_gene                 ? 
_entity_src_gen.pdbx_host_org_organ                ? 
_entity_src_gen.host_org_species                   ? 
_entity_src_gen.pdbx_host_org_tissue               ? 
_entity_src_gen.pdbx_host_org_tissue_fraction      ? 
_entity_src_gen.pdbx_host_org_strain               ? 
_entity_src_gen.pdbx_host_org_variant              ? 
_entity_src_gen.pdbx_host_org_cell_line            ? 
_entity_src_gen.pdbx_host_org_atcc                 ? 
_entity_src_gen.pdbx_host_org_culture_collection   ? 
_entity_src_gen.pdbx_host_org_cell                 ? 
_entity_src_gen.pdbx_host_org_organelle            ? 
_entity_src_gen.pdbx_host_org_cellular_location    ? 
_entity_src_gen.pdbx_host_org_vector_type          ? 
_entity_src_gen.pdbx_host_org_vector               ? 
_entity_src_gen.host_org_details                   ? 
_entity_src_gen.expression_system_id               ? 
_entity_src_gen.plasmid_name                       ? 
_entity_src_gen.plasmid_details                    ? 
_entity_src_gen.pdbx_description                   ? 
# 
loop_
_chem_comp.id 
_chem_comp.type 
_chem_comp.mon_nstd_flag 
_chem_comp.name 
_chem_comp.pdbx_synonyms 
_chem_comp.formula 
_chem_comp.formula_weight 
ALA 'L-peptide linking' y ALANINE                                            ?                                            
'C3 H7 N O2'        89.093  
ARG 'L-peptide linking' y ARGININE                                           ?                                            
'C6 H15 N4 O2 1'    175.209 
ASN 'L-peptide linking' y ASPARAGINE                                         ?                                            
'C4 H8 N2 O3'       132.118 
ASP 'L-peptide linking' y 'ASPARTIC ACID'                                    ?                                            
'C4 H7 N O4'        133.103 
GLN 'L-peptide linking' y GLUTAMINE                                          ?                                            
'C5 H10 N2 O3'      146.144 
GLU 'L-peptide linking' y 'GLUTAMIC ACID'                                    ?                                            
'C5 H9 N O4'        147.129 
GLY 'peptide linking'   y GLYCINE                                            ?                                            
'C2 H5 N O2'        75.067  
HIS 'L-peptide linking' y HISTIDINE                                          ?                                            
'C6 H10 N3 O2 1'    156.162 
HOH non-polymer         . WATER                                              ?                                            'H2 O' 
18.015  
ILE 'L-peptide linking' y ISOLEUCINE                                         ?                                            
'C6 H13 N O2'       131.173 
LEU 'L-peptide linking' y LEUCINE                                            ?                                            
'C6 H13 N O2'       131.173 
LYS 'L-peptide linking' y LYSINE                                             ?                                            
'C6 H15 N2 O2 1'    147.195 
MET 'L-peptide linking' y METHIONINE                                         ?                                            
'C5 H11 N O2 S'     149.211 
NAP non-polymer         . 'NADP NICOTINAMIDE-ADENINE-DINUCLEOTIDE PHOSPHATE' 
;2'-MONOPHOSPHOADENOSINE 5'-DIPHOSPHORIBOSE
;
'C21 H28 N7 O17 P3' 743.405 
PHE 'L-peptide linking' y PHENYLALANINE                                      ?                                            
'C9 H11 N O2'       165.189 
PRO 'L-peptide linking' y PROLINE                                            ?                                            
'C5 H9 N O2'        115.130 
SER 'L-peptide linking' y SERINE                                             ?                                            
'C3 H7 N O3'        105.093 
THR 'L-peptide linking' y THREONINE                                          ?                                            
'C4 H9 N O3'        119.119 
TOP non-polymer         . TRIMETHOPRIM                                       ?                                            
'C14 H18 N4 O3'     290.318 
TRP 'L-peptide linking' y TRYPTOPHAN                                         ?                                            
'C11 H12 N2 O2'     204.225 
TYR 'L-peptide linking' y TYROSINE                                           ?                                            
'C9 H11 N O3'       181.189 
VAL 'L-peptide linking' y VALINE                                             ?                                            
'C5 H11 N O2'       117.146 
# 
loop_
_pdbx_poly_seq_scheme.asym_id 
_pdbx_poly_seq_scheme.entity_id 
_pdbx_poly_seq_scheme.seq_id 
_pdbx_poly_seq_scheme.mon_id 
_pdbx_poly_seq_scheme.ndb_seq_num 
_pdbx_poly_seq_scheme.pdb_seq_num 
_pdbx_poly_seq_scheme.auth_seq_num 
_pdbx_poly_seq_scheme.pdb_mon_id 
_pdbx_poly_seq_scheme.auth_mon_id 
_pdbx_poly_seq_scheme.pdb_strand_id 
_pdbx_poly_seq_scheme.pdb_ins_code 
_pdbx_poly_seq_scheme.hetero 
A 1 1   THR 1   1   1   THR THR X . n 
A 1 2   LEU 2   2   2   LEU LEU X . n 
A 1 3   SER 3   3   3   SER SER X . n 
A 1 4   ILE 4   4   4   ILE ILE X . n 
A 1 5   LEU 5   5   5   LEU LEU X . n 
A 1 6   VAL 6   6   6   VAL VAL X . n 
A 1 7   ALA 7   7   7   ALA ALA X . n 
A 1 8   HIS 8   8   8   HIS HIS X . n 
A 1 9   ASP 9   9   9   ASP ASP X . n 
A 1 10  LEU 10  10  10  LEU LEU X . n 
A 1 11  GLN 11  11  11  GLN GLN X . n 
A 1 12  ARG 12  12  12  ARG ARG X . n 
A 1 13  VAL 13  13  13  VAL VAL X . n 
A 1 14  ILE 14  14  14  ILE ILE X . n 
A 1 15  GLY 15  15  15  GLY GLY X . n 
A 1 16  PHE 16  16  16  PHE PHE X . n 
A 1 17  GLU 17  17  17  GLU GLU X . n 
A 1 18  ASN 18  18  18  ASN ASN X . n 
A 1 19  GLN 19  19  19  GLN GLN X . n 
A 1 20  LEU 20  20  20  LEU LEU X . n 
A 1 21  PRO 21  21  21  PRO PRO X . n 
A 1 22  TRP 22  22  22  TRP TRP X . n 
A 1 23  HIS 23  23  23  HIS HIS X . n 
A 1 24  LEU 24  24  24  LEU LEU X . n 
A 1 25  PRO 25  25  25  PRO PRO X . n 
A 1 26  ASN 26  26  26  ASN ASN X . n 
A 1 27  ASP 27  27  27  ASP ASP X . n 
A 1 28  LEU 28  28  28  LEU LEU X . n 
A 1 29  LYS 29  29  29  LYS LYS X . n 
A 1 30  HIS 30  30  30  HIS HIS X . n 
A 1 31  VAL 31  31  31  VAL VAL X . n 
A 1 32  LYS 32  32  32  LYS LYS X . n 
A 1 33  LYS 33  33  33  LYS LYS X . n 
A 1 34  LEU 34  34  34  LEU LEU X . n 
A 1 35  SER 35  35  35  SER SER X . n 
A 1 36  THR 36  36  36  THR THR X . n 
A 1 37  GLY 37  37  37  GLY GLY X . n 
A 1 38  HIS 38  38  38  HIS HIS X . n 
A 1 39  THR 39  39  39  THR THR X . n 
A 1 40  LEU 40  40  40  LEU LEU X . n 
A 1 41  VAL 41  41  41  VAL VAL X . n 
A 1 42  MET 42  42  42  MET MET X . n 
A 1 43  GLY 43  43  43  GLY GLY X . n 
A 1 44  ARG 44  44  44  ARG ARG X . n 
A 1 45  LYS 45  45  45  LYS LYS X . n 
A 1 46  THR 46  46  46  THR THR X . n 
A 1 47  PHE 47  47  47  PHE PHE X . n 
A 1 48  GLU 48  48  48  GLU GLU X . n 
A 1 49  SER 49  49  49  SER SER X . n 
A 1 50  ILE 50  50  50  ILE ILE X . n 
A 1 51  GLY 51  51  51  GLY GLY X . n 
A 1 52  LYS 52  52  52  LYS LYS X . n 
A 1 53  PRO 53  53  53  PRO PRO X . n 
A 1 54  LEU 54  54  54  LEU LEU X . n 
A 1 55  PRO 55  55  55  PRO PRO X . n 
A 1 56  ASN 56  56  56  ASN ASN X . n 
A 1 57  ARG 57  57  57  ARG ARG X . n 
A 1 58  ARG 58  58  58  ARG ARG X . n 
A 1 59  ASN 59  59  59  ASN ASN X . n 
A 1 60  VAL 60  60  60  VAL VAL X . n 
A 1 61  VAL 61  61  61  VAL VAL X . n 
A 1 62  LEU 62  62  62  LEU LEU X . n 
A 1 63  THR 63  63  63  THR THR X . n 
A 1 64  SER 64  64  64  SER SER X . n 
A 1 65  ASP 65  65  65  ASP ASP X . n 
A 1 66  THR 66  66  66  THR THR X . n 
A 1 67  SER 67  67  67  SER SER X . n 
A 1 68  PHE 68  68  68  PHE PHE X . n 
A 1 69  ASN 69  69  69  ASN ASN X . n 
A 1 70  VAL 70  70  70  VAL VAL X . n 
A 1 71  GLU 71  71  71  GLU GLU X . n 
A 1 72  GLY 72  72  72  GLY GLY X . n 
A 1 73  VAL 73  73  73  VAL VAL X . n 
A 1 74  ASP 74  74  74  ASP ASP X . n 
A 1 75  VAL 75  75  75  VAL VAL X . n 
A 1 76  ILE 76  76  76  ILE ILE X . n 
A 1 77  HIS 77  77  77  HIS HIS X . n 
A 1 78  SER 78  78  78  SER SER X . n 
A 1 79  ILE 79  79  79  ILE ILE X . n 
A 1 80  GLU 80  80  80  GLU GLU X . n 
A 1 81  ASP 81  81  81  ASP ASP X . n 
A 1 82  ILE 82  82  82  ILE ILE X . n 
A 1 83  TYR 83  83  83  TYR TYR X . n 
A 1 84  GLN 84  84  84  GLN GLN X . n 
A 1 85  LEU 85  85  85  LEU LEU X . n 
A 1 86  PRO 86  86  86  PRO PRO X . n 
A 1 87  GLY 87  87  87  GLY GLY X . n 
A 1 88  HIS 88  88  88  HIS HIS X . n 
A 1 89  VAL 89  89  89  VAL VAL X . n 
A 1 90  PHE 90  90  90  PHE PHE X . n 
A 1 91  ILE 91  91  91  ILE ILE X . n 
A 1 92  PHE 92  92  92  PHE PHE X . n 
A 1 93  GLY 93  93  93  GLY GLY X . n 
A 1 94  GLY 94  94  94  GLY GLY X . n 
A 1 95  GLN 95  95  95  GLN GLN X . n 
A 1 96  THR 96  96  96  THR THR X . n 
A 1 97  LEU 97  97  97  LEU LEU X . n 
A 1 98  TYR 98  98  98  TYR TYR X . n 
A 1 99  GLU 99  99  99  GLU GLU X . n 
A 1 100 GLU 100 100 100 GLU GLU X . n 
A 1 101 MET 101 101 101 MET MET X . n 
A 1 102 ILE 102 102 102 ILE ILE X . n 
A 1 103 ASP 103 103 103 ASP ASP X . n 
A 1 104 LYS 104 104 104 LYS LYS X . n 
A 1 105 VAL 105 105 105 VAL VAL X . n 
A 1 106 ASP 106 106 106 ASP ASP X . n 
A 1 107 ASP 107 107 107 ASP ASP X . n 
A 1 108 MET 108 108 108 MET MET X . n 
A 1 109 TYR 109 109 109 TYR TYR X . n 
A 1 110 ILE 110 110 110 ILE ILE X . n 
A 1 111 THR 111 111 111 THR THR X . n 
A 1 112 VAL 112 112 112 VAL VAL X . n 
A 1 113 ILE 113 113 113 ILE ILE X . n 
A 1 114 GLU 114 114 114 GLU GLU X . n 
A 1 115 GLY 115 115 115 GLY GLY X . n 
A 1 116 LYS 116 116 116 LYS LYS X . n 
A 1 117 PHE 117 117 117 PHE PHE X . n 
A 1 118 ARG 118 118 118 ARG ARG X . n 
A 1 119 GLY 119 119 119 GLY GLY X . n 
A 1 120 ASP 120 120 120 ASP ASP X . n 
A 1 121 THR 121 121 121 THR THR X . n 
A 1 122 PHE 122 122 122 PHE PHE X . n 
A 1 123 PHE 123 123 123 PHE PHE X . n 
A 1 124 PRO 124 124 124 PRO PRO X . n 
A 1 125 PRO 125 125 125 PRO PRO X . n 
A 1 126 TYR 126 126 126 TYR TYR X . n 
A 1 127 THR 127 127 127 THR THR X . n 
A 1 128 PHE 128 128 128 PHE PHE X . n 
A 1 129 GLU 129 129 129 GLU GLU X . n 
A 1 130 ASP 130 130 130 ASP ASP X . n 
A 1 131 TRP 131 131 131 TRP TRP X . n 
A 1 132 GLU 132 132 132 GLU GLU X . n 
A 1 133 VAL 133 133 133 VAL VAL X . n 
A 1 134 ALA 134 134 134 ALA ALA X . n 
A 1 135 SER 135 135 135 SER SER X . n 
A 1 136 SER 136 136 136 SER SER X . n 
A 1 137 VAL 137 137 137 VAL VAL X . n 
A 1 138 GLU 138 138 138 GLU GLU X . n 
A 1 139 GLY 139 139 139 GLY GLY X . n 
A 1 140 LYS 140 140 140 LYS LYS X . n 
A 1 141 LEU 141 141 141 LEU LEU X . n 
A 1 142 ASP 142 142 142 ASP ASP X . n 
A 1 143 GLU 143 143 143 GLU GLU X . n 
A 1 144 LYS 144 144 144 LYS LYS X . n 
A 1 145 ASN 145 145 145 ASN ASN X . n 
A 1 146 THR 146 146 146 THR THR X . n 
A 1 147 ILE 147 147 147 ILE ILE X . n 
A 1 148 PRO 148 148 148 PRO PRO X . n 
A 1 149 HIS 149 149 149 HIS HIS X . n 
A 1 150 THR 150 150 150 THR THR X . n 
A 1 151 PHE 151 151 151 PHE PHE X . n 
A 1 152 LEU 152 152 152 LEU LEU X . n 
A 1 153 HIS 153 153 153 HIS HIS X . n 
A 1 154 LEU 154 154 154 LEU LEU X . n 
A 1 155 ILE 155 155 155 ILE ILE X . n 
A 1 156 ARG 156 156 156 ARG ARG X . n 
A 1 157 LYS 157 157 157 LYS LYS X . n 
A 1 158 LYS 158 158 ?   ?   ?   X . n 
# 
loop_
_pdbx_nonpoly_scheme.asym_id 
_pdbx_nonpoly_scheme.entity_id 
_pdbx_nonpoly_scheme.mon_id 
_pdbx_nonpoly_scheme.ndb_seq_num 
_pdbx_nonpoly_scheme.pdb_seq_num 
_pdbx_nonpoly_scheme.auth_seq_num 
_pdbx_nonpoly_scheme.pdb_mon_id 
_pdbx_nonpoly_scheme.auth_mon_id 
_pdbx_nonpoly_scheme.pdb_strand_id 
_pdbx_nonpoly_scheme.pdb_ins_code 
B 2 NAP 1   301 301 NAP NAD X . 
C 3 TOP 1   300 300 TOP TMP X . 
D 4 HOH 1   159 1   HOH HOH X . 
D 4 HOH 2   160 2   HOH HOH X . 
D 4 HOH 3   161 3   HOH HOH X . 
D 4 HOH 4   162 4   HOH HOH X . 
D 4 HOH 5   163 5   HOH HOH X . 
D 4 HOH 6   164 6   HOH HOH X . 
D 4 HOH 7   165 7   HOH HOH X . 
D 4 HOH 8   166 8   HOH HOH X . 
D 4 HOH 9   167 9   HOH HOH X . 
D 4 HOH 10  168 10  HOH HOH X . 
D 4 HOH 11  169 11  HOH HOH X . 
D 4 HOH 12  170 12  HOH HOH X . 
D 4 HOH 13  171 13  HOH HOH X . 
D 4 HOH 14  172 14  HOH HOH X . 
D 4 HOH 15  173 15  HOH HOH X . 
D 4 HOH 16  174 16  HOH HOH X . 
D 4 HOH 17  175 17  HOH HOH X . 
D 4 HOH 18  176 19  HOH HOH X . 
D 4 HOH 19  177 20  HOH HOH X . 
D 4 HOH 20  178 21  HOH HOH X . 
D 4 HOH 21  179 22  HOH HOH X . 
D 4 HOH 22  180 23  HOH HOH X . 
D 4 HOH 23  181 24  HOH HOH X . 
D 4 HOH 24  182 25  HOH HOH X . 
D 4 HOH 25  183 26  HOH HOH X . 
D 4 HOH 26  184 27  HOH HOH X . 
D 4 HOH 27  185 28  HOH HOH X . 
D 4 HOH 28  186 29  HOH HOH X . 
D 4 HOH 29  187 30  HOH HOH X . 
D 4 HOH 30  188 31  HOH HOH X . 
D 4 HOH 31  189 32  HOH HOH X . 
D 4 HOH 32  190 33  HOH HOH X . 
D 4 HOH 33  191 34  HOH HOH X . 
D 4 HOH 34  192 35  HOH HOH X . 
D 4 HOH 35  193 36  HOH HOH X . 
D 4 HOH 36  194 37  HOH HOH X . 
D 4 HOH 37  195 38  HOH HOH X . 
D 4 HOH 38  196 39  HOH HOH X . 
D 4 HOH 39  197 40  HOH HOH X . 
D 4 HOH 40  198 41  HOH HOH X . 
D 4 HOH 41  199 42  HOH HOH X . 
D 4 HOH 42  200 43  HOH HOH X . 
D 4 HOH 43  201 44  HOH HOH X . 
D 4 HOH 44  202 45  HOH HOH X . 
D 4 HOH 45  203 46  HOH HOH X . 
D 4 HOH 46  204 47  HOH HOH X . 
D 4 HOH 47  205 48  HOH HOH X . 
D 4 HOH 48  206 49  HOH HOH X . 
D 4 HOH 49  207 50  HOH HOH X . 
D 4 HOH 50  208 51  HOH HOH X . 
D 4 HOH 51  209 52  HOH HOH X . 
D 4 HOH 52  210 53  HOH HOH X . 
D 4 HOH 53  211 54  HOH HOH X . 
D 4 HOH 54  212 55  HOH HOH X . 
D 4 HOH 55  213 56  HOH HOH X . 
D 4 HOH 56  214 57  HOH HOH X . 
D 4 HOH 57  215 58  HOH HOH X . 
D 4 HOH 58  216 59  HOH HOH X . 
D 4 HOH 59  217 60  HOH HOH X . 
D 4 HOH 60  218 61  HOH HOH X . 
D 4 HOH 61  219 62  HOH HOH X . 
D 4 HOH 62  220 63  HOH HOH X . 
D 4 HOH 63  221 64  HOH HOH X . 
D 4 HOH 64  222 65  HOH HOH X . 
D 4 HOH 65  223 66  HOH HOH X . 
D 4 HOH 66  224 67  HOH HOH X . 
D 4 HOH 67  225 68  HOH HOH X . 
D 4 HOH 68  226 69  HOH HOH X . 
D 4 HOH 69  227 70  HOH HOH X . 
D 4 HOH 70  228 71  HOH HOH X . 
D 4 HOH 71  229 72  HOH HOH X . 
D 4 HOH 72  230 73  HOH HOH X . 
D 4 HOH 73  231 74  HOH HOH X . 
D 4 HOH 74  232 75  HOH HOH X . 
D 4 HOH 75  233 76  HOH HOH X . 
D 4 HOH 76  234 77  HOH HOH X . 
D 4 HOH 77  235 79  HOH HOH X . 
D 4 HOH 78  236 80  HOH HOH X . 
D 4 HOH 79  237 81  HOH HOH X . 
D 4 HOH 80  238 82  HOH HOH X . 
D 4 HOH 81  239 83  HOH HOH X . 
D 4 HOH 82  240 84  HOH HOH X . 
D 4 HOH 83  241 85  HOH HOH X . 
D 4 HOH 84  242 86  HOH HOH X . 
D 4 HOH 85  243 87  HOH HOH X . 
D 4 HOH 86  244 88  HOH HOH X . 
D 4 HOH 87  245 89  HOH HOH X . 
D 4 HOH 88  246 90  HOH HOH X . 
D 4 HOH 89  247 91  HOH HOH X . 
D 4 HOH 90  248 93  HOH HOH X . 
D 4 HOH 91  249 94  HOH HOH X . 
D 4 HOH 92  250 95  HOH HOH X . 
D 4 HOH 93  251 96  HOH HOH X . 
D 4 HOH 94  252 97  HOH HOH X . 
D 4 HOH 95  253 98  HOH HOH X . 
D 4 HOH 96  254 99  HOH HOH X . 
D 4 HOH 97  255 100 HOH HOH X . 
D 4 HOH 98  256 101 HOH HOH X . 
D 4 HOH 99  257 102 HOH HOH X . 
D 4 HOH 100 258 103 HOH HOH X . 
D 4 HOH 101 259 104 HOH HOH X . 
D 4 HOH 102 260 105 HOH HOH X . 
D 4 HOH 103 261 106 HOH HOH X . 
D 4 HOH 104 262 107 HOH HOH X . 
D 4 HOH 105 263 108 HOH HOH X . 
D 4 HOH 106 264 109 HOH HOH X . 
D 4 HOH 107 265 110 HOH HOH X . 
D 4 HOH 108 266 111 HOH HOH X . 
D 4 HOH 109 267 112 HOH HOH X . 
D 4 HOH 110 268 113 HOH HOH X . 
D 4 HOH 111 269 114 HOH HOH X . 
D 4 HOH 112 270 115 HOH HOH X . 
D 4 HOH 113 271 116 HOH HOH X . 
D 4 HOH 114 272 117 HOH HOH X . 
D 4 HOH 115 273 118 HOH HOH X . 
D 4 HOH 116 274 119 HOH HOH X . 
D 4 HOH 117 275 120 HOH HOH X . 
D 4 HOH 118 276 121 HOH HOH X . 
D 4 HOH 119 277 122 HOH HOH X . 
D 4 HOH 120 278 123 HOH HOH X . 
D 4 HOH 121 279 124 HOH HOH X . 
# 
loop_
_software.name 
_software.classification 
_software.version 
_software.citation_id 
_software.pdbx_ordinal 
DENZO     'data reduction' .   ? 1 
AMoRE     phasing          .   ? 2 
REFMAC    refinement       5.0 ? 3 
SCALEPACK 'data scaling'   .   ? 4 
# 
_cell.entry_id           3FRB 
_cell.length_a           79.173 
_cell.length_b           79.173 
_cell.length_c           108.242 
_cell.angle_alpha        90.00 
_cell.angle_beta         90.00 
_cell.angle_gamma        120.00 
_cell.Z_PDB              12 
_cell.pdbx_unique_axis   ? 
_cell.length_a_esd       ? 
_cell.length_b_esd       ? 
_cell.length_c_esd       ? 
_cell.angle_alpha_esd    ? 
_cell.angle_beta_esd     ? 
_cell.angle_gamma_esd    ? 
# 
_symmetry.entry_id                         3FRB 
_symmetry.space_group_name_H-M             'P 61 2 2' 
_symmetry.pdbx_full_space_group_name_H-M   ? 
_symmetry.cell_setting                     ? 
_symmetry.Int_Tables_number                178 
_symmetry.space_group_name_Hall            ? 
# 
_exptl.entry_id          3FRB 
_exptl.method            'X-RAY DIFFRACTION' 
_exptl.crystals_number   ? 
# 
_exptl_crystal.id                    1 
_exptl_crystal.density_meas          ? 
_exptl_crystal.density_Matthews      2.70 
_exptl_crystal.density_percent_sol   54.38 
_exptl_crystal.description           ? 
_exptl_crystal.F_000                 ? 
_exptl_crystal.preparation           ? 
# 
_exptl_crystal_grow.crystal_id      1 
_exptl_crystal_grow.method          ? 
_exptl_crystal_grow.temp            ? 
_exptl_crystal_grow.temp_details    ? 
_exptl_crystal_grow.pH              5.5 
_exptl_crystal_grow.pdbx_details    '25% PEG 3350, 200mM NaCl, 100mM bis-Tris, pH5.5' 
_exptl_crystal_grow.pdbx_pH_range   ? 
# 
_diffrn.id                     1 
_diffrn.ambient_temp           100 
_diffrn.ambient_temp_details   ? 
_diffrn.crystal_id             1 
# 
_diffrn_detector.diffrn_id              1 
_diffrn_detector.detector               'IMAGE PLATE' 
_diffrn_detector.type                   'MAR scanner 345 mm plate' 
_diffrn_detector.pdbx_collection_date   ? 
_diffrn_detector.details                ? 
# 
_diffrn_radiation.diffrn_id                        1 
_diffrn_radiation.wavelength_id                    1 
_diffrn_radiation.pdbx_monochromatic_or_laue_m_l   M 
_diffrn_radiation.monochromator                    ? 
_diffrn_radiation.pdbx_diffrn_protocol             'SINGLE WAVELENGTH' 
_diffrn_radiation.pdbx_scattering_type             x-ray 
# 
_diffrn_radiation_wavelength.id           1 
_diffrn_radiation_wavelength.wavelength   . 
_diffrn_radiation_wavelength.wt           1.0 
# 
_diffrn_source.diffrn_id                   1 
_diffrn_source.source                      'ROTATING ANODE' 
_diffrn_source.type                        'ENRAF-NONIUS FR591' 
_diffrn_source.pdbx_synchrotron_site       ? 
_diffrn_source.pdbx_synchrotron_beamline   ? 
_diffrn_source.pdbx_wavelength             ? 
_diffrn_source.pdbx_wavelength_list        ? 
# 
_reflns.entry_id                     3FRB 
_reflns.observed_criterion_sigma_I   1.0 
_reflns.observed_criterion_sigma_F   1.0 
_reflns.d_resolution_low             20.0 
_reflns.d_resolution_high            2.0 
_reflns.number_obs                   14138 
_reflns.number_all                   14138 
_reflns.percent_possible_obs         97.7 
_reflns.pdbx_Rmerge_I_obs            ? 
_reflns.pdbx_Rsym_value              ? 
_reflns.pdbx_netI_over_sigmaI        ? 
_reflns.B_iso_Wilson_estimate        ? 
_reflns.pdbx_redundancy              ? 
_reflns.R_free_details               ? 
_reflns.limit_h_max                  ? 
_reflns.limit_h_min                  ? 
_reflns.limit_k_max                  ? 
_reflns.limit_k_min                  ? 
_reflns.limit_l_max                  ? 
_reflns.limit_l_min                  ? 
_reflns.observed_criterion_F_max     ? 
_reflns.observed_criterion_F_min     ? 
_reflns.pdbx_chi_squared             ? 
_reflns.pdbx_scaling_rejects         ? 
_reflns.pdbx_diffrn_id               1 
_reflns.pdbx_ordinal                 1 
# 
_reflns_shell.d_res_high             2.0 
_reflns_shell.d_res_low              2.13 
_reflns_shell.percent_possible_all   94.6 
_reflns_shell.Rmerge_I_obs           ? 
_reflns_shell.pdbx_Rsym_value        ? 
_reflns_shell.meanI_over_sigI_obs    ? 
_reflns_shell.pdbx_redundancy        ? 
_reflns_shell.percent_possible_obs   ? 
_reflns_shell.number_unique_all      ? 
_reflns_shell.number_measured_all    ? 
_reflns_shell.number_measured_obs    ? 
_reflns_shell.number_unique_obs      ? 
_reflns_shell.pdbx_chi_squared       ? 
_reflns_shell.pdbx_diffrn_id         ? 
_reflns_shell.pdbx_ordinal           1 
# 
_refine.entry_id                                 3FRB 
_refine.ls_number_reflns_obs                     13136 
_refine.ls_number_reflns_all                     ? 
_refine.pdbx_ls_sigma_I                          ? 
_refine.pdbx_ls_sigma_F                          ? 
_refine.pdbx_data_cutoff_high_absF               ? 
_refine.pdbx_data_cutoff_low_absF                ? 
_refine.pdbx_data_cutoff_high_rms_absF           ? 
_refine.ls_d_res_low                             20.00 
_refine.ls_d_res_high                            2.00 
_refine.ls_percent_reflns_obs                    97.99 
_refine.ls_R_factor_obs                          0.23809 
_refine.ls_R_factor_all                          ? 
_refine.ls_R_factor_R_work                       0.23499 
_refine.ls_R_factor_R_free                       0.29440 
_refine.ls_R_factor_R_free_error                 ? 
_refine.ls_R_factor_R_free_error_details         ? 
_refine.ls_percent_reflns_R_free                 5.0 
_refine.ls_number_reflns_R_free                  695 
_refine.ls_number_parameters                     ? 
_refine.ls_number_restraints                     ? 
_refine.occupancy_min                            ? 
_refine.occupancy_max                            ? 
_refine.correlation_coeff_Fo_to_Fc               0.917 
_refine.correlation_coeff_Fo_to_Fc_free          0.873 
_refine.B_iso_mean                               17.514 
_refine.aniso_B[1][1]                            0.11 
_refine.aniso_B[2][2]                            0.11 
_refine.aniso_B[3][3]                            -0.17 
_refine.aniso_B[1][2]                            0.06 
_refine.aniso_B[1][3]                            0.00 
_refine.aniso_B[2][3]                            0.00 
_refine.solvent_model_details                    'BABINET MODEL WITH MASK' 
_refine.solvent_model_param_ksol                 ? 
_refine.solvent_model_param_bsol                 ? 
_refine.pdbx_solvent_vdw_probe_radii             1.40 
_refine.pdbx_solvent_ion_probe_radii             0.80 
_refine.pdbx_solvent_shrinkage_radii             0.80 
_refine.pdbx_ls_cross_valid_method               THROUGHOUT 
_refine.details                                  'HYDROGENS HAVE BEEN ADDED IN THE RIDING POSITIONS' 
_refine.pdbx_starting_model                      ? 
_refine.pdbx_method_to_determine_struct          'MOLECULAR REPLACEMENT' 
_refine.pdbx_isotropic_thermal_model             ? 
_refine.pdbx_stereochemistry_target_values       'MAXIMUM LIKELIHOOD' 
_refine.pdbx_stereochem_target_val_spec_case     ? 
_refine.pdbx_R_Free_selection_details            RANDOM 
_refine.pdbx_overall_ESU_R                       0.216 
_refine.pdbx_overall_ESU_R_Free                  0.201 
_refine.overall_SU_ML                            0.193 
_refine.overall_SU_B                             6.795 
_refine.ls_redundancy_reflns_obs                 ? 
_refine.B_iso_min                                ? 
_refine.B_iso_max                                ? 
_refine.overall_SU_R_Cruickshank_DPI             ? 
_refine.overall_SU_R_free                        ? 
_refine.ls_wR_factor_R_free                      ? 
_refine.ls_wR_factor_R_work                      ? 
_refine.overall_FOM_free_R_set                   ? 
_refine.overall_FOM_work_R_set                   ? 
_refine.pdbx_refine_id                           'X-RAY DIFFRACTION' 
_refine.pdbx_overall_phase_error                 ? 
_refine.pdbx_diffrn_id                           1 
_refine.pdbx_TLS_residual_ADP_flag               ? 
_refine.pdbx_overall_SU_R_free_Cruickshank_DPI   ? 
_refine.pdbx_overall_SU_R_Blow_DPI               ? 
_refine.pdbx_overall_SU_R_free_Blow_DPI          ? 
# 
_refine_hist.pdbx_refine_id                   'X-RAY DIFFRACTION' 
_refine_hist.cycle_id                         LAST 
_refine_hist.pdbx_number_atoms_protein        1273 
_refine_hist.pdbx_number_atoms_nucleic_acid   0 
_refine_hist.pdbx_number_atoms_ligand         69 
_refine_hist.number_atoms_solvent             121 
_refine_hist.number_atoms_total               1463 
_refine_hist.d_res_high                       2.00 
_refine_hist.d_res_low                        20.00 
# 
loop_
_refine_ls_restr.type 
_refine_ls_restr.dev_ideal 
_refine_ls_restr.dev_ideal_target 
_refine_ls_restr.weight 
_refine_ls_restr.number 
_refine_ls_restr.pdbx_refine_id 
_refine_ls_restr.pdbx_restraint_function 
r_bond_refined_d             0.008  0.021  ? 1380 'X-RAY DIFFRACTION' ? 
r_bond_other_d               0.002  0.020  ? 1213 'X-RAY DIFFRACTION' ? 
r_angle_refined_deg          1.141  2.004  ? 1882 'X-RAY DIFFRACTION' ? 
r_angle_other_deg            1.867  3.000  ? 2830 'X-RAY DIFFRACTION' ? 
r_dihedral_angle_1_deg       9.244  3.000  ? 156  'X-RAY DIFFRACTION' ? 
r_dihedral_angle_2_deg       ?      ?      ? ?    'X-RAY DIFFRACTION' ? 
r_dihedral_angle_3_deg       19.814 15.000 ? 232  'X-RAY DIFFRACTION' ? 
r_dihedral_angle_4_deg       ?      ?      ? ?    'X-RAY DIFFRACTION' ? 
r_chiral_restr               0.057  0.200  ? 211  'X-RAY DIFFRACTION' ? 
r_gen_planes_refined         0.003  0.020  ? 1464 'X-RAY DIFFRACTION' ? 
r_gen_planes_other           0.002  0.020  ? 271  'X-RAY DIFFRACTION' ? 
r_nbd_refined                0.339  0.300  ? 314  'X-RAY DIFFRACTION' ? 
r_nbd_other                  0.260  0.300  ? 1280 'X-RAY DIFFRACTION' ? 
r_nbtor_refined              ?      ?      ? ?    'X-RAY DIFFRACTION' ? 
r_nbtor_other                ?      ?      ? ?    'X-RAY DIFFRACTION' ? 
r_xyhbond_nbd_refined        0.343  0.500  ? 121  'X-RAY DIFFRACTION' ? 
r_xyhbond_nbd_other          0.238  0.500  ? 2    'X-RAY DIFFRACTION' ? 
r_metal_ion_refined          ?      ?      ? ?    'X-RAY DIFFRACTION' ? 
r_metal_ion_other            ?      ?      ? ?    'X-RAY DIFFRACTION' ? 
r_symmetry_vdw_refined       0.468  0.300  ? 19   'X-RAY DIFFRACTION' ? 
r_symmetry_vdw_other         0.525  0.300  ? 35   'X-RAY DIFFRACTION' ? 
r_symmetry_hbond_refined     0.722  0.500  ? 14   'X-RAY DIFFRACTION' ? 
r_symmetry_hbond_other       0.642  0.500  ? 1    'X-RAY DIFFRACTION' ? 
r_symmetry_metal_ion_refined ?      ?      ? ?    'X-RAY DIFFRACTION' ? 
r_symmetry_metal_ion_other   ?      ?      ? ?    'X-RAY DIFFRACTION' ? 
r_mcbond_it                  0.868  2.000  ? 781  'X-RAY DIFFRACTION' ? 
r_mcbond_other               ?      ?      ? ?    'X-RAY DIFFRACTION' ? 
r_mcangle_it                 1.473  3.000  ? 1280 'X-RAY DIFFRACTION' ? 
r_scbond_it                  0.793  2.000  ? 599  'X-RAY DIFFRACTION' ? 
r_scangle_it                 1.282  3.000  ? 602  'X-RAY DIFFRACTION' ? 
r_rigid_bond_restr           ?      ?      ? ?    'X-RAY DIFFRACTION' ? 
r_sphericity_free            ?      ?      ? ?    'X-RAY DIFFRACTION' ? 
r_sphericity_bonded          ?      ?      ? ?    'X-RAY DIFFRACTION' ? 
# 
_refine_ls_shell.pdbx_total_number_of_bins_used   10 
_refine_ls_shell.d_res_high                       2.000 
_refine_ls_shell.d_res_low                        2.107 
_refine_ls_shell.number_reflns_R_work             1792 
_refine_ls_shell.R_factor_R_work                  0.264 
_refine_ls_shell.percent_reflns_obs               ? 
_refine_ls_shell.R_factor_R_free                  0.287 
_refine_ls_shell.R_factor_R_free_error            ? 
_refine_ls_shell.percent_reflns_R_free            ? 
_refine_ls_shell.number_reflns_R_free             99 
_refine_ls_shell.number_reflns_all                ? 
_refine_ls_shell.R_factor_all                     ? 
_refine_ls_shell.number_reflns_obs                ? 
_refine_ls_shell.redundancy_reflns_obs            ? 
_refine_ls_shell.pdbx_refine_id                   'X-RAY DIFFRACTION' 
# 
_struct.entry_id                  3FRB 
_struct.title                     'S. aureus F98Y DHFR complexed with TMP' 
_struct.pdbx_model_details        ? 
_struct.pdbx_CASP_flag            ? 
_struct.pdbx_model_type_details   ? 
# 
_struct_keywords.entry_id        3FRB 
_struct_keywords.pdbx_keywords   OXIDOREDUCTASE 
_struct_keywords.text            'S. aureus DHFR, OXIDOREDUCTASE, NADP, One-carbon metabolism' 
# 
loop_
_struct_asym.id 
_struct_asym.pdbx_blank_PDB_chainid_flag 
_struct_asym.pdbx_modified 
_struct_asym.entity_id 
_struct_asym.details 
A N N 1 ? 
B N N 2 ? 
C N N 3 ? 
D N N 4 ? 
# 
_struct_ref.id                         1 
_struct_ref.db_name                    UNP 
_struct_ref.db_code                    DYR_STAAU 
_struct_ref.pdbx_db_accession          P0A017 
_struct_ref.entity_id                  1 
_struct_ref.pdbx_seq_one_letter_code   
;TLSILVAHDLQRVIGFENQLPWHLPNDLKHVKKLSTGHTLVMGRKTFESIGKPLPNRRNVVLTSDTSFNVEGVDVIHSIE
DIYQLPGHVFIFGGQTLFEEMIDKVDDMYITVIEGKFRGDTFFPPYTFEDWEVASSVEGKLDEKNTIPHTFLHLIRKK
;
_struct_ref.pdbx_align_begin           2 
_struct_ref.pdbx_db_isoform            ? 
# 
_struct_ref_seq.align_id                      1 
_struct_ref_seq.ref_id                        1 
_struct_ref_seq.pdbx_PDB_id_code              3FRB 
_struct_ref_seq.pdbx_strand_id                X 
_struct_ref_seq.seq_align_beg                 1 
_struct_ref_seq.pdbx_seq_align_beg_ins_code   ? 
_struct_ref_seq.seq_align_end                 158 
_struct_ref_seq.pdbx_seq_align_end_ins_code   ? 
_struct_ref_seq.pdbx_db_accession             P0A017 
_struct_ref_seq.db_align_beg                  2 
_struct_ref_seq.pdbx_db_align_beg_ins_code    ? 
_struct_ref_seq.db_align_end                  159 
_struct_ref_seq.pdbx_db_align_end_ins_code    ? 
_struct_ref_seq.pdbx_auth_seq_align_beg       1 
_struct_ref_seq.pdbx_auth_seq_align_end       158 
# 
_struct_ref_seq_dif.align_id                     1 
_struct_ref_seq_dif.pdbx_pdb_id_code             3FRB 
_struct_ref_seq_dif.mon_id                       TYR 
_struct_ref_seq_dif.pdbx_pdb_strand_id           X 
_struct_ref_seq_dif.seq_num                      98 
_struct_ref_seq_dif.pdbx_pdb_ins_code            ? 
_struct_ref_seq_dif.pdbx_seq_db_name             UNP 
_struct_ref_seq_dif.pdbx_seq_db_accession_code   P0A017 
_struct_ref_seq_dif.db_mon_id                    PHE 
_struct_ref_seq_dif.pdbx_seq_db_seq_num          99 
_struct_ref_seq_dif.details                      'engineered mutation' 
_struct_ref_seq_dif.pdbx_auth_seq_num            98 
_struct_ref_seq_dif.pdbx_ordinal                 1 
# 
_pdbx_struct_assembly.id                   1 
_pdbx_struct_assembly.details              author_and_software_defined_assembly 
_pdbx_struct_assembly.method_details       PISA 
_pdbx_struct_assembly.oligomeric_details   monomeric 
_pdbx_struct_assembly.oligomeric_count     1 
# 
_pdbx_struct_assembly_gen.assembly_id       1 
_pdbx_struct_assembly_gen.oper_expression   1 
_pdbx_struct_assembly_gen.asym_id_list      A,B,C,D 
# 
_pdbx_struct_oper_list.id                   1 
_pdbx_struct_oper_list.type                 'identity operation' 
_pdbx_struct_oper_list.name                 1_555 
_pdbx_struct_oper_list.symmetry_operation   x,y,z 
_pdbx_struct_oper_list.matrix[1][1]         1.0000000000 
_pdbx_struct_oper_list.matrix[1][2]         0.0000000000 
_pdbx_struct_oper_list.matrix[1][3]         0.0000000000 
_pdbx_struct_oper_list.vector[1]            0.0000000000 
_pdbx_struct_oper_list.matrix[2][1]         0.0000000000 
_pdbx_struct_oper_list.matrix[2][2]         1.0000000000 
_pdbx_struct_oper_list.matrix[2][3]         0.0000000000 
_pdbx_struct_oper_list.vector[2]            0.0000000000 
_pdbx_struct_oper_list.matrix[3][1]         0.0000000000 
_pdbx_struct_oper_list.matrix[3][2]         0.0000000000 
_pdbx_struct_oper_list.matrix[3][3]         1.0000000000 
_pdbx_struct_oper_list.vector[3]            0.0000000000 
# 
_struct_biol.id        1 
_struct_biol.details   ? 
# 
loop_
_struct_conf.conf_type_id 
_struct_conf.id 
_struct_conf.pdbx_PDB_helix_id 
_struct_conf.beg_label_comp_id 
_struct_conf.beg_label_asym_id 
_struct_conf.beg_label_seq_id 
_struct_conf.pdbx_beg_PDB_ins_code 
_struct_conf.end_label_comp_id 
_struct_conf.end_label_asym_id 
_struct_conf.end_label_seq_id 
_struct_conf.pdbx_end_PDB_ins_code 
_struct_conf.beg_auth_comp_id 
_struct_conf.beg_auth_asym_id 
_struct_conf.beg_auth_seq_id 
_struct_conf.end_auth_comp_id 
_struct_conf.end_auth_asym_id 
_struct_conf.end_auth_seq_id 
_struct_conf.pdbx_PDB_helix_class 
_struct_conf.details 
_struct_conf.pdbx_PDB_helix_length 
HELX_P HELX_P1 1 LEU A 24 ? THR A 36  ? LEU X 24 THR X 36  1 ? 13 
HELX_P HELX_P2 2 ARG A 44 ? GLY A 51  ? ARG X 44 GLY X 51  1 ? 8  
HELX_P HELX_P3 3 SER A 78 ? LEU A 85  ? SER X 78 LEU X 85  5 ? 8  
HELX_P HELX_P4 4 GLY A 94 ? ILE A 102 ? GLY X 94 ILE X 102 1 ? 9  
# 
_struct_conf_type.id          HELX_P 
_struct_conf_type.criteria    ? 
_struct_conf_type.reference   ? 
# 
_struct_mon_prot_cis.pdbx_id                1 
_struct_mon_prot_cis.label_comp_id          GLY 
_struct_mon_prot_cis.label_seq_id           93 
_struct_mon_prot_cis.label_asym_id          A 
_struct_mon_prot_cis.label_alt_id           . 
_struct_mon_prot_cis.pdbx_PDB_ins_code      ? 
_struct_mon_prot_cis.auth_comp_id           GLY 
_struct_mon_prot_cis.auth_seq_id            93 
_struct_mon_prot_cis.auth_asym_id           X 
_struct_mon_prot_cis.pdbx_label_comp_id_2   GLY 
_struct_mon_prot_cis.pdbx_label_seq_id_2    94 
_struct_mon_prot_cis.pdbx_label_asym_id_2   A 
_struct_mon_prot_cis.pdbx_PDB_ins_code_2    ? 
_struct_mon_prot_cis.pdbx_auth_comp_id_2    GLY 
_struct_mon_prot_cis.pdbx_auth_seq_id_2     94 
_struct_mon_prot_cis.pdbx_auth_asym_id_2    X 
_struct_mon_prot_cis.pdbx_PDB_model_num     1 
_struct_mon_prot_cis.pdbx_omega_angle       6.53 
# 
loop_
_struct_sheet.id 
_struct_sheet.type 
_struct_sheet.number_strands 
_struct_sheet.details 
A ? 8 ? 
B ? 2 ? 
# 
loop_
_struct_sheet_order.sheet_id 
_struct_sheet_order.range_id_1 
_struct_sheet_order.range_id_2 
_struct_sheet_order.offset 
_struct_sheet_order.sense 
A 1 2 ? parallel      
A 2 3 ? parallel      
A 3 4 ? parallel      
A 4 5 ? parallel      
A 5 6 ? parallel      
A 6 7 ? anti-parallel 
A 7 8 ? anti-parallel 
B 1 2 ? anti-parallel 
# 
loop_
_struct_sheet_range.sheet_id 
_struct_sheet_range.id 
_struct_sheet_range.beg_label_comp_id 
_struct_sheet_range.beg_label_asym_id 
_struct_sheet_range.beg_label_seq_id 
_struct_sheet_range.pdbx_beg_PDB_ins_code 
_struct_sheet_range.end_label_comp_id 
_struct_sheet_range.end_label_asym_id 
_struct_sheet_range.end_label_seq_id 
_struct_sheet_range.pdbx_end_PDB_ins_code 
_struct_sheet_range.beg_auth_comp_id 
_struct_sheet_range.beg_auth_asym_id 
_struct_sheet_range.beg_auth_seq_id 
_struct_sheet_range.end_auth_comp_id 
_struct_sheet_range.end_auth_asym_id 
_struct_sheet_range.end_auth_seq_id 
A 1 VAL A 73  ? ILE A 76  ? VAL X 73  ILE X 76  
A 2 ARG A 58  ? LEU A 62  ? ARG X 58  LEU X 62  
A 3 THR A 39  ? GLY A 43  ? THR X 39  GLY X 43  
A 4 VAL A 89  ? ILE A 91  ? VAL X 89  ILE X 91  
A 5 LEU A 2   ? ASP A 9   ? LEU X 2   ASP X 9   
A 6 ASP A 107 ? ILE A 113 ? ASP X 107 ILE X 113 
A 7 HIS A 149 ? ARG A 156 ? HIS X 149 ARG X 156 
A 8 TRP A 131 ? GLU A 138 ? TRP X 131 GLU X 138 
B 1 VAL A 13  ? GLY A 15  ? VAL X 13  GLY X 15  
B 2 THR A 121 ? PHE A 122 ? THR X 121 PHE X 122 
# 
loop_
_pdbx_struct_sheet_hbond.sheet_id 
_pdbx_struct_sheet_hbond.range_id_1 
_pdbx_struct_sheet_hbond.range_id_2 
_pdbx_struct_sheet_hbond.range_1_label_atom_id 
_pdbx_struct_sheet_hbond.range_1_label_comp_id 
_pdbx_struct_sheet_hbond.range_1_label_asym_id 
_pdbx_struct_sheet_hbond.range_1_label_seq_id 
_pdbx_struct_sheet_hbond.range_1_PDB_ins_code 
_pdbx_struct_sheet_hbond.range_1_auth_atom_id 
_pdbx_struct_sheet_hbond.range_1_auth_comp_id 
_pdbx_struct_sheet_hbond.range_1_auth_asym_id 
_pdbx_struct_sheet_hbond.range_1_auth_seq_id 
_pdbx_struct_sheet_hbond.range_2_label_atom_id 
_pdbx_struct_sheet_hbond.range_2_label_comp_id 
_pdbx_struct_sheet_hbond.range_2_label_asym_id 
_pdbx_struct_sheet_hbond.range_2_label_seq_id 
_pdbx_struct_sheet_hbond.range_2_PDB_ins_code 
_pdbx_struct_sheet_hbond.range_2_auth_atom_id 
_pdbx_struct_sheet_hbond.range_2_auth_comp_id 
_pdbx_struct_sheet_hbond.range_2_auth_asym_id 
_pdbx_struct_sheet_hbond.range_2_auth_seq_id 
A 1 2 O ILE A 76  ? O ILE X 76  N VAL A 61  ? N VAL X 61  
A 2 3 O ARG A 58  ? O ARG X 58  N LEU A 40  ? N LEU X 40  
A 3 4 N THR A 39  ? N THR X 39  O PHE A 90  ? O PHE X 90  
A 4 5 O ILE A 91  ? O ILE X 91  N SER A 3   ? N SER X 3   
A 5 6 N ILE A 4   ? N ILE X 4   O TYR A 109 ? O TYR X 109 
A 6 7 N ILE A 110 ? N ILE X 110 O LEU A 152 ? O LEU X 152 
A 7 8 O ILE A 155 ? O ILE X 155 N GLU A 132 ? N GLU X 132 
B 1 2 N ILE A 14  ? N ILE X 14  O THR A 121 ? O THR X 121 
# 
loop_
_struct_site.id 
_struct_site.pdbx_evidence_code 
_struct_site.pdbx_auth_asym_id 
_struct_site.pdbx_auth_comp_id 
_struct_site.pdbx_auth_seq_id 
_struct_site.pdbx_auth_ins_code 
_struct_site.pdbx_num_residues 
_struct_site.details 
AC1 Software X NAP 301 ? 32 'BINDING SITE FOR RESIDUE NAP X 301' 
AC2 Software X TOP 300 ? 15 'BINDING SITE FOR RESIDUE TOP X 300' 
# 
loop_
_struct_site_gen.id 
_struct_site_gen.site_id 
_struct_site_gen.pdbx_num_res 
_struct_site_gen.label_comp_id 
_struct_site_gen.label_asym_id 
_struct_site_gen.label_seq_id 
_struct_site_gen.pdbx_auth_ins_code 
_struct_site_gen.auth_comp_id 
_struct_site_gen.auth_asym_id 
_struct_site_gen.auth_seq_id 
_struct_site_gen.label_atom_id 
_struct_site_gen.label_alt_id 
_struct_site_gen.symmetry 
_struct_site_gen.details 
1  AC1 32 VAL A 6   ? VAL X 6   . ? 1_555 ? 
2  AC1 32 ALA A 7   ? ALA X 7   . ? 1_555 ? 
3  AC1 32 ILE A 14  ? ILE X 14  . ? 1_555 ? 
4  AC1 32 GLY A 15  ? GLY X 15  . ? 1_555 ? 
5  AC1 32 PHE A 16  ? PHE X 16  . ? 1_555 ? 
6  AC1 32 ASN A 18  ? ASN X 18  . ? 1_555 ? 
7  AC1 32 GLN A 19  ? GLN X 19  . ? 1_555 ? 
8  AC1 32 LEU A 20  ? LEU X 20  . ? 1_555 ? 
9  AC1 32 GLY A 43  ? GLY X 43  . ? 1_555 ? 
10 AC1 32 ARG A 44  ? ARG X 44  . ? 1_555 ? 
11 AC1 32 LYS A 45  ? LYS X 45  . ? 1_555 ? 
12 AC1 32 THR A 46  ? THR X 46  . ? 1_555 ? 
13 AC1 32 LEU A 62  ? LEU X 62  . ? 1_555 ? 
14 AC1 32 THR A 63  ? THR X 63  . ? 1_555 ? 
15 AC1 32 SER A 64  ? SER X 64  . ? 1_555 ? 
16 AC1 32 ILE A 79  ? ILE X 79  . ? 1_555 ? 
17 AC1 32 PHE A 92  ? PHE X 92  . ? 1_555 ? 
18 AC1 32 GLY A 93  ? GLY X 93  . ? 1_555 ? 
19 AC1 32 GLY A 94  ? GLY X 94  . ? 1_555 ? 
20 AC1 32 GLN A 95  ? GLN X 95  . ? 1_555 ? 
21 AC1 32 THR A 96  ? THR X 96  . ? 1_555 ? 
22 AC1 32 TYR A 98  ? TYR X 98  . ? 1_555 ? 
23 AC1 32 GLU A 100 ? GLU X 100 . ? 1_555 ? 
24 AC1 32 THR A 121 ? THR X 121 . ? 1_555 ? 
25 AC1 32 HOH D .   ? HOH X 167 . ? 1_555 ? 
26 AC1 32 HOH D .   ? HOH X 171 . ? 1_555 ? 
27 AC1 32 HOH D .   ? HOH X 172 . ? 1_555 ? 
28 AC1 32 HOH D .   ? HOH X 203 . ? 1_555 ? 
29 AC1 32 HOH D .   ? HOH X 210 . ? 1_555 ? 
30 AC1 32 HOH D .   ? HOH X 248 . ? 1_555 ? 
31 AC1 32 HOH D .   ? HOH X 249 . ? 1_555 ? 
32 AC1 32 TOP C .   ? TOP X 300 . ? 1_555 ? 
33 AC2 15 LEU A 5   ? LEU X 5   . ? 1_555 ? 
34 AC2 15 VAL A 6   ? VAL X 6   . ? 1_555 ? 
35 AC2 15 ALA A 7   ? ALA X 7   . ? 1_555 ? 
36 AC2 15 ASP A 27  ? ASP X 27  . ? 1_555 ? 
37 AC2 15 LEU A 28  ? LEU X 28  . ? 1_555 ? 
38 AC2 15 VAL A 31  ? VAL X 31  . ? 1_555 ? 
39 AC2 15 SER A 49  ? SER X 49  . ? 1_555 ? 
40 AC2 15 ILE A 50  ? ILE X 50  . ? 1_555 ? 
41 AC2 15 PHE A 92  ? PHE X 92  . ? 1_555 ? 
42 AC2 15 TYR A 98  ? TYR X 98  . ? 1_555 ? 
43 AC2 15 THR A 111 ? THR X 111 . ? 1_555 ? 
44 AC2 15 HOH D .   ? HOH X 169 . ? 1_555 ? 
45 AC2 15 HOH D .   ? HOH X 170 . ? 1_555 ? 
46 AC2 15 HOH D .   ? HOH X 184 . ? 1_555 ? 
47 AC2 15 NAP B .   ? NAP X 301 . ? 1_555 ? 
# 
loop_
_pdbx_validate_close_contact.id 
_pdbx_validate_close_contact.PDB_model_num 
_pdbx_validate_close_contact.auth_atom_id_1 
_pdbx_validate_close_contact.auth_asym_id_1 
_pdbx_validate_close_contact.auth_comp_id_1 
_pdbx_validate_close_contact.auth_seq_id_1 
_pdbx_validate_close_contact.PDB_ins_code_1 
_pdbx_validate_close_contact.label_alt_id_1 
_pdbx_validate_close_contact.auth_atom_id_2 
_pdbx_validate_close_contact.auth_asym_id_2 
_pdbx_validate_close_contact.auth_comp_id_2 
_pdbx_validate_close_contact.auth_seq_id_2 
_pdbx_validate_close_contact.PDB_ins_code_2 
_pdbx_validate_close_contact.label_alt_id_2 
_pdbx_validate_close_contact.dist 
1  1 O   X LYS 140 ? ? O X HOH 264 ? ? 0.42 
2  1 C   X VAL 70  ? ? O X HOH 202 ? ? 0.88 
3  1 C   X LYS 140 ? ? O X HOH 264 ? ? 0.89 
4  1 N   X GLU 71  ? ? O X HOH 202 ? ? 0.92 
5  1 O   X TYR 126 ? ? O X HOH 231 ? ? 1.80 
6  1 N   X LEU 141 ? ? O X HOH 264 ? ? 1.84 
7  1 CA  X VAL 70  ? ? O X HOH 202 ? ? 1.86 
8  1 O   X VAL 70  ? ? O X HOH 202 ? ? 1.87 
9  1 O   X VAL 70  ? ? O X HOH 201 ? ? 2.09 
10 1 CA  X GLU 71  ? ? O X HOH 202 ? ? 2.15 
11 1 OE1 X GLU 100 ? ? O X HOH 259 ? ? 2.19 
# 
loop_
_pdbx_validate_symm_contact.id 
_pdbx_validate_symm_contact.PDB_model_num 
_pdbx_validate_symm_contact.auth_atom_id_1 
_pdbx_validate_symm_contact.auth_asym_id_1 
_pdbx_validate_symm_contact.auth_comp_id_1 
_pdbx_validate_symm_contact.auth_seq_id_1 
_pdbx_validate_symm_contact.PDB_ins_code_1 
_pdbx_validate_symm_contact.label_alt_id_1 
_pdbx_validate_symm_contact.site_symmetry_1 
_pdbx_validate_symm_contact.auth_atom_id_2 
_pdbx_validate_symm_contact.auth_asym_id_2 
_pdbx_validate_symm_contact.auth_comp_id_2 
_pdbx_validate_symm_contact.auth_seq_id_2 
_pdbx_validate_symm_contact.PDB_ins_code_2 
_pdbx_validate_symm_contact.label_alt_id_2 
_pdbx_validate_symm_contact.site_symmetry_2 
_pdbx_validate_symm_contact.dist 
1 1 O   X HOH 181 ? ? 1_555 O   X HOH 207 ? ? 8_556  1.30 
2 1 O   X HOH 167 ? ? 1_555 O   X HOH 203 ? ? 10_665 1.41 
3 1 O   X HOH 229 ? ? 1_555 O   X HOH 229 ? ? 11_655 1.42 
4 1 NH2 X ARG 118 ? ? 1_555 OE1 X GLU 138 ? ? 6_555  1.69 
5 1 NH1 X ARG 118 ? ? 1_555 NH2 X ARG 118 ? ? 12_556 1.81 
6 1 NZ  X LYS 116 ? ? 1_555 O   X HOH 265 ? ? 8_556  2.19 
# 
loop_
_pdbx_validate_torsion.id 
_pdbx_validate_torsion.PDB_model_num 
_pdbx_validate_torsion.auth_comp_id 
_pdbx_validate_torsion.auth_asym_id 
_pdbx_validate_torsion.auth_seq_id 
_pdbx_validate_torsion.PDB_ins_code 
_pdbx_validate_torsion.label_alt_id 
_pdbx_validate_torsion.phi 
_pdbx_validate_torsion.psi 
1 1 HIS X 38 ? ? -131.35 -154.63 
2 1 ASN X 56 ? ? 74.56   30.09   
3 1 ASN X 69 ? ? -153.86 70.88   
# 
_pdbx_unobs_or_zero_occ_residues.id               1 
_pdbx_unobs_or_zero_occ_residues.PDB_model_num    1 
_pdbx_unobs_or_zero_occ_residues.polymer_flag     Y 
_pdbx_unobs_or_zero_occ_residues.occupancy_flag   1 
_pdbx_unobs_or_zero_occ_residues.auth_asym_id     X 
_pdbx_unobs_or_zero_occ_residues.auth_comp_id     LYS 
_pdbx_unobs_or_zero_occ_residues.auth_seq_id      158 
_pdbx_unobs_or_zero_occ_residues.PDB_ins_code     ? 
_pdbx_unobs_or_zero_occ_residues.label_asym_id    A 
_pdbx_unobs_or_zero_occ_residues.label_comp_id    LYS 
_pdbx_unobs_or_zero_occ_residues.label_seq_id     158 
# 
loop_
_chem_comp_atom.comp_id 
_chem_comp_atom.atom_id 
_chem_comp_atom.type_symbol 
_chem_comp_atom.pdbx_aromatic_flag 
_chem_comp_atom.pdbx_stereo_config 
_chem_comp_atom.pdbx_ordinal 
ALA N    N N N 1   
ALA CA   C N S 2   
ALA C    C N N 3   
ALA O    O N N 4   
ALA CB   C N N 5   
ALA OXT  O N N 6   
ALA H    H N N 7   
ALA H2   H N N 8   
ALA HA   H N N 9   
ALA HB1  H N N 10  
ALA HB2  H N N 11  
ALA HB3  H N N 12  
ALA HXT  H N N 13  
ARG N    N N N 14  
ARG CA   C N S 15  
ARG C    C N N 16  
ARG O    O N N 17  
ARG CB   C N N 18  
ARG CG   C N N 19  
ARG CD   C N N 20  
ARG NE   N N N 21  
ARG CZ   C N N 22  
ARG NH1  N N N 23  
ARG NH2  N N N 24  
ARG OXT  O N N 25  
ARG H    H N N 26  
ARG H2   H N N 27  
ARG HA   H N N 28  
ARG HB2  H N N 29  
ARG HB3  H N N 30  
ARG HG2  H N N 31  
ARG HG3  H N N 32  
ARG HD2  H N N 33  
ARG HD3  H N N 34  
ARG HE   H N N 35  
ARG HH11 H N N 36  
ARG HH12 H N N 37  
ARG HH21 H N N 38  
ARG HH22 H N N 39  
ARG HXT  H N N 40  
ASN N    N N N 41  
ASN CA   C N S 42  
ASN C    C N N 43  
ASN O    O N N 44  
ASN CB   C N N 45  
ASN CG   C N N 46  
ASN OD1  O N N 47  
ASN ND2  N N N 48  
ASN OXT  O N N 49  
ASN H    H N N 50  
ASN H2   H N N 51  
ASN HA   H N N 52  
ASN HB2  H N N 53  
ASN HB3  H N N 54  
ASN HD21 H N N 55  
ASN HD22 H N N 56  
ASN HXT  H N N 57  
ASP N    N N N 58  
ASP CA   C N S 59  
ASP C    C N N 60  
ASP O    O N N 61  
ASP CB   C N N 62  
ASP CG   C N N 63  
ASP OD1  O N N 64  
ASP OD2  O N N 65  
ASP OXT  O N N 66  
ASP H    H N N 67  
ASP H2   H N N 68  
ASP HA   H N N 69  
ASP HB2  H N N 70  
ASP HB3  H N N 71  
ASP HD2  H N N 72  
ASP HXT  H N N 73  
GLN N    N N N 74  
GLN CA   C N S 75  
GLN C    C N N 76  
GLN O    O N N 77  
GLN CB   C N N 78  
GLN CG   C N N 79  
GLN CD   C N N 80  
GLN OE1  O N N 81  
GLN NE2  N N N 82  
GLN OXT  O N N 83  
GLN H    H N N 84  
GLN H2   H N N 85  
GLN HA   H N N 86  
GLN HB2  H N N 87  
GLN HB3  H N N 88  
GLN HG2  H N N 89  
GLN HG3  H N N 90  
GLN HE21 H N N 91  
GLN HE22 H N N 92  
GLN HXT  H N N 93  
GLU N    N N N 94  
GLU CA   C N S 95  
GLU C    C N N 96  
GLU O    O N N 97  
GLU CB   C N N 98  
GLU CG   C N N 99  
GLU CD   C N N 100 
GLU OE1  O N N 101 
GLU OE2  O N N 102 
GLU OXT  O N N 103 
GLU H    H N N 104 
GLU H2   H N N 105 
GLU HA   H N N 106 
GLU HB2  H N N 107 
GLU HB3  H N N 108 
GLU HG2  H N N 109 
GLU HG3  H N N 110 
GLU HE2  H N N 111 
GLU HXT  H N N 112 
GLY N    N N N 113 
GLY CA   C N N 114 
GLY C    C N N 115 
GLY O    O N N 116 
GLY OXT  O N N 117 
GLY H    H N N 118 
GLY H2   H N N 119 
GLY HA2  H N N 120 
GLY HA3  H N N 121 
GLY HXT  H N N 122 
HIS N    N N N 123 
HIS CA   C N S 124 
HIS C    C N N 125 
HIS O    O N N 126 
HIS CB   C N N 127 
HIS CG   C Y N 128 
HIS ND1  N Y N 129 
HIS CD2  C Y N 130 
HIS CE1  C Y N 131 
HIS NE2  N Y N 132 
HIS OXT  O N N 133 
HIS H    H N N 134 
HIS H2   H N N 135 
HIS HA   H N N 136 
HIS HB2  H N N 137 
HIS HB3  H N N 138 
HIS HD1  H N N 139 
HIS HD2  H N N 140 
HIS HE1  H N N 141 
HIS HE2  H N N 142 
HIS HXT  H N N 143 
HOH O    O N N 144 
HOH H1   H N N 145 
HOH H2   H N N 146 
ILE N    N N N 147 
ILE CA   C N S 148 
ILE C    C N N 149 
ILE O    O N N 150 
ILE CB   C N S 151 
ILE CG1  C N N 152 
ILE CG2  C N N 153 
ILE CD1  C N N 154 
ILE OXT  O N N 155 
ILE H    H N N 156 
ILE H2   H N N 157 
ILE HA   H N N 158 
ILE HB   H N N 159 
ILE HG12 H N N 160 
ILE HG13 H N N 161 
ILE HG21 H N N 162 
ILE HG22 H N N 163 
ILE HG23 H N N 164 
ILE HD11 H N N 165 
ILE HD12 H N N 166 
ILE HD13 H N N 167 
ILE HXT  H N N 168 
LEU N    N N N 169 
LEU CA   C N S 170 
LEU C    C N N 171 
LEU O    O N N 172 
LEU CB   C N N 173 
LEU CG   C N N 174 
LEU CD1  C N N 175 
LEU CD2  C N N 176 
LEU OXT  O N N 177 
LEU H    H N N 178 
LEU H2   H N N 179 
LEU HA   H N N 180 
LEU HB2  H N N 181 
LEU HB3  H N N 182 
LEU HG   H N N 183 
LEU HD11 H N N 184 
LEU HD12 H N N 185 
LEU HD13 H N N 186 
LEU HD21 H N N 187 
LEU HD22 H N N 188 
LEU HD23 H N N 189 
LEU HXT  H N N 190 
LYS N    N N N 191 
LYS CA   C N S 192 
LYS C    C N N 193 
LYS O    O N N 194 
LYS CB   C N N 195 
LYS CG   C N N 196 
LYS CD   C N N 197 
LYS CE   C N N 198 
LYS NZ   N N N 199 
LYS OXT  O N N 200 
LYS H    H N N 201 
LYS H2   H N N 202 
LYS HA   H N N 203 
LYS HB2  H N N 204 
LYS HB3  H N N 205 
LYS HG2  H N N 206 
LYS HG3  H N N 207 
LYS HD2  H N N 208 
LYS HD3  H N N 209 
LYS HE2  H N N 210 
LYS HE3  H N N 211 
LYS HZ1  H N N 212 
LYS HZ2  H N N 213 
LYS HZ3  H N N 214 
LYS HXT  H N N 215 
MET N    N N N 216 
MET CA   C N S 217 
MET C    C N N 218 
MET O    O N N 219 
MET CB   C N N 220 
MET CG   C N N 221 
MET SD   S N N 222 
MET CE   C N N 223 
MET OXT  O N N 224 
MET H    H N N 225 
MET H2   H N N 226 
MET HA   H N N 227 
MET HB2  H N N 228 
MET HB3  H N N 229 
MET HG2  H N N 230 
MET HG3  H N N 231 
MET HE1  H N N 232 
MET HE2  H N N 233 
MET HE3  H N N 234 
MET HXT  H N N 235 
NAP PA   P N R 236 
NAP O1A  O N N 237 
NAP O2A  O N N 238 
NAP O5B  O N N 239 
NAP C5B  C N N 240 
NAP C4B  C N R 241 
NAP O4B  O N N 242 
NAP C3B  C N R 243 
NAP O3B  O N N 244 
NAP C2B  C N R 245 
NAP O2B  O N N 246 
NAP C1B  C N R 247 
NAP N9A  N Y N 248 
NAP C8A  C Y N 249 
NAP N7A  N Y N 250 
NAP C5A  C Y N 251 
NAP C6A  C Y N 252 
NAP N6A  N N N 253 
NAP N1A  N Y N 254 
NAP C2A  C Y N 255 
NAP N3A  N Y N 256 
NAP C4A  C Y N 257 
NAP O3   O N N 258 
NAP PN   P N N 259 
NAP O1N  O N N 260 
NAP O2N  O N N 261 
NAP O5D  O N N 262 
NAP C5D  C N N 263 
NAP C4D  C N R 264 
NAP O4D  O N N 265 
NAP C3D  C N S 266 
NAP O3D  O N N 267 
NAP C2D  C N R 268 
NAP O2D  O N N 269 
NAP C1D  C N R 270 
NAP N1N  N Y N 271 
NAP C2N  C Y N 272 
NAP C3N  C Y N 273 
NAP C7N  C N N 274 
NAP O7N  O N N 275 
NAP N7N  N N N 276 
NAP C4N  C Y N 277 
NAP C5N  C Y N 278 
NAP C6N  C Y N 279 
NAP P2B  P N N 280 
NAP O1X  O N N 281 
NAP O2X  O N N 282 
NAP O3X  O N N 283 
NAP HOA2 H N N 284 
NAP H51A H N N 285 
NAP H52A H N N 286 
NAP H4B  H N N 287 
NAP H3B  H N N 288 
NAP HO3A H N N 289 
NAP H2B  H N N 290 
NAP H1B  H N N 291 
NAP H8A  H N N 292 
NAP H61A H N N 293 
NAP H62A H N N 294 
NAP H2A  H N N 295 
NAP H51N H N N 296 
NAP H52N H N N 297 
NAP H4D  H N N 298 
NAP H3D  H N N 299 
NAP HO3N H N N 300 
NAP H2D  H N N 301 
NAP HO2N H N N 302 
NAP H1D  H N N 303 
NAP H2N  H N N 304 
NAP H71N H N N 305 
NAP H72N H N N 306 
NAP H4N  H N N 307 
NAP H5N  H N N 308 
NAP H6N  H N N 309 
NAP HOP2 H N N 310 
NAP HOP3 H N N 311 
PHE N    N N N 312 
PHE CA   C N S 313 
PHE C    C N N 314 
PHE O    O N N 315 
PHE CB   C N N 316 
PHE CG   C Y N 317 
PHE CD1  C Y N 318 
PHE CD2  C Y N 319 
PHE CE1  C Y N 320 
PHE CE2  C Y N 321 
PHE CZ   C Y N 322 
PHE OXT  O N N 323 
PHE H    H N N 324 
PHE H2   H N N 325 
PHE HA   H N N 326 
PHE HB2  H N N 327 
PHE HB3  H N N 328 
PHE HD1  H N N 329 
PHE HD2  H N N 330 
PHE HE1  H N N 331 
PHE HE2  H N N 332 
PHE HZ   H N N 333 
PHE HXT  H N N 334 
PRO N    N N N 335 
PRO CA   C N S 336 
PRO C    C N N 337 
PRO O    O N N 338 
PRO CB   C N N 339 
PRO CG   C N N 340 
PRO CD   C N N 341 
PRO OXT  O N N 342 
PRO H    H N N 343 
PRO HA   H N N 344 
PRO HB2  H N N 345 
PRO HB3  H N N 346 
PRO HG2  H N N 347 
PRO HG3  H N N 348 
PRO HD2  H N N 349 
PRO HD3  H N N 350 
PRO HXT  H N N 351 
SER N    N N N 352 
SER CA   C N S 353 
SER C    C N N 354 
SER O    O N N 355 
SER CB   C N N 356 
SER OG   O N N 357 
SER OXT  O N N 358 
SER H    H N N 359 
SER H2   H N N 360 
SER HA   H N N 361 
SER HB2  H N N 362 
SER HB3  H N N 363 
SER HG   H N N 364 
SER HXT  H N N 365 
THR N    N N N 366 
THR CA   C N S 367 
THR C    C N N 368 
THR O    O N N 369 
THR CB   C N R 370 
THR OG1  O N N 371 
THR CG2  C N N 372 
THR OXT  O N N 373 
THR H    H N N 374 
THR H2   H N N 375 
THR HA   H N N 376 
THR HB   H N N 377 
THR HG1  H N N 378 
THR HG21 H N N 379 
THR HG22 H N N 380 
THR HG23 H N N 381 
THR HXT  H N N 382 
TOP C1   C Y N 383 
TOP N2   N Y N 384 
TOP C3   C Y N 385 
TOP N4   N N N 386 
TOP N5   N Y N 387 
TOP C6   C Y N 388 
TOP N7   N N N 389 
TOP C8   C Y N 390 
TOP C9   C N N 391 
TOP C10  C Y N 392 
TOP C11  C Y N 393 
TOP C12  C Y N 394 
TOP O13  O N N 395 
TOP C14  C N N 396 
TOP C15  C Y N 397 
TOP O16  O N N 398 
TOP C17  C N N 399 
TOP C18  C Y N 400 
TOP O19  O N N 401 
TOP C20  C N N 402 
TOP C21  C Y N 403 
TOP H1   H N N 404 
TOP HN41 H N N 405 
TOP HN42 H N N 406 
TOP HN71 H N N 407 
TOP HN72 H N N 408 
TOP H91  H N N 409 
TOP H92  H N N 410 
TOP H11  H N N 411 
TOP H141 H N N 412 
TOP H142 H N N 413 
TOP H143 H N N 414 
TOP H171 H N N 415 
TOP H172 H N N 416 
TOP H173 H N N 417 
TOP H201 H N N 418 
TOP H202 H N N 419 
TOP H203 H N N 420 
TOP H21  H N N 421 
TRP N    N N N 422 
TRP CA   C N S 423 
TRP C    C N N 424 
TRP O    O N N 425 
TRP CB   C N N 426 
TRP CG   C Y N 427 
TRP CD1  C Y N 428 
TRP CD2  C Y N 429 
TRP NE1  N Y N 430 
TRP CE2  C Y N 431 
TRP CE3  C Y N 432 
TRP CZ2  C Y N 433 
TRP CZ3  C Y N 434 
TRP CH2  C Y N 435 
TRP OXT  O N N 436 
TRP H    H N N 437 
TRP H2   H N N 438 
TRP HA   H N N 439 
TRP HB2  H N N 440 
TRP HB3  H N N 441 
TRP HD1  H N N 442 
TRP HE1  H N N 443 
TRP HE3  H N N 444 
TRP HZ2  H N N 445 
TRP HZ3  H N N 446 
TRP HH2  H N N 447 
TRP HXT  H N N 448 
TYR N    N N N 449 
TYR CA   C N S 450 
TYR C    C N N 451 
TYR O    O N N 452 
TYR CB   C N N 453 
TYR CG   C Y N 454 
TYR CD1  C Y N 455 
TYR CD2  C Y N 456 
TYR CE1  C Y N 457 
TYR CE2  C Y N 458 
TYR CZ   C Y N 459 
TYR OH   O N N 460 
TYR OXT  O N N 461 
TYR H    H N N 462 
TYR H2   H N N 463 
TYR HA   H N N 464 
TYR HB2  H N N 465 
TYR HB3  H N N 466 
TYR HD1  H N N 467 
TYR HD2  H N N 468 
TYR HE1  H N N 469 
TYR HE2  H N N 470 
TYR HH   H N N 471 
TYR HXT  H N N 472 
VAL N    N N N 473 
VAL CA   C N S 474 
VAL C    C N N 475 
VAL O    O N N 476 
VAL CB   C N N 477 
VAL CG1  C N N 478 
VAL CG2  C N N 479 
VAL OXT  O N N 480 
VAL H    H N N 481 
VAL H2   H N N 482 
VAL HA   H N N 483 
VAL HB   H N N 484 
VAL HG11 H N N 485 
VAL HG12 H N N 486 
VAL HG13 H N N 487 
VAL HG21 H N N 488 
VAL HG22 H N N 489 
VAL HG23 H N N 490 
VAL HXT  H N N 491 
# 
loop_
_chem_comp_bond.comp_id 
_chem_comp_bond.atom_id_1 
_chem_comp_bond.atom_id_2 
_chem_comp_bond.value_order 
_chem_comp_bond.pdbx_aromatic_flag 
_chem_comp_bond.pdbx_stereo_config 
_chem_comp_bond.pdbx_ordinal 
ALA N   CA   sing N N 1   
ALA N   H    sing N N 2   
ALA N   H2   sing N N 3   
ALA CA  C    sing N N 4   
ALA CA  CB   sing N N 5   
ALA CA  HA   sing N N 6   
ALA C   O    doub N N 7   
ALA C   OXT  sing N N 8   
ALA CB  HB1  sing N N 9   
ALA CB  HB2  sing N N 10  
ALA CB  HB3  sing N N 11  
ALA OXT HXT  sing N N 12  
ARG N   CA   sing N N 13  
ARG N   H    sing N N 14  
ARG N   H2   sing N N 15  
ARG CA  C    sing N N 16  
ARG CA  CB   sing N N 17  
ARG CA  HA   sing N N 18  
ARG C   O    doub N N 19  
ARG C   OXT  sing N N 20  
ARG CB  CG   sing N N 21  
ARG CB  HB2  sing N N 22  
ARG CB  HB3  sing N N 23  
ARG CG  CD   sing N N 24  
ARG CG  HG2  sing N N 25  
ARG CG  HG3  sing N N 26  
ARG CD  NE   sing N N 27  
ARG CD  HD2  sing N N 28  
ARG CD  HD3  sing N N 29  
ARG NE  CZ   sing N N 30  
ARG NE  HE   sing N N 31  
ARG CZ  NH1  sing N N 32  
ARG CZ  NH2  doub N N 33  
ARG NH1 HH11 sing N N 34  
ARG NH1 HH12 sing N N 35  
ARG NH2 HH21 sing N N 36  
ARG NH2 HH22 sing N N 37  
ARG OXT HXT  sing N N 38  
ASN N   CA   sing N N 39  
ASN N   H    sing N N 40  
ASN N   H2   sing N N 41  
ASN CA  C    sing N N 42  
ASN CA  CB   sing N N 43  
ASN CA  HA   sing N N 44  
ASN C   O    doub N N 45  
ASN C   OXT  sing N N 46  
ASN CB  CG   sing N N 47  
ASN CB  HB2  sing N N 48  
ASN CB  HB3  sing N N 49  
ASN CG  OD1  doub N N 50  
ASN CG  ND2  sing N N 51  
ASN ND2 HD21 sing N N 52  
ASN ND2 HD22 sing N N 53  
ASN OXT HXT  sing N N 54  
ASP N   CA   sing N N 55  
ASP N   H    sing N N 56  
ASP N   H2   sing N N 57  
ASP CA  C    sing N N 58  
ASP CA  CB   sing N N 59  
ASP CA  HA   sing N N 60  
ASP C   O    doub N N 61  
ASP C   OXT  sing N N 62  
ASP CB  CG   sing N N 63  
ASP CB  HB2  sing N N 64  
ASP CB  HB3  sing N N 65  
ASP CG  OD1  doub N N 66  
ASP CG  OD2  sing N N 67  
ASP OD2 HD2  sing N N 68  
ASP OXT HXT  sing N N 69  
GLN N   CA   sing N N 70  
GLN N   H    sing N N 71  
GLN N   H2   sing N N 72  
GLN CA  C    sing N N 73  
GLN CA  CB   sing N N 74  
GLN CA  HA   sing N N 75  
GLN C   O    doub N N 76  
GLN C   OXT  sing N N 77  
GLN CB  CG   sing N N 78  
GLN CB  HB2  sing N N 79  
GLN CB  HB3  sing N N 80  
GLN CG  CD   sing N N 81  
GLN CG  HG2  sing N N 82  
GLN CG  HG3  sing N N 83  
GLN CD  OE1  doub N N 84  
GLN CD  NE2  sing N N 85  
GLN NE2 HE21 sing N N 86  
GLN NE2 HE22 sing N N 87  
GLN OXT HXT  sing N N 88  
GLU N   CA   sing N N 89  
GLU N   H    sing N N 90  
GLU N   H2   sing N N 91  
GLU CA  C    sing N N 92  
GLU CA  CB   sing N N 93  
GLU CA  HA   sing N N 94  
GLU C   O    doub N N 95  
GLU C   OXT  sing N N 96  
GLU CB  CG   sing N N 97  
GLU CB  HB2  sing N N 98  
GLU CB  HB3  sing N N 99  
GLU CG  CD   sing N N 100 
GLU CG  HG2  sing N N 101 
GLU CG  HG3  sing N N 102 
GLU CD  OE1  doub N N 103 
GLU CD  OE2  sing N N 104 
GLU OE2 HE2  sing N N 105 
GLU OXT HXT  sing N N 106 
GLY N   CA   sing N N 107 
GLY N   H    sing N N 108 
GLY N   H2   sing N N 109 
GLY CA  C    sing N N 110 
GLY CA  HA2  sing N N 111 
GLY CA  HA3  sing N N 112 
GLY C   O    doub N N 113 
GLY C   OXT  sing N N 114 
GLY OXT HXT  sing N N 115 
HIS N   CA   sing N N 116 
HIS N   H    sing N N 117 
HIS N   H2   sing N N 118 
HIS CA  C    sing N N 119 
HIS CA  CB   sing N N 120 
HIS CA  HA   sing N N 121 
HIS C   O    doub N N 122 
HIS C   OXT  sing N N 123 
HIS CB  CG   sing N N 124 
HIS CB  HB2  sing N N 125 
HIS CB  HB3  sing N N 126 
HIS CG  ND1  sing Y N 127 
HIS CG  CD2  doub Y N 128 
HIS ND1 CE1  doub Y N 129 
HIS ND1 HD1  sing N N 130 
HIS CD2 NE2  sing Y N 131 
HIS CD2 HD2  sing N N 132 
HIS CE1 NE2  sing Y N 133 
HIS CE1 HE1  sing N N 134 
HIS NE2 HE2  sing N N 135 
HIS OXT HXT  sing N N 136 
HOH O   H1   sing N N 137 
HOH O   H2   sing N N 138 
ILE N   CA   sing N N 139 
ILE N   H    sing N N 140 
ILE N   H2   sing N N 141 
ILE CA  C    sing N N 142 
ILE CA  CB   sing N N 143 
ILE CA  HA   sing N N 144 
ILE C   O    doub N N 145 
ILE C   OXT  sing N N 146 
ILE CB  CG1  sing N N 147 
ILE CB  CG2  sing N N 148 
ILE CB  HB   sing N N 149 
ILE CG1 CD1  sing N N 150 
ILE CG1 HG12 sing N N 151 
ILE CG1 HG13 sing N N 152 
ILE CG2 HG21 sing N N 153 
ILE CG2 HG22 sing N N 154 
ILE CG2 HG23 sing N N 155 
ILE CD1 HD11 sing N N 156 
ILE CD1 HD12 sing N N 157 
ILE CD1 HD13 sing N N 158 
ILE OXT HXT  sing N N 159 
LEU N   CA   sing N N 160 
LEU N   H    sing N N 161 
LEU N   H2   sing N N 162 
LEU CA  C    sing N N 163 
LEU CA  CB   sing N N 164 
LEU CA  HA   sing N N 165 
LEU C   O    doub N N 166 
LEU C   OXT  sing N N 167 
LEU CB  CG   sing N N 168 
LEU CB  HB2  sing N N 169 
LEU CB  HB3  sing N N 170 
LEU CG  CD1  sing N N 171 
LEU CG  CD2  sing N N 172 
LEU CG  HG   sing N N 173 
LEU CD1 HD11 sing N N 174 
LEU CD1 HD12 sing N N 175 
LEU CD1 HD13 sing N N 176 
LEU CD2 HD21 sing N N 177 
LEU CD2 HD22 sing N N 178 
LEU CD2 HD23 sing N N 179 
LEU OXT HXT  sing N N 180 
LYS N   CA   sing N N 181 
LYS N   H    sing N N 182 
LYS N   H2   sing N N 183 
LYS CA  C    sing N N 184 
LYS CA  CB   sing N N 185 
LYS CA  HA   sing N N 186 
LYS C   O    doub N N 187 
LYS C   OXT  sing N N 188 
LYS CB  CG   sing N N 189 
LYS CB  HB2  sing N N 190 
LYS CB  HB3  sing N N 191 
LYS CG  CD   sing N N 192 
LYS CG  HG2  sing N N 193 
LYS CG  HG3  sing N N 194 
LYS CD  CE   sing N N 195 
LYS CD  HD2  sing N N 196 
LYS CD  HD3  sing N N 197 
LYS CE  NZ   sing N N 198 
LYS CE  HE2  sing N N 199 
LYS CE  HE3  sing N N 200 
LYS NZ  HZ1  sing N N 201 
LYS NZ  HZ2  sing N N 202 
LYS NZ  HZ3  sing N N 203 
LYS OXT HXT  sing N N 204 
MET N   CA   sing N N 205 
MET N   H    sing N N 206 
MET N   H2   sing N N 207 
MET CA  C    sing N N 208 
MET CA  CB   sing N N 209 
MET CA  HA   sing N N 210 
MET C   O    doub N N 211 
MET C   OXT  sing N N 212 
MET CB  CG   sing N N 213 
MET CB  HB2  sing N N 214 
MET CB  HB3  sing N N 215 
MET CG  SD   sing N N 216 
MET CG  HG2  sing N N 217 
MET CG  HG3  sing N N 218 
MET SD  CE   sing N N 219 
MET CE  HE1  sing N N 220 
MET CE  HE2  sing N N 221 
MET CE  HE3  sing N N 222 
MET OXT HXT  sing N N 223 
NAP PA  O1A  doub N N 224 
NAP PA  O2A  sing N N 225 
NAP PA  O5B  sing N N 226 
NAP PA  O3   sing N N 227 
NAP O2A HOA2 sing N N 228 
NAP O5B C5B  sing N N 229 
NAP C5B C4B  sing N N 230 
NAP C5B H51A sing N N 231 
NAP C5B H52A sing N N 232 
NAP C4B O4B  sing N N 233 
NAP C4B C3B  sing N N 234 
NAP C4B H4B  sing N N 235 
NAP O4B C1B  sing N N 236 
NAP C3B O3B  sing N N 237 
NAP C3B C2B  sing N N 238 
NAP C3B H3B  sing N N 239 
NAP O3B HO3A sing N N 240 
NAP C2B O2B  sing N N 241 
NAP C2B C1B  sing N N 242 
NAP C2B H2B  sing N N 243 
NAP O2B P2B  sing N N 244 
NAP C1B N9A  sing N N 245 
NAP C1B H1B  sing N N 246 
NAP N9A C8A  sing Y N 247 
NAP N9A C4A  sing Y N 248 
NAP C8A N7A  doub Y N 249 
NAP C8A H8A  sing N N 250 
NAP N7A C5A  sing Y N 251 
NAP C5A C6A  sing Y N 252 
NAP C5A C4A  doub Y N 253 
NAP C6A N6A  sing N N 254 
NAP C6A N1A  doub Y N 255 
NAP N6A H61A sing N N 256 
NAP N6A H62A sing N N 257 
NAP N1A C2A  sing Y N 258 
NAP C2A N3A  doub Y N 259 
NAP C2A H2A  sing N N 260 
NAP N3A C4A  sing Y N 261 
NAP O3  PN   sing N N 262 
NAP PN  O1N  doub N N 263 
NAP PN  O2N  sing N N 264 
NAP PN  O5D  sing N N 265 
NAP O5D C5D  sing N N 266 
NAP C5D C4D  sing N N 267 
NAP C5D H51N sing N N 268 
NAP C5D H52N sing N N 269 
NAP C4D O4D  sing N N 270 
NAP C4D C3D  sing N N 271 
NAP C4D H4D  sing N N 272 
NAP O4D C1D  sing N N 273 
NAP C3D O3D  sing N N 274 
NAP C3D C2D  sing N N 275 
NAP C3D H3D  sing N N 276 
NAP O3D HO3N sing N N 277 
NAP C2D O2D  sing N N 278 
NAP C2D C1D  sing N N 279 
NAP C2D H2D  sing N N 280 
NAP O2D HO2N sing N N 281 
NAP C1D N1N  sing N N 282 
NAP C1D H1D  sing N N 283 
NAP N1N C2N  sing Y N 284 
NAP N1N C6N  doub Y N 285 
NAP C2N C3N  doub Y N 286 
NAP C2N H2N  sing N N 287 
NAP C3N C7N  sing N N 288 
NAP C3N C4N  sing Y N 289 
NAP C7N O7N  doub N N 290 
NAP C7N N7N  sing N N 291 
NAP N7N H71N sing N N 292 
NAP N7N H72N sing N N 293 
NAP C4N C5N  doub Y N 294 
NAP C4N H4N  sing N N 295 
NAP C5N C6N  sing Y N 296 
NAP C5N H5N  sing N N 297 
NAP C6N H6N  sing N N 298 
NAP P2B O1X  doub N N 299 
NAP P2B O2X  sing N N 300 
NAP P2B O3X  sing N N 301 
NAP O2X HOP2 sing N N 302 
NAP O3X HOP3 sing N N 303 
PHE N   CA   sing N N 304 
PHE N   H    sing N N 305 
PHE N   H2   sing N N 306 
PHE CA  C    sing N N 307 
PHE CA  CB   sing N N 308 
PHE CA  HA   sing N N 309 
PHE C   O    doub N N 310 
PHE C   OXT  sing N N 311 
PHE CB  CG   sing N N 312 
PHE CB  HB2  sing N N 313 
PHE CB  HB3  sing N N 314 
PHE CG  CD1  doub Y N 315 
PHE CG  CD2  sing Y N 316 
PHE CD1 CE1  sing Y N 317 
PHE CD1 HD1  sing N N 318 
PHE CD2 CE2  doub Y N 319 
PHE CD2 HD2  sing N N 320 
PHE CE1 CZ   doub Y N 321 
PHE CE1 HE1  sing N N 322 
PHE CE2 CZ   sing Y N 323 
PHE CE2 HE2  sing N N 324 
PHE CZ  HZ   sing N N 325 
PHE OXT HXT  sing N N 326 
PRO N   CA   sing N N 327 
PRO N   CD   sing N N 328 
PRO N   H    sing N N 329 
PRO CA  C    sing N N 330 
PRO CA  CB   sing N N 331 
PRO CA  HA   sing N N 332 
PRO C   O    doub N N 333 
PRO C   OXT  sing N N 334 
PRO CB  CG   sing N N 335 
PRO CB  HB2  sing N N 336 
PRO CB  HB3  sing N N 337 
PRO CG  CD   sing N N 338 
PRO CG  HG2  sing N N 339 
PRO CG  HG3  sing N N 340 
PRO CD  HD2  sing N N 341 
PRO CD  HD3  sing N N 342 
PRO OXT HXT  sing N N 343 
SER N   CA   sing N N 344 
SER N   H    sing N N 345 
SER N   H2   sing N N 346 
SER CA  C    sing N N 347 
SER CA  CB   sing N N 348 
SER CA  HA   sing N N 349 
SER C   O    doub N N 350 
SER C   OXT  sing N N 351 
SER CB  OG   sing N N 352 
SER CB  HB2  sing N N 353 
SER CB  HB3  sing N N 354 
SER OG  HG   sing N N 355 
SER OXT HXT  sing N N 356 
THR N   CA   sing N N 357 
THR N   H    sing N N 358 
THR N   H2   sing N N 359 
THR CA  C    sing N N 360 
THR CA  CB   sing N N 361 
THR CA  HA   sing N N 362 
THR C   O    doub N N 363 
THR C   OXT  sing N N 364 
THR CB  OG1  sing N N 365 
THR CB  CG2  sing N N 366 
THR CB  HB   sing N N 367 
THR OG1 HG1  sing N N 368 
THR CG2 HG21 sing N N 369 
THR CG2 HG22 sing N N 370 
THR CG2 HG23 sing N N 371 
THR OXT HXT  sing N N 372 
TOP C1  N2   doub Y N 373 
TOP C1  C8   sing Y N 374 
TOP C1  H1   sing N N 375 
TOP N2  C3   sing Y N 376 
TOP C3  N4   sing N N 377 
TOP C3  N5   doub Y N 378 
TOP N4  HN41 sing N N 379 
TOP N4  HN42 sing N N 380 
TOP N5  C6   sing Y N 381 
TOP C6  N7   sing N N 382 
TOP C6  C8   doub Y N 383 
TOP N7  HN71 sing N N 384 
TOP N7  HN72 sing N N 385 
TOP C8  C9   sing N N 386 
TOP C9  C10  sing N N 387 
TOP C9  H91  sing N N 388 
TOP C9  H92  sing N N 389 
TOP C10 C11  doub Y N 390 
TOP C10 C21  sing Y N 391 
TOP C11 C12  sing Y N 392 
TOP C11 H11  sing N N 393 
TOP C12 O13  sing N N 394 
TOP C12 C15  doub Y N 395 
TOP O13 C14  sing N N 396 
TOP C14 H141 sing N N 397 
TOP C14 H142 sing N N 398 
TOP C14 H143 sing N N 399 
TOP C15 O16  sing N N 400 
TOP C15 C18  sing Y N 401 
TOP O16 C17  sing N N 402 
TOP C17 H171 sing N N 403 
TOP C17 H172 sing N N 404 
TOP C17 H173 sing N N 405 
TOP C18 O19  sing N N 406 
TOP C18 C21  doub Y N 407 
TOP O19 C20  sing N N 408 
TOP C20 H201 sing N N 409 
TOP C20 H202 sing N N 410 
TOP C20 H203 sing N N 411 
TOP C21 H21  sing N N 412 
TRP N   CA   sing N N 413 
TRP N   H    sing N N 414 
TRP N   H2   sing N N 415 
TRP CA  C    sing N N 416 
TRP CA  CB   sing N N 417 
TRP CA  HA   sing N N 418 
TRP C   O    doub N N 419 
TRP C   OXT  sing N N 420 
TRP CB  CG   sing N N 421 
TRP CB  HB2  sing N N 422 
TRP CB  HB3  sing N N 423 
TRP CG  CD1  doub Y N 424 
TRP CG  CD2  sing Y N 425 
TRP CD1 NE1  sing Y N 426 
TRP CD1 HD1  sing N N 427 
TRP CD2 CE2  doub Y N 428 
TRP CD2 CE3  sing Y N 429 
TRP NE1 CE2  sing Y N 430 
TRP NE1 HE1  sing N N 431 
TRP CE2 CZ2  sing Y N 432 
TRP CE3 CZ3  doub Y N 433 
TRP CE3 HE3  sing N N 434 
TRP CZ2 CH2  doub Y N 435 
TRP CZ2 HZ2  sing N N 436 
TRP CZ3 CH2  sing Y N 437 
TRP CZ3 HZ3  sing N N 438 
TRP CH2 HH2  sing N N 439 
TRP OXT HXT  sing N N 440 
TYR N   CA   sing N N 441 
TYR N   H    sing N N 442 
TYR N   H2   sing N N 443 
TYR CA  C    sing N N 444 
TYR CA  CB   sing N N 445 
TYR CA  HA   sing N N 446 
TYR C   O    doub N N 447 
TYR C   OXT  sing N N 448 
TYR CB  CG   sing N N 449 
TYR CB  HB2  sing N N 450 
TYR CB  HB3  sing N N 451 
TYR CG  CD1  doub Y N 452 
TYR CG  CD2  sing Y N 453 
TYR CD1 CE1  sing Y N 454 
TYR CD1 HD1  sing N N 455 
TYR CD2 CE2  doub Y N 456 
TYR CD2 HD2  sing N N 457 
TYR CE1 CZ   doub Y N 458 
TYR CE1 HE1  sing N N 459 
TYR CE2 CZ   sing Y N 460 
TYR CE2 HE2  sing N N 461 
TYR CZ  OH   sing N N 462 
TYR OH  HH   sing N N 463 
TYR OXT HXT  sing N N 464 
VAL N   CA   sing N N 465 
VAL N   H    sing N N 466 
VAL N   H2   sing N N 467 
VAL CA  C    sing N N 468 
VAL CA  CB   sing N N 469 
VAL CA  HA   sing N N 470 
VAL C   O    doub N N 471 
VAL C   OXT  sing N N 472 
VAL CB  CG1  sing N N 473 
VAL CB  CG2  sing N N 474 
VAL CB  HB   sing N N 475 
VAL CG1 HG11 sing N N 476 
VAL CG1 HG12 sing N N 477 
VAL CG1 HG13 sing N N 478 
VAL CG2 HG21 sing N N 479 
VAL CG2 HG22 sing N N 480 
VAL CG2 HG23 sing N N 481 
VAL OXT HXT  sing N N 482 
# 
_atom_sites.entry_id                    3FRB 
_atom_sites.fract_transf_matrix[1][1]   0.00834521 
_atom_sites.fract_transf_matrix[1][2]   -0.00448540 
_atom_sites.fract_transf_matrix[1][3]   -0.01108847 
_atom_sites.fract_transf_matrix[2][1]   0.00893511 
_atom_sites.fract_transf_matrix[2][2]   0.00940197 
_atom_sites.fract_transf_matrix[2][3]   -0.00667000 
_atom_sites.fract_transf_matrix[3][1]   0.00672883 
_atom_sites.fract_transf_matrix[3][2]   -0.00217727 
_atom_sites.fract_transf_matrix[3][3]   0.00594487 
_atom_sites.fract_transf_vector[1]      0.400404 
_atom_sites.fract_transf_vector[2]      0.172869 
_atom_sites.fract_transf_vector[3]      0.356635 
# 
loop_
_atom_type.symbol 
C 
N 
O 
P 
S 
# 
loop_
_atom_site.group_PDB 
_atom_site.id 
_atom_site.type_symbol 
_atom_site.label_atom_id 
_atom_site.label_alt_id 
_atom_site.label_comp_id 
_atom_site.label_asym_id 
_atom_site.label_entity_id 
_atom_site.label_seq_id 
_atom_site.pdbx_PDB_ins_code 
_atom_site.Cartn_x 
_atom_site.Cartn_y 
_atom_site.Cartn_z 
_atom_site.occupancy 
_atom_site.B_iso_or_equiv 
_atom_site.pdbx_formal_charge 
_atom_site.auth_seq_id 
_atom_site.auth_comp_id 
_atom_site.auth_asym_id 
_atom_site.auth_atom_id 
_atom_site.pdbx_PDB_model_num 
ATOM   1    N N   . THR A 1 1   ? -12.271 5.878   -8.442  1.00 28.38 ? 1   THR X N   1 
ATOM   2    C CA  . THR A 1 1   ? -11.958 5.288   -7.107  1.00 27.96 ? 1   THR X CA  1 
ATOM   3    C C   . THR A 1 1   ? -10.453 5.332   -6.803  1.00 26.32 ? 1   THR X C   1 
ATOM   4    O O   . THR A 1 1   ? -9.663  4.617   -7.419  1.00 26.91 ? 1   THR X O   1 
ATOM   5    C CB  . THR A 1 1   ? -12.459 3.848   -7.040  1.00 28.54 ? 1   THR X CB  1 
ATOM   6    O OG1 . THR A 1 1   ? -13.764 3.763   -7.635  1.00 30.47 ? 1   THR X OG1 1 
ATOM   7    C CG2 . THR A 1 1   ? -12.678 3.420   -5.601  1.00 28.86 ? 1   THR X CG2 1 
ATOM   8    N N   . LEU A 1 2   ? -10.075 6.178   -5.847  1.00 24.56 ? 2   LEU X N   1 
ATOM   9    C CA  . LEU A 1 2   ? -8.765  6.120   -5.200  1.00 22.80 ? 2   LEU X CA  1 
ATOM   10   C C   . LEU A 1 2   ? -8.755  5.445   -3.807  1.00 20.86 ? 2   LEU X C   1 
ATOM   11   O O   . LEU A 1 2   ? -9.471  5.874   -2.905  1.00 19.64 ? 2   LEU X O   1 
ATOM   12   C CB  . LEU A 1 2   ? -8.256  7.554   -5.070  1.00 23.33 ? 2   LEU X CB  1 
ATOM   13   C CG  . LEU A 1 2   ? -6.785  7.733   -4.708  1.00 23.88 ? 2   LEU X CG  1 
ATOM   14   C CD1 . LEU A 1 2   ? -5.901  7.391   -5.903  1.00 23.41 ? 2   LEU X CD1 1 
ATOM   15   C CD2 . LEU A 1 2   ? -6.537  9.158   -4.217  1.00 24.31 ? 2   LEU X CD2 1 
ATOM   16   N N   . SER A 1 3   ? -7.922  4.415   -3.626  1.00 19.16 ? 3   SER X N   1 
ATOM   17   C CA  . SER A 1 3   ? -7.794  3.742   -2.320  1.00 17.71 ? 3   SER X CA  1 
ATOM   18   C C   . SER A 1 3   ? -6.343  3.619   -1.845  1.00 16.37 ? 3   SER X C   1 
ATOM   19   O O   . SER A 1 3   ? -5.430  3.460   -2.656  1.00 16.38 ? 3   SER X O   1 
ATOM   20   C CB  . SER A 1 3   ? -8.397  2.334   -2.370  1.00 17.72 ? 3   SER X CB  1 
ATOM   21   O OG  . SER A 1 3   ? -9.636  2.309   -3.060  1.00 18.76 ? 3   SER X OG  1 
ATOM   22   N N   . ILE A 1 4   ? -6.138  3.652   -0.531  1.00 14.37 ? 4   ILE X N   1 
ATOM   23   C CA  . ILE A 1 4   ? -4.862  3.232   0.048   1.00 12.39 ? 4   ILE X CA  1 
ATOM   24   C C   . ILE A 1 4   ? -4.811  1.713   0.248   1.00 12.05 ? 4   ILE X C   1 
ATOM   25   O O   . ILE A 1 4   ? -5.801  1.085   0.633   1.00 12.37 ? 4   ILE X O   1 
ATOM   26   C CB  . ILE A 1 4   ? -4.596  3.982   1.369   1.00 12.26 ? 4   ILE X CB  1 
ATOM   27   C CG1 . ILE A 1 4   ? -3.830  5.283   1.101   1.00 12.51 ? 4   ILE X CG1 1 
ATOM   28   C CG2 . ILE A 1 4   ? -3.807  3.120   2.326   1.00 12.12 ? 4   ILE X CG2 1 
ATOM   29   C CD1 . ILE A 1 4   ? -3.870  6.264   2.247   1.00 12.81 ? 4   ILE X CD1 1 
ATOM   30   N N   . LEU A 1 5   ? -3.659  1.127   -0.069  1.00 11.08 ? 5   LEU X N   1 
ATOM   31   C CA  . LEU A 1 5   ? -3.379  -0.270  0.198   1.00 11.79 ? 5   LEU X CA  1 
ATOM   32   C C   . LEU A 1 5   ? -2.075  -0.378  0.985   1.00 11.76 ? 5   LEU X C   1 
ATOM   33   O O   . LEU A 1 5   ? -1.001  -0.074  0.464   1.00 10.30 ? 5   LEU X O   1 
ATOM   34   C CB  . LEU A 1 5   ? -3.257  -1.037  -1.120  1.00 12.34 ? 5   LEU X CB  1 
ATOM   35   C CG  . LEU A 1 5   ? -3.075  -2.554  -1.098  1.00 13.05 ? 5   LEU X CG  1 
ATOM   36   C CD1 . LEU A 1 5   ? -4.191  -3.269  -0.350  1.00 13.01 ? 5   LEU X CD1 1 
ATOM   37   C CD2 . LEU A 1 5   ? -2.986  -3.086  -2.539  1.00 13.64 ? 5   LEU X CD2 1 
ATOM   38   N N   . VAL A 1 6   ? -2.172  -0.812  2.237   1.00 11.12 ? 6   VAL X N   1 
ATOM   39   C CA  . VAL A 1 6   ? -1.033  -0.760  3.157   1.00 11.01 ? 6   VAL X CA  1 
ATOM   40   C C   . VAL A 1 6   ? -1.104  -1.900  4.192   1.00 10.97 ? 6   VAL X C   1 
ATOM   41   O O   . VAL A 1 6   ? -2.194  -2.325  4.616   1.00 10.74 ? 6   VAL X O   1 
ATOM   42   C CB  . VAL A 1 6   ? -0.940  0.640   3.872   1.00 11.09 ? 6   VAL X CB  1 
ATOM   43   C CG1 . VAL A 1 6   ? -2.135  0.880   4.804   1.00 11.32 ? 6   VAL X CG1 1 
ATOM   44   C CG2 . VAL A 1 6   ? 0.351   0.779   4.662   1.00 11.09 ? 6   VAL X CG2 1 
ATOM   45   N N   . ALA A 1 7   ? 0.067   -2.406  4.579   1.00 10.75 ? 7   ALA X N   1 
ATOM   46   C CA  . ALA A 1 7   ? 0.209   -3.219  5.776   1.00 10.75 ? 7   ALA X CA  1 
ATOM   47   C C   . ALA A 1 7   ? 1.060   -2.480  6.799   1.00 10.79 ? 7   ALA X C   1 
ATOM   48   O O   . ALA A 1 7   ? 2.096   -1.888  6.478   1.00 10.18 ? 7   ALA X O   1 
ATOM   49   C CB  . ALA A 1 7   ? 0.829   -4.574  5.432   1.00 10.52 ? 7   ALA X CB  1 
ATOM   50   N N   . HIS A 1 8   ? 0.596   -2.463  8.038   1.00 10.61 ? 8   HIS X N   1 
ATOM   51   C CA  . HIS A 1 8   ? 1.349   -1.805  9.083   1.00 10.88 ? 8   HIS X CA  1 
ATOM   52   C C   . HIS A 1 8   ? 1.091   -2.497  10.404  1.00 11.15 ? 8   HIS X C   1 
ATOM   53   O O   . HIS A 1 8   ? 0.088   -3.208  10.568  1.00 9.57  ? 8   HIS X O   1 
ATOM   54   C CB  . HIS A 1 8   ? 1.021   -0.318  9.130   1.00 12.08 ? 8   HIS X CB  1 
ATOM   55   C CG  . HIS A 1 8   ? -0.239  0.016   9.873   1.00 12.33 ? 8   HIS X CG  1 
ATOM   56   N ND1 . HIS A 1 8   ? -0.425  -0.295  11.199  1.00 11.78 ? 8   HIS X ND1 1 
ATOM   57   C CD2 . HIS A 1 8   ? -1.372  0.640   9.471   1.00 12.67 ? 8   HIS X CD2 1 
ATOM   58   C CE1 . HIS A 1 8   ? -1.614  0.126   11.588  1.00 12.44 ? 8   HIS X CE1 1 
ATOM   59   N NE2 . HIS A 1 8   ? -2.205  0.709   10.561  1.00 13.33 ? 8   HIS X NE2 1 
ATOM   60   N N   . ASP A 1 9   ? 2.032   -2.325  11.325  1.00 11.28 ? 9   ASP X N   1 
ATOM   61   C CA  . ASP A 1 9   ? 1.998   -3.071  12.571  1.00 10.47 ? 9   ASP X CA  1 
ATOM   62   C C   . ASP A 1 9   ? 1.379   -2.209  13.668  1.00 10.87 ? 9   ASP X C   1 
ATOM   63   O O   . ASP A 1 9   ? 0.784   -1.169  13.376  1.00 10.62 ? 9   ASP X O   1 
ATOM   64   C CB  . ASP A 1 9   ? 3.398   -3.606  12.922  1.00 9.47  ? 9   ASP X CB  1 
ATOM   65   C CG  . ASP A 1 9   ? 4.308   -2.565  13.579  1.00 9.38  ? 9   ASP X CG  1 
ATOM   66   O OD1 . ASP A 1 9   ? 3.926   -1.394  13.734  1.00 9.02  ? 9   ASP X OD1 1 
ATOM   67   O OD2 . ASP A 1 9   ? 5.448   -2.865  13.976  1.00 9.04  ? 9   ASP X OD2 1 
ATOM   68   N N   . LEU A 1 10  ? 1.487   -2.660  14.912  1.00 10.70 ? 10  LEU X N   1 
ATOM   69   C CA  . LEU A 1 10  ? 0.755   -2.038  16.011  1.00 11.67 ? 10  LEU X CA  1 
ATOM   70   C C   . LEU A 1 10  ? 1.234   -0.604  16.247  1.00 12.10 ? 10  LEU X C   1 
ATOM   71   O O   . LEU A 1 10  ? 0.517   0.202   16.834  1.00 11.99 ? 10  LEU X O   1 
ATOM   72   C CB  . LEU A 1 10  ? 0.906   -2.865  17.292  1.00 11.46 ? 10  LEU X CB  1 
ATOM   73   C CG  . LEU A 1 10  ? 0.257   -4.254  17.231  1.00 12.08 ? 10  LEU X CG  1 
ATOM   74   C CD1 . LEU A 1 10  ? 0.734   -5.130  18.370  1.00 12.29 ? 10  LEU X CD1 1 
ATOM   75   C CD2 . LEU A 1 10  ? -1.251  -4.128  17.235  1.00 13.02 ? 10  LEU X CD2 1 
ATOM   76   N N   . GLN A 1 11  ? 2.444   -0.277  15.806  1.00 12.55 ? 11  GLN X N   1 
ATOM   77   C CA  . GLN A 1 11  ? 2.928   1.093   15.976  1.00 13.46 ? 11  GLN X CA  1 
ATOM   78   C C   . GLN A 1 11  ? 3.069   1.814   14.630  1.00 12.40 ? 11  GLN X C   1 
ATOM   79   O O   . GLN A 1 11  ? 3.751   2.835   14.527  1.00 12.15 ? 11  GLN X O   1 
ATOM   80   C CB  . GLN A 1 11  ? 4.230   1.119   16.800  1.00 14.72 ? 11  GLN X CB  1 
ATOM   81   C CG  . GLN A 1 11  ? 4.192   0.195   18.027  1.00 16.85 ? 11  GLN X CG  1 
ATOM   82   C CD  . GLN A 1 11  ? 5.481   0.200   18.819  1.00 18.08 ? 11  GLN X CD  1 
ATOM   83   O OE1 . GLN A 1 11  ? 5.508   0.685   19.955  1.00 20.76 ? 11  GLN X OE1 1 
ATOM   84   N NE2 . GLN A 1 11  ? 6.547   -0.309  18.230  1.00 18.35 ? 11  GLN X NE2 1 
ATOM   85   N N   . ARG A 1 12  ? 2.410   1.258   13.613  1.00 12.97 ? 12  ARG X N   1 
ATOM   86   C CA  . ARG A 1 12  ? 2.289   1.849   12.273  1.00 12.09 ? 12  ARG X CA  1 
ATOM   87   C C   . ARG A 1 12  ? 3.580   1.793   11.453  1.00 11.81 ? 12  ARG X C   1 
ATOM   88   O O   . ARG A 1 12  ? 3.723   2.534   10.479  1.00 11.59 ? 12  ARG X O   1 
ATOM   89   C CB  . ARG A 1 12  ? 1.801   3.282   12.352  1.00 13.50 ? 12  ARG X CB  1 
ATOM   90   C CG  . ARG A 1 12  ? 0.291   3.411   12.312  1.00 15.07 ? 12  ARG X CG  1 
ATOM   91   C CD  . ARG A 1 12  ? -0.213  4.822   12.553  1.00 16.21 ? 12  ARG X CD  1 
ATOM   92   N NE  . ARG A 1 12  ? 0.265   5.344   13.823  1.00 17.55 ? 12  ARG X NE  1 
ATOM   93   C CZ  . ARG A 1 12  ? 1.358   6.085   13.988  1.00 18.68 ? 12  ARG X CZ  1 
ATOM   94   N NH1 . ARG A 1 12  ? 2.128   6.452   12.955  1.00 18.33 ? 12  ARG X NH1 1 
ATOM   95   N NH2 . ARG A 1 12  ? 1.673   6.479   15.214  1.00 20.17 ? 12  ARG X NH2 1 
ATOM   96   N N   . VAL A 1 13  ? 4.495   0.906   11.829  1.00 10.38 ? 13  VAL X N   1 
ATOM   97   C CA  . VAL A 1 13  ? 5.638   0.553   10.990  1.00 10.31 ? 13  VAL X CA  1 
ATOM   98   C C   . VAL A 1 13  ? 5.167   -0.072  9.682   1.00 10.04 ? 13  VAL X C   1 
ATOM   99   O O   . VAL A 1 13  ? 4.312   -0.937  9.693   1.00 8.67  ? 13  VAL X O   1 
ATOM   100  C CB  . VAL A 1 13  ? 6.584   -0.448  11.705  1.00 10.46 ? 13  VAL X CB  1 
ATOM   101  C CG1 . VAL A 1 13  ? 7.620   -0.991  10.738  1.00 10.72 ? 13  VAL X CG1 1 
ATOM   102  C CG2 . VAL A 1 13  ? 7.281   0.215   12.898  1.00 10.53 ? 13  VAL X CG2 1 
ATOM   103  N N   . ILE A 1 14  ? 5.727   0.379   8.561   1.00 10.13 ? 14  ILE X N   1 
ATOM   104  C CA  . ILE A 1 14  ? 5.444   -0.247  7.273   1.00 9.34  ? 14  ILE X CA  1 
ATOM   105  C C   . ILE A 1 14  ? 6.702   -0.802  6.606   1.00 9.86  ? 14  ILE X C   1 
ATOM   106  O O   . ILE A 1 14  ? 6.610   -1.533  5.625   1.00 9.16  ? 14  ILE X O   1 
ATOM   107  C CB  . ILE A 1 14  ? 4.737   0.759   6.316   1.00 9.35  ? 14  ILE X CB  1 
ATOM   108  C CG1 . ILE A 1 14  ? 5.601   2.011   6.086   1.00 9.71  ? 14  ILE X CG1 1 
ATOM   109  C CG2 . ILE A 1 14  ? 3.367   1.147   6.867   1.00 8.92  ? 14  ILE X CG2 1 
ATOM   110  C CD1 . ILE A 1 14  ? 5.216   2.842   4.850   1.00 10.39 ? 14  ILE X CD1 1 
ATOM   111  N N   . GLY A 1 15  ? 7.874   -0.426  7.113   1.00 10.56 ? 15  GLY X N   1 
ATOM   112  C CA  . GLY A 1 15  ? 9.106   -0.611  6.359   1.00 11.74 ? 15  GLY X CA  1 
ATOM   113  C C   . GLY A 1 15  ? 10.362  -0.624  7.224   1.00 11.63 ? 15  GLY X C   1 
ATOM   114  O O   . GLY A 1 15  ? 10.435  0.061   8.258   1.00 10.39 ? 15  GLY X O   1 
ATOM   115  N N   . PHE A 1 16  ? 11.336  -1.433  6.814   1.00 12.23 ? 16  PHE X N   1 
ATOM   116  C CA  . PHE A 1 16  ? 12.685  -1.364  7.378   1.00 13.65 ? 16  PHE X CA  1 
ATOM   117  C C   . PHE A 1 16  ? 13.730  -1.656  6.303   1.00 14.12 ? 16  PHE X C   1 
ATOM   118  O O   . PHE A 1 16  ? 13.715  -2.712  5.684   1.00 13.22 ? 16  PHE X O   1 
ATOM   119  C CB  . PHE A 1 16  ? 12.844  -2.352  8.542   1.00 13.55 ? 16  PHE X CB  1 
ATOM   120  C CG  . PHE A 1 16  ? 14.157  -2.221  9.281   1.00 13.90 ? 16  PHE X CG  1 
ATOM   121  C CD1 . PHE A 1 16  ? 15.063  -3.270  9.285   1.00 14.03 ? 16  PHE X CD1 1 
ATOM   122  C CD2 . PHE A 1 16  ? 14.486  -1.056  9.961   1.00 13.33 ? 16  PHE X CD2 1 
ATOM   123  C CE1 . PHE A 1 16  ? 16.266  -3.168  9.957   1.00 14.47 ? 16  PHE X CE1 1 
ATOM   124  C CE2 . PHE A 1 16  ? 15.698  -0.942  10.650  1.00 14.12 ? 16  PHE X CE2 1 
ATOM   125  C CZ  . PHE A 1 16  ? 16.593  -1.999  10.642  1.00 14.67 ? 16  PHE X CZ  1 
ATOM   126  N N   . GLU A 1 17  ? 14.637  -0.709  6.107   1.00 15.02 ? 17  GLU X N   1 
ATOM   127  C CA  . GLU A 1 17  ? 15.740  -0.867  5.170   1.00 16.13 ? 17  GLU X CA  1 
ATOM   128  C C   . GLU A 1 17  ? 15.218  -1.329  3.817   1.00 16.52 ? 17  GLU X C   1 
ATOM   129  O O   . GLU A 1 17  ? 15.694  -2.308  3.250   1.00 17.57 ? 17  GLU X O   1 
ATOM   130  C CB  . GLU A 1 17  ? 16.776  -1.827  5.737   1.00 16.26 ? 17  GLU X CB  1 
ATOM   131  C CG  . GLU A 1 17  ? 17.397  -1.341  7.039   1.00 17.04 ? 17  GLU X CG  1 
ATOM   132  C CD  . GLU A 1 17  ? 18.646  -2.117  7.405   1.00 17.71 ? 17  GLU X CD  1 
ATOM   133  O OE1 . GLU A 1 17  ? 18.649  -3.350  7.220   1.00 18.36 ? 17  GLU X OE1 1 
ATOM   134  O OE2 . GLU A 1 17  ? 19.624  -1.496  7.862   1.00 19.18 ? 17  GLU X OE2 1 
ATOM   135  N N   . ASN A 1 18  ? 14.215  -0.604  3.341   1.00 17.55 ? 18  ASN X N   1 
ATOM   136  C CA  . ASN A 1 18  ? 13.643  -0.742  2.006   1.00 19.16 ? 18  ASN X CA  1 
ATOM   137  C C   . ASN A 1 18  ? 13.015  -2.101  1.747   1.00 18.63 ? 18  ASN X C   1 
ATOM   138  O O   . ASN A 1 18  ? 12.848  -2.500  0.603   1.00 18.70 ? 18  ASN X O   1 
ATOM   139  C CB  . ASN A 1 18  ? 14.670  -0.391  0.918   1.00 20.03 ? 18  ASN X CB  1 
ATOM   140  C CG  . ASN A 1 18  ? 14.884  1.102   0.787   1.00 21.04 ? 18  ASN X CG  1 
ATOM   141  O OD1 . ASN A 1 18  ? 14.032  1.902   1.174   1.00 23.35 ? 18  ASN X OD1 1 
ATOM   142  N ND2 . ASN A 1 18  ? 16.024  1.489   0.247   1.00 22.56 ? 18  ASN X ND2 1 
ATOM   143  N N   . GLN A 1 19  ? 12.630  -2.787  2.813   1.00 18.69 ? 19  GLN X N   1 
ATOM   144  C CA  . GLN A 1 19  ? 11.880  -4.029  2.692   1.00 19.05 ? 19  GLN X CA  1 
ATOM   145  C C   . GLN A 1 19  ? 10.736  -4.072  3.695   1.00 17.27 ? 19  GLN X C   1 
ATOM   146  O O   . GLN A 1 19  ? 10.660  -3.233  4.588   1.00 15.76 ? 19  GLN X O   1 
ATOM   147  C CB  . GLN A 1 19  ? 12.804  -5.234  2.887   1.00 21.01 ? 19  GLN X CB  1 
ATOM   148  C CG  . GLN A 1 19  ? 13.990  -5.244  1.928   1.00 23.02 ? 19  GLN X CG  1 
ATOM   149  C CD  . GLN A 1 19  ? 13.590  -5.518  0.488   1.00 24.87 ? 19  GLN X CD  1 
ATOM   150  O OE1 . GLN A 1 19  ? 14.044  -4.834  -0.445  1.00 27.12 ? 19  GLN X OE1 1 
ATOM   151  N NE2 . GLN A 1 19  ? 12.746  -6.525  0.295   1.00 27.15 ? 19  GLN X NE2 1 
ATOM   152  N N   . LEU A 1 20  ? 9.841   -5.046  3.537   1.00 15.79 ? 20  LEU X N   1 
ATOM   153  C CA  . LEU A 1 20  ? 8.830   -5.327  4.557   1.00 14.85 ? 20  LEU X CA  1 
ATOM   154  C C   . LEU A 1 20  ? 9.507   -5.976  5.750   1.00 14.80 ? 20  LEU X C   1 
ATOM   155  O O   . LEU A 1 20  ? 10.333  -6.857  5.564   1.00 14.34 ? 20  LEU X O   1 
ATOM   156  C CB  . LEU A 1 20  ? 7.755   -6.267  3.986   1.00 14.52 ? 20  LEU X CB  1 
ATOM   157  C CG  . LEU A 1 20  ? 6.931   -5.727  2.819   1.00 14.47 ? 20  LEU X CG  1 
ATOM   158  C CD1 . LEU A 1 20  ? 6.074   -6.826  2.160   1.00 14.37 ? 20  LEU X CD1 1 
ATOM   159  C CD2 . LEU A 1 20  ? 6.050   -4.604  3.339   1.00 14.59 ? 20  LEU X CD2 1 
ATOM   160  N N   . PRO A 1 21  ? 9.184   -5.553  6.974   1.00 15.00 ? 21  PRO X N   1 
ATOM   161  C CA  . PRO A 1 21  ? 9.804   -6.140  8.171   1.00 14.43 ? 21  PRO X CA  1 
ATOM   162  C C   . PRO A 1 21  ? 9.382   -7.568  8.460   1.00 14.99 ? 21  PRO X C   1 
ATOM   163  O O   . PRO A 1 21  ? 10.080  -8.257  9.204   1.00 14.57 ? 21  PRO X O   1 
ATOM   164  C CB  . PRO A 1 21  ? 9.316   -5.224  9.302   1.00 14.35 ? 21  PRO X CB  1 
ATOM   165  C CG  . PRO A 1 21  ? 8.883   -4.000  8.633   1.00 14.26 ? 21  PRO X CG  1 
ATOM   166  C CD  . PRO A 1 21  ? 8.262   -4.464  7.332   1.00 14.46 ? 21  PRO X CD  1 
ATOM   167  N N   . TRP A 1 22  ? 8.249   -7.991  7.906   1.00 14.80 ? 22  TRP X N   1 
ATOM   168  C CA  . TRP A 1 22  ? 7.643   -9.279  8.236   1.00 14.74 ? 22  TRP X CA  1 
ATOM   169  C C   . TRP A 1 22  ? 7.604   -10.171 6.997   1.00 16.06 ? 22  TRP X C   1 
ATOM   170  O O   . TRP A 1 22  ? 7.631   -9.693  5.866   1.00 16.28 ? 22  TRP X O   1 
ATOM   171  C CB  . TRP A 1 22  ? 6.211   -9.092  8.751   1.00 13.52 ? 22  TRP X CB  1 
ATOM   172  C CG  . TRP A 1 22  ? 5.466   -8.089  7.938   1.00 13.02 ? 22  TRP X CG  1 
ATOM   173  C CD1 . TRP A 1 22  ? 4.882   -8.287  6.716   1.00 12.65 ? 22  TRP X CD1 1 
ATOM   174  C CD2 . TRP A 1 22  ? 5.277   -6.712  8.252   1.00 12.17 ? 22  TRP X CD2 1 
ATOM   175  N NE1 . TRP A 1 22  ? 4.327   -7.117  6.261   1.00 12.35 ? 22  TRP X NE1 1 
ATOM   176  C CE2 . TRP A 1 22  ? 4.547   -6.133  7.191   1.00 12.44 ? 22  TRP X CE2 1 
ATOM   177  C CE3 . TRP A 1 22  ? 5.621   -5.909  9.340   1.00 12.04 ? 22  TRP X CE3 1 
ATOM   178  C CZ2 . TRP A 1 22  ? 4.169   -4.802  7.189   1.00 11.03 ? 22  TRP X CZ2 1 
ATOM   179  C CZ3 . TRP A 1 22  ? 5.243   -4.581  9.329   1.00 11.89 ? 22  TRP X CZ3 1 
ATOM   180  C CH2 . TRP A 1 22  ? 4.537   -4.040  8.261   1.00 11.77 ? 22  TRP X CH2 1 
ATOM   181  N N   . HIS A 1 23  ? 7.538   -11.471 7.224   1.00 17.63 ? 23  HIS X N   1 
ATOM   182  C CA  . HIS A 1 23  ? 7.219   -12.425 6.173   1.00 18.52 ? 23  HIS X CA  1 
ATOM   183  C C   . HIS A 1 23  ? 5.778   -12.896 6.361   1.00 17.95 ? 23  HIS X C   1 
ATOM   184  O O   . HIS A 1 23  ? 5.459   -13.530 7.367   1.00 17.50 ? 23  HIS X O   1 
ATOM   185  C CB  . HIS A 1 23  ? 8.194   -13.602 6.234   1.00 19.84 ? 23  HIS X CB  1 
ATOM   186  C CG  . HIS A 1 23  ? 7.952   -14.655 5.195   1.00 22.07 ? 23  HIS X CG  1 
ATOM   187  N ND1 . HIS A 1 23  ? 7.951   -14.389 3.842   1.00 23.25 ? 23  HIS X ND1 1 
ATOM   188  C CD2 . HIS A 1 23  ? 7.719   -15.984 5.315   1.00 23.55 ? 23  HIS X CD2 1 
ATOM   189  C CE1 . HIS A 1 23  ? 7.722   -15.506 3.174   1.00 23.90 ? 23  HIS X CE1 1 
ATOM   190  N NE2 . HIS A 1 23  ? 7.581   -16.491 4.044   1.00 24.03 ? 23  HIS X NE2 1 
ATOM   191  N N   . LEU A 1 24  ? 4.915   -12.564 5.400   1.00 16.87 ? 24  LEU X N   1 
ATOM   192  C CA  . LEU A 1 24  ? 3.486   -12.835 5.502   1.00 17.57 ? 24  LEU X CA  1 
ATOM   193  C C   . LEU A 1 24  ? 2.859   -13.110 4.130   1.00 17.29 ? 24  LEU X C   1 
ATOM   194  O O   . LEU A 1 24  ? 2.224   -12.237 3.557   1.00 16.03 ? 24  LEU X O   1 
ATOM   195  C CB  . LEU A 1 24  ? 2.763   -11.647 6.145   1.00 18.39 ? 24  LEU X CB  1 
ATOM   196  C CG  . LEU A 1 24  ? 1.442   -12.002 6.832   1.00 18.81 ? 24  LEU X CG  1 
ATOM   197  C CD1 . LEU A 1 24  ? 1.647   -13.179 7.760   1.00 19.07 ? 24  LEU X CD1 1 
ATOM   198  C CD2 . LEU A 1 24  ? 0.845   -10.811 7.589   1.00 18.96 ? 24  LEU X CD2 1 
ATOM   199  N N   . PRO A 1 25  ? 3.047   -14.321 3.609   1.00 17.42 ? 25  PRO X N   1 
ATOM   200  C CA  . PRO A 1 25  ? 2.575   -14.677 2.269   1.00 17.91 ? 25  PRO X CA  1 
ATOM   201  C C   . PRO A 1 25  ? 1.130   -14.260 2.041   1.00 18.02 ? 25  PRO X C   1 
ATOM   202  O O   . PRO A 1 25  ? 0.775   -13.772 0.968   1.00 18.17 ? 25  PRO X O   1 
ATOM   203  C CB  . PRO A 1 25  ? 2.695   -16.201 2.261   1.00 17.93 ? 25  PRO X CB  1 
ATOM   204  C CG  . PRO A 1 25  ? 3.880   -16.452 3.114   1.00 17.68 ? 25  PRO X CG  1 
ATOM   205  C CD  . PRO A 1 25  ? 3.749   -15.441 4.257   1.00 17.36 ? 25  PRO X CD  1 
ATOM   206  N N   . ASN A 1 26  ? 0.310   -14.443 3.068   1.00 18.26 ? 26  ASN X N   1 
ATOM   207  C CA  . ASN A 1 26  ? -1.106  -14.114 2.993   1.00 18.85 ? 26  ASN X CA  1 
ATOM   208  C C   . ASN A 1 26  ? -1.433  -12.642 2.754   1.00 18.39 ? 26  ASN X C   1 
ATOM   209  O O   . ASN A 1 26  ? -2.419  -12.324 2.096   1.00 17.59 ? 26  ASN X O   1 
ATOM   210  C CB  . ASN A 1 26  ? -1.806  -14.584 4.257   1.00 20.47 ? 26  ASN X CB  1 
ATOM   211  C CG  . ASN A 1 26  ? -2.910  -15.549 3.961   1.00 21.74 ? 26  ASN X CG  1 
ATOM   212  O OD1 . ASN A 1 26  ? -3.937  -15.176 3.383   1.00 23.77 ? 26  ASN X OD1 1 
ATOM   213  N ND2 . ASN A 1 26  ? -2.713  -16.804 4.338   1.00 21.65 ? 26  ASN X ND2 1 
ATOM   214  N N   . ASP A 1 27  ? -0.619  -11.733 3.268   1.00 17.72 ? 27  ASP X N   1 
ATOM   215  C CA  . ASP A 1 27  ? -0.876  -10.332 2.983   1.00 18.34 ? 27  ASP X CA  1 
ATOM   216  C C   . ASP A 1 27  ? -0.607  -10.067 1.504   1.00 17.55 ? 27  ASP X C   1 
ATOM   217  O O   . ASP A 1 27  ? -1.300  -9.276  0.862   1.00 16.86 ? 27  ASP X O   1 
ATOM   218  C CB  . ASP A 1 27  ? -0.037  -9.403  3.867   1.00 18.90 ? 27  ASP X CB  1 
ATOM   219  C CG  . ASP A 1 27  ? -0.087  -7.971  3.400   1.00 19.17 ? 27  ASP X CG  1 
ATOM   220  O OD1 . ASP A 1 27  ? 0.956   -7.473  2.930   1.00 19.99 ? 27  ASP X OD1 1 
ATOM   221  O OD2 . ASP A 1 27  ? -1.123  -7.270  3.441   1.00 19.25 ? 27  ASP X OD2 1 
ATOM   222  N N   . LEU A 1 28  ? 0.393   -10.740 0.953   1.00 18.06 ? 28  LEU X N   1 
ATOM   223  C CA  . LEU A 1 28  ? 0.752   -10.496 -0.434  1.00 18.98 ? 28  LEU X CA  1 
ATOM   224  C C   . LEU A 1 28  ? -0.288  -11.096 -1.396  1.00 18.68 ? 28  LEU X C   1 
ATOM   225  O O   . LEU A 1 28  ? -0.592  -10.512 -2.432  1.00 18.20 ? 28  LEU X O   1 
ATOM   226  C CB  . LEU A 1 28  ? 2.154   -11.027 -0.720  1.00 19.82 ? 28  LEU X CB  1 
ATOM   227  C CG  . LEU A 1 28  ? 3.292   -10.190 -0.108  1.00 20.46 ? 28  LEU X CG  1 
ATOM   228  C CD1 . LEU A 1 28  ? 4.626   -10.824 -0.513  1.00 21.32 ? 28  LEU X CD1 1 
ATOM   229  C CD2 . LEU A 1 28  ? 3.224   -8.711  -0.508  1.00 20.70 ? 28  LEU X CD2 1 
ATOM   230  N N   . LYS A 1 29  ? -0.842  -12.247 -1.039  1.00 18.54 ? 29  LYS X N   1 
ATOM   231  C CA  . LYS A 1 29  ? -2.015  -12.780 -1.724  1.00 19.10 ? 29  LYS X CA  1 
ATOM   232  C C   . LYS A 1 29  ? -3.209  -11.821 -1.640  1.00 18.67 ? 29  LYS X C   1 
ATOM   233  O O   . LYS A 1 29  ? -3.894  -11.557 -2.638  1.00 16.82 ? 29  LYS X O   1 
ATOM   234  C CB  . LYS A 1 29  ? -2.380  -14.134 -1.111  1.00 20.36 ? 29  LYS X CB  1 
ATOM   235  C CG  . LYS A 1 29  ? -3.620  -14.780 -1.707  1.00 21.93 ? 29  LYS X CG  1 
ATOM   236  C CD  . LYS A 1 29  ? -3.750  -16.255 -1.292  1.00 23.06 ? 29  LYS X CD  1 
ATOM   237  C CE  . LYS A 1 29  ? -3.327  -17.191 -2.426  1.00 24.23 ? 29  LYS X CE  1 
ATOM   238  N NZ  . LYS A 1 29  ? -3.419  -18.650 -2.065  1.00 24.96 ? 29  LYS X NZ  1 
ATOM   239  N N   . HIS A 1 30  ? -3.443  -11.285 -0.447  1.00 18.78 ? 30  HIS X N   1 
ATOM   240  C CA  . HIS A 1 30  ? -4.445  -10.243 -0.257  1.00 19.59 ? 30  HIS X CA  1 
ATOM   241  C C   . HIS A 1 30  ? -4.216  -9.102  -1.247  1.00 19.24 ? 30  HIS X C   1 
ATOM   242  O O   . HIS A 1 30  ? -5.149  -8.599  -1.866  1.00 18.54 ? 30  HIS X O   1 
ATOM   243  C CB  . HIS A 1 30  ? -4.389  -9.714  1.178   1.00 20.09 ? 30  HIS X CB  1 
ATOM   244  C CG  . HIS A 1 30  ? -5.451  -8.710  1.493   1.00 21.16 ? 30  HIS X CG  1 
ATOM   245  N ND1 . HIS A 1 30  ? -5.290  -7.367  1.244   1.00 22.65 ? 30  HIS X ND1 1 
ATOM   246  C CD2 . HIS A 1 30  ? -6.688  -8.849  2.027   1.00 21.82 ? 30  HIS X CD2 1 
ATOM   247  C CE1 . HIS A 1 30  ? -6.377  -6.716  1.619   1.00 22.53 ? 30  HIS X CE1 1 
ATOM   248  N NE2 . HIS A 1 30  ? -7.242  -7.592  2.095   1.00 22.36 ? 30  HIS X NE2 1 
ATOM   249  N N   . VAL A 1 31  ? -2.960  -8.706  -1.397  1.00 19.08 ? 31  VAL X N   1 
ATOM   250  C CA  . VAL A 1 31  ? -2.607  -7.600  -2.279  1.00 18.94 ? 31  VAL X CA  1 
ATOM   251  C C   . VAL A 1 31  ? -2.885  -7.964  -3.731  1.00 19.84 ? 31  VAL X C   1 
ATOM   252  O O   . VAL A 1 31  ? -3.455  -7.174  -4.482  1.00 19.05 ? 31  VAL X O   1 
ATOM   253  C CB  . VAL A 1 31  ? -1.128  -7.246  -2.129  1.00 18.38 ? 31  VAL X CB  1 
ATOM   254  C CG1 . VAL A 1 31  ? -0.590  -6.608  -3.409  1.00 18.33 ? 31  VAL X CG1 1 
ATOM   255  C CG2 . VAL A 1 31  ? -0.933  -6.289  -0.960  1.00 18.46 ? 31  VAL X CG2 1 
ATOM   256  N N   . LYS A 1 32  ? -2.461  -9.163  -4.113  1.00 21.21 ? 32  LYS X N   1 
ATOM   257  C CA  . LYS A 1 32  ? -2.673  -9.675  -5.458  1.00 21.94 ? 32  LYS X CA  1 
ATOM   258  C C   . LYS A 1 32  ? -4.155  -9.649  -5.793  1.00 22.17 ? 32  LYS X C   1 
ATOM   259  O O   . LYS A 1 32  ? -4.552  -9.135  -6.835  1.00 21.72 ? 32  LYS X O   1 
ATOM   260  C CB  . LYS A 1 32  ? -2.141  -11.102 -5.562  1.00 22.81 ? 32  LYS X CB  1 
ATOM   261  C CG  . LYS A 1 32  ? -1.862  -11.569 -6.988  1.00 23.80 ? 32  LYS X CG  1 
ATOM   262  C CD  . LYS A 1 32  ? -1.933  -13.085 -7.086  1.00 24.48 ? 32  LYS X CD  1 
ATOM   263  C CE  . LYS A 1 32  ? -0.938  -13.648 -8.095  1.00 25.53 ? 32  LYS X CE  1 
ATOM   264  N NZ  . LYS A 1 32  ? -1.192  -15.128 -8.317  1.00 25.99 ? 32  LYS X NZ  1 
ATOM   265  N N   . LYS A 1 33  ? -4.967  -10.202 -4.896  1.00 22.59 ? 33  LYS X N   1 
ATOM   266  C CA  . LYS A 1 33  ? -6.406  -10.318 -5.129  1.00 23.31 ? 33  LYS X CA  1 
ATOM   267  C C   . LYS A 1 33  ? -7.033  -8.948  -5.301  1.00 22.11 ? 33  LYS X C   1 
ATOM   268  O O   . LYS A 1 33  ? -7.895  -8.759  -6.150  1.00 21.96 ? 33  LYS X O   1 
ATOM   269  C CB  . LYS A 1 33  ? -7.080  -11.058 -3.969  1.00 24.77 ? 33  LYS X CB  1 
ATOM   270  C CG  . LYS A 1 33  ? -8.575  -11.269 -4.140  1.00 26.00 ? 33  LYS X CG  1 
ATOM   271  C CD  . LYS A 1 33  ? -8.891  -12.731 -4.378  1.00 26.77 ? 33  LYS X CD  1 
ATOM   272  C CE  . LYS A 1 33  ? -10.303 -13.100 -3.948  1.00 27.27 ? 33  LYS X CE  1 
ATOM   273  N NZ  . LYS A 1 33  ? -10.684 -14.440 -4.491  1.00 27.83 ? 33  LYS X NZ  1 
ATOM   274  N N   . LEU A 1 34  ? -6.608  -7.983  -4.495  1.00 20.83 ? 34  LEU X N   1 
ATOM   275  C CA  . LEU A 1 34  ? -7.230  -6.668  -4.527  1.00 20.20 ? 34  LEU X CA  1 
ATOM   276  C C   . LEU A 1 34  ? -6.864  -5.904  -5.794  1.00 19.04 ? 34  LEU X C   1 
ATOM   277  O O   . LEU A 1 34  ? -7.704  -5.226  -6.368  1.00 18.46 ? 34  LEU X O   1 
ATOM   278  C CB  . LEU A 1 34  ? -6.850  -5.843  -3.294  1.00 20.26 ? 34  LEU X CB  1 
ATOM   279  C CG  . LEU A 1 34  ? -7.765  -6.039  -2.080  1.00 20.34 ? 34  LEU X CG  1 
ATOM   280  C CD1 . LEU A 1 34  ? -7.312  -5.155  -0.923  1.00 20.65 ? 34  LEU X CD1 1 
ATOM   281  C CD2 . LEU A 1 34  ? -9.217  -5.764  -2.419  1.00 20.74 ? 34  LEU X CD2 1 
ATOM   282  N N   . SER A 1 35  ? -5.608  -5.989  -6.221  1.00 18.25 ? 35  SER X N   1 
ATOM   283  C CA  . SER A 1 35  ? -5.091  -4.986  -7.140  1.00 18.11 ? 35  SER X CA  1 
ATOM   284  C C   . SER A 1 35  ? -4.994  -5.532  -8.566  1.00 18.80 ? 35  SER X C   1 
ATOM   285  O O   . SER A 1 35  ? -4.816  -4.770  -9.499  1.00 19.00 ? 35  SER X O   1 
ATOM   286  C CB  . SER A 1 35  ? -3.729  -4.432  -6.676  1.00 17.48 ? 35  SER X CB  1 
ATOM   287  O OG  . SER A 1 35  ? -2.761  -5.457  -6.532  1.00 16.74 ? 35  SER X OG  1 
ATOM   288  N N   . THR A 1 36  ? -5.125  -6.843  -8.734  1.00 20.51 ? 36  THR X N   1 
ATOM   289  C CA  . THR A 1 36  ? -5.046  -7.430  -10.072 1.00 21.35 ? 36  THR X CA  1 
ATOM   290  C C   . THR A 1 36  ? -6.098  -6.786  -10.957 1.00 21.51 ? 36  THR X C   1 
ATOM   291  O O   . THR A 1 36  ? -7.237  -6.614  -10.545 1.00 21.88 ? 36  THR X O   1 
ATOM   292  C CB  . THR A 1 36  ? -5.254  -8.954  -10.030 1.00 21.95 ? 36  THR X CB  1 
ATOM   293  O OG1 . THR A 1 36  ? -4.107  -9.592  -9.450  1.00 21.78 ? 36  THR X OG1 1 
ATOM   294  C CG2 . THR A 1 36  ? -5.317  -9.528  -11.452 1.00 22.07 ? 36  THR X CG2 1 
ATOM   295  N N   . GLY A 1 37  ? -5.714  -6.403  -12.169 1.00 21.62 ? 37  GLY X N   1 
ATOM   296  C CA  . GLY A 1 37  ? -6.674  -5.864  -13.116 1.00 21.30 ? 37  GLY X CA  1 
ATOM   297  C C   . GLY A 1 37  ? -6.916  -4.377  -12.942 1.00 21.23 ? 37  GLY X C   1 
ATOM   298  O O   . GLY A 1 37  ? -7.758  -3.795  -13.627 1.00 21.78 ? 37  GLY X O   1 
ATOM   299  N N   . HIS A 1 38  ? -6.162  -3.748  -12.045 1.00 21.07 ? 38  HIS X N   1 
ATOM   300  C CA  . HIS A 1 38  ? -6.385  -2.346  -11.715 1.00 20.58 ? 38  HIS X CA  1 
ATOM   301  C C   . HIS A 1 38  ? -5.051  -1.590  -11.762 1.00 19.73 ? 38  HIS X C   1 
ATOM   302  O O   . HIS A 1 38  ? -4.143  -2.010  -12.473 1.00 20.48 ? 38  HIS X O   1 
ATOM   303  C CB  . HIS A 1 38  ? -7.059  -2.233  -10.346 1.00 21.04 ? 38  HIS X CB  1 
ATOM   304  C CG  . HIS A 1 38  ? -8.388  -2.923  -10.268 1.00 22.18 ? 38  HIS X CG  1 
ATOM   305  N ND1 . HIS A 1 38  ? -9.495  -2.489  -10.965 1.00 22.92 ? 38  HIS X ND1 1 
ATOM   306  C CD2 . HIS A 1 38  ? -8.784  -4.020  -9.578  1.00 22.55 ? 38  HIS X CD2 1 
ATOM   307  C CE1 . HIS A 1 38  ? -10.517 -3.288  -10.703 1.00 23.44 ? 38  HIS X CE1 1 
ATOM   308  N NE2 . HIS A 1 38  ? -10.111 -4.224  -9.866  1.00 23.10 ? 38  HIS X NE2 1 
ATOM   309  N N   . THR A 1 39  ? -4.936  -0.486  -11.024 1.00 18.88 ? 39  THR X N   1 
ATOM   310  C CA  . THR A 1 39  ? -3.736  0.355   -11.071 1.00 18.84 ? 39  THR X CA  1 
ATOM   311  C C   . THR A 1 39  ? -3.066  0.544   -9.703  1.00 18.41 ? 39  THR X C   1 
ATOM   312  O O   . THR A 1 39  ? -3.727  0.859   -8.707  1.00 18.62 ? 39  THR X O   1 
ATOM   313  C CB  . THR A 1 39  ? -4.086  1.737   -11.677 1.00 19.16 ? 39  THR X CB  1 
ATOM   314  O OG1 . THR A 1 39  ? -4.415  1.577   -13.060 1.00 19.43 ? 39  THR X OG1 1 
ATOM   315  C CG2 . THR A 1 39  ? -2.871  2.653   -11.691 1.00 19.28 ? 39  THR X CG2 1 
ATOM   316  N N   . LEU A 1 40  ? -1.752  0.358   -9.668  1.00 17.70 ? 40  LEU X N   1 
ATOM   317  C CA  . LEU A 1 40  ? -0.944  0.726   -8.508  1.00 17.67 ? 40  LEU X CA  1 
ATOM   318  C C   . LEU A 1 40  ? -0.181  2.023   -8.776  1.00 17.63 ? 40  LEU X C   1 
ATOM   319  O O   . LEU A 1 40  ? 0.466   2.165   -9.813  1.00 18.01 ? 40  LEU X O   1 
ATOM   320  C CB  . LEU A 1 40  ? 0.055   -0.382  -8.178  1.00 17.32 ? 40  LEU X CB  1 
ATOM   321  C CG  . LEU A 1 40  ? -0.501  -1.777  -7.898  1.00 17.01 ? 40  LEU X CG  1 
ATOM   322  C CD1 . LEU A 1 40  ? 0.621   -2.723  -7.587  1.00 17.09 ? 40  LEU X CD1 1 
ATOM   323  C CD2 . LEU A 1 40  ? -1.494  -1.731  -6.752  1.00 17.07 ? 40  LEU X CD2 1 
ATOM   324  N N   . VAL A 1 41  ? -0.263  2.959   -7.836  1.00 17.42 ? 41  VAL X N   1 
ATOM   325  C CA  . VAL A 1 41  ? 0.665   4.079   -7.762  1.00 17.17 ? 41  VAL X CA  1 
ATOM   326  C C   . VAL A 1 41  ? 1.627   3.916   -6.593  1.00 17.23 ? 41  VAL X C   1 
ATOM   327  O O   . VAL A 1 41  ? 1.201   3.747   -5.442  1.00 16.85 ? 41  VAL X O   1 
ATOM   328  C CB  . VAL A 1 41  ? -0.087  5.394   -7.576  1.00 17.17 ? 41  VAL X CB  1 
ATOM   329  C CG1 . VAL A 1 41  ? 0.882   6.549   -7.426  1.00 17.08 ? 41  VAL X CG1 1 
ATOM   330  C CG2 . VAL A 1 41  ? -1.022  5.633   -8.726  1.00 17.53 ? 41  VAL X CG2 1 
ATOM   331  N N   . MET A 1 42  ? 2.922   3.982   -6.882  1.00 16.49 ? 42  MET X N   1 
ATOM   332  C CA  . MET A 1 42  ? 3.936   3.862   -5.841  1.00 16.37 ? 42  MET X CA  1 
ATOM   333  C C   . MET A 1 42  ? 5.080   4.870   -5.999  1.00 15.91 ? 42  MET X C   1 
ATOM   334  O O   . MET A 1 42  ? 5.339   5.387   -7.088  1.00 15.09 ? 42  MET X O   1 
ATOM   335  C CB  . MET A 1 42  ? 4.517   2.457   -5.844  1.00 16.74 ? 42  MET X CB  1 
ATOM   336  C CG  . MET A 1 42  ? 5.023   2.021   -7.198  1.00 17.73 ? 42  MET X CG  1 
ATOM   337  S SD  . MET A 1 42  ? 5.712   0.375   -7.141  1.00 18.48 ? 42  MET X SD  1 
ATOM   338  C CE  . MET A 1 42  ? 4.514   -0.525  -8.119  1.00 19.15 ? 42  MET X CE  1 
ATOM   339  N N   . GLY A 1 43  ? 5.780   5.120   -4.900  1.00 15.11 ? 43  GLY X N   1 
ATOM   340  C CA  . GLY A 1 43  ? 6.977   5.934   -4.937  1.00 14.46 ? 43  GLY X CA  1 
ATOM   341  C C   . GLY A 1 43  ? 8.147   5.134   -5.459  1.00 13.84 ? 43  GLY X C   1 
ATOM   342  O O   . GLY A 1 43  ? 8.100   3.902   -5.517  1.00 12.53 ? 43  GLY X O   1 
ATOM   343  N N   . ARG A 1 44  ? 9.201   5.844   -5.833  1.00 14.39 ? 44  ARG X N   1 
ATOM   344  C CA  . ARG A 1 44  ? 10.336  5.242   -6.515  1.00 15.59 ? 44  ARG X CA  1 
ATOM   345  C C   . ARG A 1 44  ? 11.052  4.176   -5.688  1.00 15.76 ? 44  ARG X C   1 
ATOM   346  O O   . ARG A 1 44  ? 11.467  3.156   -6.212  1.00 15.92 ? 44  ARG X O   1 
ATOM   347  C CB  . ARG A 1 44  ? 11.323  6.334   -6.924  1.00 16.58 ? 44  ARG X CB  1 
ATOM   348  C CG  . ARG A 1 44  ? 12.425  5.849   -7.814  1.00 17.38 ? 44  ARG X CG  1 
ATOM   349  C CD  . ARG A 1 44  ? 13.720  5.596   -7.068  1.00 17.76 ? 44  ARG X CD  1 
ATOM   350  N NE  . ARG A 1 44  ? 14.140  6.742   -6.280  1.00 18.05 ? 44  ARG X NE  1 
ATOM   351  C CZ  . ARG A 1 44  ? 15.055  6.693   -5.323  1.00 19.07 ? 44  ARG X CZ  1 
ATOM   352  N NH1 . ARG A 1 44  ? 15.640  5.543   -5.036  1.00 19.82 ? 44  ARG X NH1 1 
ATOM   353  N NH2 . ARG A 1 44  ? 15.386  7.784   -4.652  1.00 19.20 ? 44  ARG X NH2 1 
ATOM   354  N N   . LYS A 1 45  ? 11.219  4.423   -4.395  1.00 16.91 ? 45  LYS X N   1 
ATOM   355  C CA  . LYS A 1 45  ? 11.956  3.504   -3.536  1.00 16.06 ? 45  LYS X CA  1 
ATOM   356  C C   . LYS A 1 45  ? 11.179  2.209   -3.402  1.00 14.84 ? 45  LYS X C   1 
ATOM   357  O O   . LYS A 1 45  ? 11.748  1.111   -3.463  1.00 13.13 ? 45  LYS X O   1 
ATOM   358  C CB  . LYS A 1 45  ? 12.189  4.129   -2.153  1.00 16.78 ? 45  LYS X CB  1 
ATOM   359  C CG  . LYS A 1 45  ? 13.032  5.406   -2.181  1.00 17.20 ? 45  LYS X CG  1 
ATOM   360  C CD  . LYS A 1 45  ? 13.407  5.903   -0.779  1.00 17.53 ? 45  LYS X CD  1 
ATOM   361  C CE  . LYS A 1 45  ? 14.083  7.272   -0.854  1.00 17.57 ? 45  LYS X CE  1 
ATOM   362  N NZ  . LYS A 1 45  ? 14.618  7.714   0.460   1.00 17.14 ? 45  LYS X NZ  1 
ATOM   363  N N   . THR A 1 46  ? 9.867   2.334   -3.239  1.00 14.22 ? 46  THR X N   1 
ATOM   364  C CA  . THR A 1 46  ? 9.029   1.156   -3.118  1.00 13.69 ? 46  THR X CA  1 
ATOM   365  C C   . THR A 1 46  ? 9.186   0.318   -4.387  1.00 13.96 ? 46  THR X C   1 
ATOM   366  O O   . THR A 1 46  ? 9.365   -0.892  -4.335  1.00 11.49 ? 46  THR X O   1 
ATOM   367  C CB  . THR A 1 46  ? 7.549   1.531   -2.897  1.00 13.53 ? 46  THR X CB  1 
ATOM   368  O OG1 . THR A 1 46  ? 7.343   1.986   -1.551  1.00 12.39 ? 46  THR X OG1 1 
ATOM   369  C CG2 . THR A 1 46  ? 6.681   0.300   -2.998  1.00 13.58 ? 46  THR X CG2 1 
ATOM   370  N N   . PHE A 1 47  ? 9.136   0.963   -5.543  1.00 15.49 ? 47  PHE X N   1 
ATOM   371  C CA  . PHE A 1 47  ? 9.326   0.224   -6.777  1.00 16.89 ? 47  PHE X CA  1 
ATOM   372  C C   . PHE A 1 47  ? 10.697  -0.473  -6.837  1.00 17.88 ? 47  PHE X C   1 
ATOM   373  O O   . PHE A 1 47  ? 10.783  -1.651  -7.176  1.00 16.81 ? 47  PHE X O   1 
ATOM   374  C CB  . PHE A 1 47  ? 9.162   1.107   -8.001  1.00 17.29 ? 47  PHE X CB  1 
ATOM   375  C CG  . PHE A 1 47  ? 9.529   0.398   -9.265  1.00 17.59 ? 47  PHE X CG  1 
ATOM   376  C CD1 . PHE A 1 47  ? 10.755  0.613   -9.865  1.00 18.06 ? 47  PHE X CD1 1 
ATOM   377  C CD2 . PHE A 1 47  ? 8.666   -0.525  -9.821  1.00 17.81 ? 47  PHE X CD2 1 
ATOM   378  C CE1 . PHE A 1 47  ? 11.098  -0.057  -11.019 1.00 18.14 ? 47  PHE X CE1 1 
ATOM   379  C CE2 . PHE A 1 47  ? 8.999   -1.194  -10.975 1.00 18.25 ? 47  PHE X CE2 1 
ATOM   380  C CZ  . PHE A 1 47  ? 10.223  -0.969  -11.572 1.00 18.40 ? 47  PHE X CZ  1 
ATOM   381  N N   . GLU A 1 48  ? 11.763  0.255   -6.524  1.00 20.36 ? 48  GLU X N   1 
ATOM   382  C CA  . GLU A 1 48  ? 13.101  -0.332  -6.502  1.00 22.57 ? 48  GLU X CA  1 
ATOM   383  C C   . GLU A 1 48  ? 13.152  -1.547  -5.594  1.00 22.81 ? 48  GLU X C   1 
ATOM   384  O O   . GLU A 1 48  ? 13.772  -2.561  -5.927  1.00 22.53 ? 48  GLU X O   1 
ATOM   385  C CB  . GLU A 1 48  ? 14.112  0.700   -6.008  1.00 24.70 ? 48  GLU X CB  1 
ATOM   386  C CG  . GLU A 1 48  ? 14.852  1.426   -7.114  1.00 27.12 ? 48  GLU X CG  1 
ATOM   387  C CD  . GLU A 1 48  ? 14.836  0.677   -8.433  1.00 29.23 ? 48  GLU X CD  1 
ATOM   388  O OE1 . GLU A 1 48  ? 14.783  1.362   -9.478  1.00 30.70 ? 48  GLU X OE1 1 
ATOM   389  O OE2 . GLU A 1 48  ? 14.878  -0.588  -8.434  1.00 31.53 ? 48  GLU X OE2 1 
ATOM   390  N N   . SER A 1 49  ? 12.501  -1.454  -4.444  1.00 22.29 ? 49  SER X N   1 
ATOM   391  C CA  . SER A 1 49  ? 12.474  -2.581  -3.537  1.00 22.72 ? 49  SER X CA  1 
ATOM   392  C C   . SER A 1 49  ? 11.855  -3.775  -4.226  1.00 23.56 ? 49  SER X C   1 
ATOM   393  O O   . SER A 1 49  ? 12.336  -4.908  -4.085  1.00 22.93 ? 49  SER X O   1 
ATOM   394  C CB  . SER A 1 49  ? 11.688  -2.251  -2.275  1.00 23.06 ? 49  SER X CB  1 
ATOM   395  O OG  . SER A 1 49  ? 11.577  -3.414  -1.476  1.00 24.11 ? 49  SER X OG  1 
ATOM   396  N N   . ILE A 1 50  ? 10.775  -3.531  -4.967  1.00 24.11 ? 50  ILE X N   1 
ATOM   397  C CA  . ILE A 1 50  ? 10.041  -4.628  -5.584  1.00 24.97 ? 50  ILE X CA  1 
ATOM   398  C C   . ILE A 1 50  ? 10.717  -5.080  -6.861  1.00 26.07 ? 50  ILE X C   1 
ATOM   399  O O   . ILE A 1 50  ? 10.511  -6.198  -7.294  1.00 27.43 ? 50  ILE X O   1 
ATOM   400  C CB  . ILE A 1 50  ? 8.589   -4.249  -5.913  1.00 24.36 ? 50  ILE X CB  1 
ATOM   401  C CG1 . ILE A 1 50  ? 7.726   -4.246  -4.654  1.00 24.36 ? 50  ILE X CG1 1 
ATOM   402  C CG2 . ILE A 1 50  ? 8.007   -5.245  -6.875  1.00 24.50 ? 50  ILE X CG2 1 
ATOM   403  C CD1 . ILE A 1 50  ? 6.463   -3.448  -4.813  1.00 24.06 ? 50  ILE X CD1 1 
ATOM   404  N N   . GLY A 1 51  ? 11.511  -4.217  -7.476  1.00 27.30 ? 51  GLY X N   1 
ATOM   405  C CA  . GLY A 1 51  ? 12.349  -4.641  -8.580  1.00 28.17 ? 51  GLY X CA  1 
ATOM   406  C C   . GLY A 1 51  ? 11.662  -4.537  -9.927  1.00 28.71 ? 51  GLY X C   1 
ATOM   407  O O   . GLY A 1 51  ? 12.073  -3.737  -10.758 1.00 30.58 ? 51  GLY X O   1 
ATOM   408  N N   . LYS A 1 52  ? 10.647  -5.365  -10.157 1.00 29.03 ? 52  LYS X N   1 
ATOM   409  C CA  . LYS A 1 52  ? 9.804   -5.255  -11.349 1.00 29.10 ? 52  LYS X CA  1 
ATOM   410  C C   . LYS A 1 52  ? 8.380   -4.793  -11.019 1.00 28.07 ? 52  LYS X C   1 
ATOM   411  O O   . LYS A 1 52  ? 7.992   -4.730  -9.861  1.00 27.17 ? 52  LYS X O   1 
ATOM   412  C CB  . LYS A 1 52  ? 9.731   -6.608  -12.056 1.00 30.14 ? 52  LYS X CB  1 
ATOM   413  C CG  . LYS A 1 52  ? 9.291   -7.762  -11.159 1.00 31.25 ? 52  LYS X CG  1 
ATOM   414  C CD  . LYS A 1 52  ? 8.684   -8.916  -11.974 1.00 32.28 ? 52  LYS X CD  1 
ATOM   415  C CE  . LYS A 1 52  ? 7.593   -9.663  -11.199 1.00 32.77 ? 52  LYS X CE  1 
ATOM   416  N NZ  . LYS A 1 52  ? 6.985   -10.764 -12.020 1.00 33.76 ? 52  LYS X NZ  1 
ATOM   417  N N   . PRO A 1 53  ? 7.592   -4.501  -12.047 1.00 27.34 ? 53  PRO X N   1 
ATOM   418  C CA  . PRO A 1 53  ? 6.180   -4.167  -11.847 1.00 27.11 ? 53  PRO X CA  1 
ATOM   419  C C   . PRO A 1 53  ? 5.402   -5.438  -11.587 1.00 26.24 ? 53  PRO X C   1 
ATOM   420  O O   . PRO A 1 53  ? 5.792   -6.461  -12.129 1.00 26.11 ? 53  PRO X O   1 
ATOM   421  C CB  . PRO A 1 53  ? 5.771   -3.528  -13.178 1.00 27.48 ? 53  PRO X CB  1 
ATOM   422  C CG  . PRO A 1 53  ? 6.743   -4.065  -14.203 1.00 27.60 ? 53  PRO X CG  1 
ATOM   423  C CD  . PRO A 1 53  ? 7.977   -4.506  -13.468 1.00 27.64 ? 53  PRO X CD  1 
ATOM   424  N N   . LEU A 1 54  ? 4.351   -5.375  -10.772 1.00 25.54 ? 54  LEU X N   1 
ATOM   425  C CA  . LEU A 1 54  ? 3.469   -6.507  -10.564 1.00 25.00 ? 54  LEU X CA  1 
ATOM   426  C C   . LEU A 1 54  ? 2.809   -6.869  -11.877 1.00 24.36 ? 54  LEU X C   1 
ATOM   427  O O   . LEU A 1 54  ? 2.226   -6.003  -12.516 1.00 23.69 ? 54  LEU X O   1 
ATOM   428  C CB  . LEU A 1 54  ? 2.372   -6.154  -9.557  1.00 25.48 ? 54  LEU X CB  1 
ATOM   429  C CG  . LEU A 1 54  ? 2.803   -5.387  -8.316  1.00 26.18 ? 54  LEU X CG  1 
ATOM   430  C CD1 . LEU A 1 54  ? 1.672   -5.279  -7.309  1.00 26.72 ? 54  LEU X CD1 1 
ATOM   431  C CD2 . LEU A 1 54  ? 3.999   -6.060  -7.711  1.00 25.80 ? 54  LEU X CD2 1 
ATOM   432  N N   . PRO A 1 55  ? 2.866   -8.144  -12.252 1.00 24.61 ? 55  PRO X N   1 
ATOM   433  C CA  . PRO A 1 55  ? 2.054   -8.667  -13.359 1.00 24.73 ? 55  PRO X CA  1 
ATOM   434  C C   . PRO A 1 55  ? 0.574   -8.313  -13.240 1.00 24.58 ? 55  PRO X C   1 
ATOM   435  O O   . PRO A 1 55  ? 0.028   -8.288  -12.130 1.00 24.06 ? 55  PRO X O   1 
ATOM   436  C CB  . PRO A 1 55  ? 2.226   -10.188 -13.241 1.00 24.86 ? 55  PRO X CB  1 
ATOM   437  C CG  . PRO A 1 55  ? 3.524   -10.392 -12.529 1.00 25.23 ? 55  PRO X CG  1 
ATOM   438  C CD  . PRO A 1 55  ? 3.706   -9.185  -11.635 1.00 24.93 ? 55  PRO X CD  1 
ATOM   439  N N   . ASN A 1 56  ? -0.065  -8.070  -14.383 1.00 23.93 ? 56  ASN X N   1 
ATOM   440  C CA  . ASN A 1 56  ? -1.512  -8.179  -14.520 1.00 24.27 ? 56  ASN X CA  1 
ATOM   441  C C   . ASN A 1 56  ? -2.200  -7.000  -13.851 1.00 24.24 ? 56  ASN X C   1 
ATOM   442  O O   . ASN A 1 56  ? -3.315  -7.121  -13.345 1.00 23.99 ? 56  ASN X O   1 
ATOM   443  C CB  . ASN A 1 56  ? -2.026  -9.491  -13.931 1.00 24.78 ? 56  ASN X CB  1 
ATOM   444  C CG  . ASN A 1 56  ? -1.440  -10.708 -14.617 1.00 25.66 ? 56  ASN X CG  1 
ATOM   445  O OD1 . ASN A 1 56  ? -1.037  -11.676 -13.961 1.00 26.49 ? 56  ASN X OD1 1 
ATOM   446  N ND2 . ASN A 1 56  ? -1.370  -10.663 -15.939 1.00 26.22 ? 56  ASN X ND2 1 
ATOM   447  N N   . ARG A 1 57  ? -1.504  -5.867  -13.843 1.00 23.71 ? 57  ARG X N   1 
ATOM   448  C CA  . ARG A 1 57  ? -2.093  -4.587  -13.505 1.00 23.03 ? 57  ARG X CA  1 
ATOM   449  C C   . ARG A 1 57  ? -1.187  -3.469  -13.988 1.00 22.60 ? 57  ARG X C   1 
ATOM   450  O O   . ARG A 1 57  ? -0.020  -3.699  -14.310 1.00 21.59 ? 57  ARG X O   1 
ATOM   451  C CB  . ARG A 1 57  ? -2.281  -4.473  -11.990 1.00 23.52 ? 57  ARG X CB  1 
ATOM   452  C CG  . ARG A 1 57  ? -0.991  -4.524  -11.217 1.00 23.49 ? 57  ARG X CG  1 
ATOM   453  C CD  . ARG A 1 57  ? -1.107  -5.252  -9.908  1.00 23.71 ? 57  ARG X CD  1 
ATOM   454  N NE  . ARG A 1 57  ? -0.679  -6.635  -10.025 1.00 23.62 ? 57  ARG X NE  1 
ATOM   455  C CZ  . ARG A 1 57  ? -0.358  -7.401  -9.003  1.00 23.65 ? 57  ARG X CZ  1 
ATOM   456  N NH1 . ARG A 1 57  ? -0.418  -6.924  -7.768  1.00 24.26 ? 57  ARG X NH1 1 
ATOM   457  N NH2 . ARG A 1 57  ? 0.029   -8.648  -9.214  1.00 23.77 ? 57  ARG X NH2 1 
ATOM   458  N N   . ARG A 1 58  ? -1.733  -2.259  -14.033 1.00 22.23 ? 58  ARG X N   1 
ATOM   459  C CA  . ARG A 1 58  ? -0.949  -1.073  -14.324 1.00 22.21 ? 58  ARG X CA  1 
ATOM   460  C C   . ARG A 1 58  ? -0.054  -0.677  -13.146 1.00 21.32 ? 58  ARG X C   1 
ATOM   461  O O   . ARG A 1 58  ? -0.526  -0.453  -12.028 1.00 19.76 ? 58  ARG X O   1 
ATOM   462  C CB  . ARG A 1 58  ? -1.868  0.088   -14.675 1.00 23.12 ? 58  ARG X CB  1 
ATOM   463  C CG  . ARG A 1 58  ? -1.189  1.177   -15.450 1.00 23.83 ? 58  ARG X CG  1 
ATOM   464  C CD  . ARG A 1 58  ? -2.095  2.324   -15.782 1.00 25.08 ? 58  ARG X CD  1 
ATOM   465  N NE  . ARG A 1 58  ? -1.436  3.302   -16.642 1.00 25.65 ? 58  ARG X NE  1 
ATOM   466  C CZ  . ARG A 1 58  ? -2.017  4.407   -17.070 1.00 26.35 ? 58  ARG X CZ  1 
ATOM   467  N NH1 . ARG A 1 58  ? -3.257  4.686   -16.710 1.00 26.33 ? 58  ARG X NH1 1 
ATOM   468  N NH2 . ARG A 1 58  ? -1.353  5.249   -17.849 1.00 27.37 ? 58  ARG X NH2 1 
ATOM   469  N N   . ASN A 1 59  ? 1.241   -0.586  -13.420 1.00 20.21 ? 59  ASN X N   1 
ATOM   470  C CA  . ASN A 1 59  ? 2.194   -0.079  -12.453 1.00 20.03 ? 59  ASN X CA  1 
ATOM   471  C C   . ASN A 1 59  ? 2.580   1.340   -12.774 1.00 19.31 ? 59  ASN X C   1 
ATOM   472  O O   . ASN A 1 59  ? 3.080   1.631   -13.867 1.00 19.67 ? 59  ASN X O   1 
ATOM   473  C CB  . ASN A 1 59  ? 3.433   -0.958  -12.422 1.00 20.23 ? 59  ASN X CB  1 
ATOM   474  C CG  . ASN A 1 59  ? 3.145   -2.363  -11.916 1.00 20.59 ? 59  ASN X CG  1 
ATOM   475  O OD1 . ASN A 1 59  ? 3.692   -2.792  -10.899 1.00 20.33 ? 59  ASN X OD1 1 
ATOM   476  N ND2 . ASN A 1 59  ? 2.307   -3.097  -12.641 1.00 20.52 ? 59  ASN X ND2 1 
ATOM   477  N N   . VAL A 1 60  ? 2.344   2.230   -11.821 1.00 18.85 ? 60  VAL X N   1 
ATOM   478  C CA  . VAL A 1 60  ? 2.698   3.631   -11.973 1.00 18.60 ? 60  VAL X CA  1 
ATOM   479  C C   . VAL A 1 60  ? 3.669   4.069   -10.876 1.00 18.81 ? 60  VAL X C   1 
ATOM   480  O O   . VAL A 1 60  ? 3.400   3.896   -9.687  1.00 18.47 ? 60  VAL X O   1 
ATOM   481  C CB  . VAL A 1 60  ? 1.444   4.500   -11.934 1.00 18.46 ? 60  VAL X CB  1 
ATOM   482  C CG1 . VAL A 1 60  ? 1.781   5.936   -12.204 1.00 18.78 ? 60  VAL X CG1 1 
ATOM   483  C CG2 . VAL A 1 60  ? 0.432   3.996   -12.941 1.00 18.61 ? 60  VAL X CG2 1 
ATOM   484  N N   . VAL A 1 61  ? 4.809   4.619   -11.280 1.00 19.22 ? 61  VAL X N   1 
ATOM   485  C CA  . VAL A 1 61  ? 5.797   5.107   -10.321 1.00 18.89 ? 61  VAL X CA  1 
ATOM   486  C C   . VAL A 1 61  ? 5.844   6.623   -10.329 1.00 18.85 ? 61  VAL X C   1 
ATOM   487  O O   . VAL A 1 61  ? 6.030   7.254   -11.381 1.00 18.99 ? 61  VAL X O   1 
ATOM   488  C CB  . VAL A 1 61  ? 7.201   4.570   -10.614 1.00 19.32 ? 61  VAL X CB  1 
ATOM   489  C CG1 . VAL A 1 61  ? 8.185   5.080   -9.578  1.00 19.84 ? 61  VAL X CG1 1 
ATOM   490  C CG2 . VAL A 1 61  ? 7.205   3.063   -10.623 1.00 19.51 ? 61  VAL X CG2 1 
ATOM   491  N N   . LEU A 1 62  ? 5.664   7.204   -9.149  1.00 17.79 ? 62  LEU X N   1 
ATOM   492  C CA  . LEU A 1 62  ? 5.852   8.626   -8.952  1.00 17.93 ? 62  LEU X CA  1 
ATOM   493  C C   . LEU A 1 62  ? 7.292   8.930   -8.542  1.00 18.03 ? 62  LEU X C   1 
ATOM   494  O O   . LEU A 1 62  ? 7.777   8.426   -7.529  1.00 16.62 ? 62  LEU X O   1 
ATOM   495  C CB  . LEU A 1 62  ? 4.872   9.123   -7.889  1.00 18.67 ? 62  LEU X CB  1 
ATOM   496  C CG  . LEU A 1 62  ? 5.071   10.541  -7.356  1.00 18.79 ? 62  LEU X CG  1 
ATOM   497  C CD1 . LEU A 1 62  ? 4.863   11.586  -8.453  1.00 19.03 ? 62  LEU X CD1 1 
ATOM   498  C CD2 . LEU A 1 62  ? 4.114   10.779  -6.214  1.00 19.38 ? 62  LEU X CD2 1 
ATOM   499  N N   . THR A 1 63  ? 7.971   9.738   -9.350  1.00 17.88 ? 63  THR X N   1 
ATOM   500  C CA  . THR A 1 63  ? 9.370   10.089  -9.115  1.00 18.40 ? 63  THR X CA  1 
ATOM   501  C C   . THR A 1 63  ? 9.709   11.397  -9.802  1.00 18.59 ? 63  THR X C   1 
ATOM   502  O O   . THR A 1 63  ? 9.045   11.807  -10.754 1.00 19.69 ? 63  THR X O   1 
ATOM   503  C CB  . THR A 1 63  ? 10.306  8.985   -9.645  1.00 18.37 ? 63  THR X CB  1 
ATOM   504  O OG1 . THR A 1 63  ? 11.642  9.492   -9.788  1.00 18.83 ? 63  THR X OG1 1 
ATOM   505  C CG2 . THR A 1 63  ? 9.917   8.574   -11.057 1.00 18.47 ? 63  THR X CG2 1 
ATOM   506  N N   . SER A 1 64  ? 10.758  12.048  -9.326  1.00 18.72 ? 64  SER X N   1 
ATOM   507  C CA  . SER A 1 64  ? 11.170  13.326  -9.907  1.00 18.90 ? 64  SER X CA  1 
ATOM   508  C C   . SER A 1 64  ? 12.038  13.099  -11.142 1.00 18.98 ? 64  SER X C   1 
ATOM   509  O O   . SER A 1 64  ? 12.249  13.997  -11.935 1.00 19.52 ? 64  SER X O   1 
ATOM   510  C CB  . SER A 1 64  ? 11.901  14.194  -8.878  1.00 18.49 ? 64  SER X CB  1 
ATOM   511  O OG  . SER A 1 64  ? 13.104  13.600  -8.449  1.00 17.82 ? 64  SER X OG  1 
ATOM   512  N N   . ASP A 1 65  ? 12.504  11.870  -11.321 1.00 19.37 ? 65  ASP X N   1 
ATOM   513  C CA  . ASP A 1 65  ? 13.660  11.600  -12.168 1.00 19.46 ? 65  ASP X CA  1 
ATOM   514  C C   . ASP A 1 65  ? 13.240  11.525  -13.637 1.00 19.61 ? 65  ASP X C   1 
ATOM   515  O O   . ASP A 1 65  ? 12.555  10.608  -14.037 1.00 20.20 ? 65  ASP X O   1 
ATOM   516  C CB  . ASP A 1 65  ? 14.320  10.289  -11.730 1.00 18.95 ? 65  ASP X CB  1 
ATOM   517  C CG  . ASP A 1 65  ? 15.426  9.840   -12.669 1.00 19.04 ? 65  ASP X CG  1 
ATOM   518  O OD1 . ASP A 1 65  ? 15.978  8.742   -12.434 1.00 18.95 ? 65  ASP X OD1 1 
ATOM   519  O OD2 . ASP A 1 65  ? 15.810  10.509  -13.654 1.00 18.18 ? 65  ASP X OD2 1 
ATOM   520  N N   . THR A 1 66  ? 13.638  12.501  -14.443 1.00 20.58 ? 66  THR X N   1 
ATOM   521  C CA  . THR A 1 66  ? 13.115  12.606  -15.802 1.00 20.82 ? 66  THR X CA  1 
ATOM   522  C C   . THR A 1 66  ? 13.611  11.462  -16.689 1.00 20.92 ? 66  THR X C   1 
ATOM   523  O O   . THR A 1 66  ? 13.064  11.231  -17.768 1.00 21.17 ? 66  THR X O   1 
ATOM   524  C CB  . THR A 1 66  ? 13.476  13.976  -16.442 1.00 21.27 ? 66  THR X CB  1 
ATOM   525  O OG1 . THR A 1 66  ? 14.883  14.237  -16.337 1.00 21.60 ? 66  THR X OG1 1 
ATOM   526  C CG2 . THR A 1 66  ? 12.833  15.131  -15.674 1.00 22.14 ? 66  THR X CG2 1 
ATOM   527  N N   . SER A 1 67  ? 14.652  10.766  -16.234 1.00 20.47 ? 67  SER X N   1 
ATOM   528  C CA  . SER A 1 67  ? 15.259  9.668   -17.001 1.00 20.58 ? 67  SER X CA  1 
ATOM   529  C C   . SER A 1 67  ? 14.606  8.294   -16.753 1.00 21.04 ? 67  SER X C   1 
ATOM   530  O O   . SER A 1 67  ? 14.956  7.293   -17.394 1.00 20.09 ? 67  SER X O   1 
ATOM   531  C CB  . SER A 1 67  ? 16.764  9.594   -16.695 1.00 20.30 ? 67  SER X CB  1 
ATOM   532  O OG  . SER A 1 67  ? 17.488  10.542  -17.459 1.00 19.90 ? 67  SER X OG  1 
ATOM   533  N N   . PHE A 1 68  ? 13.652  8.240   -15.832 1.00 22.31 ? 68  PHE X N   1 
ATOM   534  C CA  . PHE A 1 68  ? 12.991  6.979   -15.508 1.00 23.38 ? 68  PHE X CA  1 
ATOM   535  C C   . PHE A 1 68  ? 12.145  6.556   -16.697 1.00 24.90 ? 68  PHE X C   1 
ATOM   536  O O   . PHE A 1 68  ? 11.264  7.289   -17.111 1.00 24.53 ? 68  PHE X O   1 
ATOM   537  C CB  . PHE A 1 68  ? 12.119  7.157   -14.267 1.00 23.82 ? 68  PHE X CB  1 
ATOM   538  C CG  . PHE A 1 68  ? 11.532  5.884   -13.748 1.00 23.34 ? 68  PHE X CG  1 
ATOM   539  C CD1 . PHE A 1 68  ? 12.154  5.191   -12.738 1.00 23.36 ? 68  PHE X CD1 1 
ATOM   540  C CD2 . PHE A 1 68  ? 10.352  5.405   -14.257 1.00 24.02 ? 68  PHE X CD2 1 
ATOM   541  C CE1 . PHE A 1 68  ? 11.605  4.025   -12.251 1.00 23.37 ? 68  PHE X CE1 1 
ATOM   542  C CE2 . PHE A 1 68  ? 9.806   4.241   -13.774 1.00 23.97 ? 68  PHE X CE2 1 
ATOM   543  C CZ  . PHE A 1 68  ? 10.437  3.561   -12.770 1.00 23.32 ? 68  PHE X CZ  1 
ATOM   544  N N   . ASN A 1 69  ? 12.438  5.391   -17.262 1.00 27.44 ? 69  ASN X N   1 
ATOM   545  C CA  . ASN A 1 69  ? 11.641  4.858   -18.362 1.00 29.97 ? 69  ASN X CA  1 
ATOM   546  C C   . ASN A 1 69  ? 11.713  3.346   -18.427 1.00 30.84 ? 69  ASN X C   1 
ATOM   547  O O   . ASN A 1 69  ? 12.319  2.799   -19.357 1.00 32.57 ? 69  ASN X O   1 
ATOM   548  C CB  . ASN A 1 69  ? 12.099  5.440   -19.701 1.00 30.91 ? 69  ASN X CB  1 
ATOM   549  C CG  . ASN A 1 69  ? 11.083  5.219   -20.818 1.00 31.89 ? 69  ASN X CG  1 
ATOM   550  O OD1 . ASN A 1 69  ? 9.895   4.983   -20.562 1.00 33.15 ? 69  ASN X OD1 1 
ATOM   551  N ND2 . ASN A 1 69  ? 11.543  5.302   -22.068 1.00 32.05 ? 69  ASN X ND2 1 
ATOM   552  N N   . VAL A 1 70  ? 11.081  2.684   -17.456 1.00 30.79 ? 70  VAL X N   1 
ATOM   553  C CA  . VAL A 1 70  ? 11.191  1.234   -17.287 1.00 30.96 ? 70  VAL X CA  1 
ATOM   554  C C   . VAL A 1 70  ? 10.049  0.471   -17.960 1.00 31.33 ? 70  VAL X C   1 
ATOM   555  O O   . VAL A 1 70  ? 8.887   0.868   -17.879 1.00 31.04 ? 70  VAL X O   1 
ATOM   556  C CB  . VAL A 1 70  ? 11.200  0.842   -15.798 1.00 30.94 ? 70  VAL X CB  1 
ATOM   557  C CG1 . VAL A 1 70  ? 11.177  -0.681  -15.642 1.00 30.78 ? 70  VAL X CG1 1 
ATOM   558  C CG2 . VAL A 1 70  ? 12.407  1.452   -15.097 1.00 30.82 ? 70  VAL X CG2 1 
ATOM   559  N N   . GLU A 1 71  ? 10.396  -0.634  -18.613 1.00 31.73 ? 71  GLU X N   1 
ATOM   560  C CA  . GLU A 1 71  ? 9.438   -1.406  -19.394 1.00 31.93 ? 71  GLU X CA  1 
ATOM   561  C C   . GLU A 1 71  ? 8.348   -1.971  -18.496 1.00 30.40 ? 71  GLU X C   1 
ATOM   562  O O   . GLU A 1 71  ? 8.631   -2.718  -17.563 1.00 30.30 ? 71  GLU X O   1 
ATOM   563  C CB  . GLU A 1 71  ? 10.150  -2.552  -20.114 1.00 33.15 ? 71  GLU X CB  1 
ATOM   564  C CG  . GLU A 1 71  ? 9.769   -2.698  -21.582 1.00 34.24 ? 71  GLU X CG  1 
ATOM   565  C CD  . GLU A 1 71  ? 8.273   -2.604  -21.811 1.00 35.25 ? 71  GLU X CD  1 
ATOM   566  O OE1 . GLU A 1 71  ? 7.808   -1.541  -22.273 1.00 36.18 ? 71  GLU X OE1 1 
ATOM   567  O OE2 . GLU A 1 71  ? 7.555   -3.596  -21.534 1.00 36.53 ? 71  GLU X OE2 1 
ATOM   568  N N   . GLY A 1 72  ? 7.105   -1.614  -18.790 1.00 29.57 ? 72  GLY X N   1 
ATOM   569  C CA  . GLY A 1 72  ? 5.959   -2.117  -18.056 1.00 29.30 ? 72  GLY X CA  1 
ATOM   570  C C   . GLY A 1 72  ? 5.561   -1.174  -16.939 1.00 28.52 ? 72  GLY X C   1 
ATOM   571  O O   . GLY A 1 72  ? 4.642   -1.450  -16.173 1.00 28.40 ? 72  GLY X O   1 
ATOM   572  N N   . VAL A 1 73  ? 6.264   -0.052  -16.849 1.00 27.05 ? 73  VAL X N   1 
ATOM   573  C CA  . VAL A 1 73  ? 5.996   0.930   -15.813 1.00 25.99 ? 73  VAL X CA  1 
ATOM   574  C C   . VAL A 1 73  ? 5.693   2.254   -16.476 1.00 25.75 ? 73  VAL X C   1 
ATOM   575  O O   . VAL A 1 73  ? 6.433   2.707   -17.344 1.00 25.65 ? 73  VAL X O   1 
ATOM   576  C CB  . VAL A 1 73  ? 7.199   1.093   -14.878 1.00 25.35 ? 73  VAL X CB  1 
ATOM   577  C CG1 . VAL A 1 73  ? 7.029   2.307   -13.973 1.00 25.32 ? 73  VAL X CG1 1 
ATOM   578  C CG2 . VAL A 1 73  ? 7.405   -0.159  -14.069 1.00 25.31 ? 73  VAL X CG2 1 
ATOM   579  N N   . ASP A 1 74  ? 4.596   2.874   -16.074 1.00 25.14 ? 74  ASP X N   1 
ATOM   580  C CA  . ASP A 1 74  ? 4.352   4.249   -16.436 1.00 25.54 ? 74  ASP X CA  1 
ATOM   581  C C   . ASP A 1 74  ? 4.841   5.154   -15.327 1.00 24.92 ? 74  ASP X C   1 
ATOM   582  O O   . ASP A 1 74  ? 4.707   4.834   -14.144 1.00 25.01 ? 74  ASP X O   1 
ATOM   583  C CB  . ASP A 1 74  ? 2.863   4.469   -16.681 1.00 26.20 ? 74  ASP X CB  1 
ATOM   584  C CG  . ASP A 1 74  ? 2.291   3.485   -17.678 1.00 27.15 ? 74  ASP X CG  1 
ATOM   585  O OD1 . ASP A 1 74  ? 1.071   3.214   -17.593 1.00 27.06 ? 74  ASP X OD1 1 
ATOM   586  O OD2 . ASP A 1 74  ? 2.984   2.932   -18.575 1.00 27.07 ? 74  ASP X OD2 1 
ATOM   587  N N   . VAL A 1 75  ? 5.407   6.288   -15.709 1.00 23.83 ? 75  VAL X N   1 
ATOM   588  C CA  . VAL A 1 75  ? 5.961   7.203   -14.736 1.00 22.89 ? 75  VAL X CA  1 
ATOM   589  C C   . VAL A 1 75  ? 5.072   8.416   -14.646 1.00 22.08 ? 75  VAL X C   1 
ATOM   590  O O   . VAL A 1 75  ? 4.575   8.910   -15.656 1.00 22.03 ? 75  VAL X O   1 
ATOM   591  C CB  . VAL A 1 75  ? 7.400   7.635   -15.080 1.00 22.84 ? 75  VAL X CB  1 
ATOM   592  C CG1 . VAL A 1 75  ? 7.487   8.221   -16.477 1.00 22.93 ? 75  VAL X CG1 1 
ATOM   593  C CG2 . VAL A 1 75  ? 7.892   8.639   -14.068 1.00 23.24 ? 75  VAL X CG2 1 
ATOM   594  N N   . ILE A 1 76  ? 4.863   8.889   -13.426 1.00 21.40 ? 76  ILE X N   1 
ATOM   595  C CA  . ILE A 1 76  ? 4.326   10.217  -13.224 1.00 21.60 ? 76  ILE X CA  1 
ATOM   596  C C   . ILE A 1 76  ? 5.274   11.039  -12.370 1.00 21.57 ? 76  ILE X C   1 
ATOM   597  O O   . ILE A 1 76  ? 6.116   10.487  -11.658 1.00 20.54 ? 76  ILE X O   1 
ATOM   598  C CB  . ILE A 1 76  ? 2.932   10.128  -12.565 1.00 21.63 ? 76  ILE X CB  1 
ATOM   599  C CG1 . ILE A 1 76  ? 3.040   9.532   -11.161 1.00 21.29 ? 76  ILE X CG1 1 
ATOM   600  C CG2 . ILE A 1 76  ? 1.988   9.317   -13.452 1.00 21.60 ? 76  ILE X CG2 1 
ATOM   601  C CD1 . ILE A 1 76  ? 1.760   9.648   -10.349 1.00 21.01 ? 76  ILE X CD1 1 
ATOM   602  N N   . HIS A 1 77  ? 5.135   12.360  -12.444 1.00 22.55 ? 77  HIS X N   1 
ATOM   603  C CA  . HIS A 1 77  ? 6.101   13.266  -11.843 1.00 23.45 ? 77  HIS X CA  1 
ATOM   604  C C   . HIS A 1 77  ? 5.475   14.220  -10.848 1.00 24.15 ? 77  HIS X C   1 
ATOM   605  O O   . HIS A 1 77  ? 6.176   14.991  -10.195 1.00 23.07 ? 77  HIS X O   1 
ATOM   606  C CB  . HIS A 1 77  ? 6.798   14.077  -12.930 1.00 24.79 ? 77  HIS X CB  1 
ATOM   607  C CG  . HIS A 1 77  ? 7.678   13.252  -13.807 1.00 25.71 ? 77  HIS X CG  1 
ATOM   608  N ND1 . HIS A 1 77  ? 8.603   12.366  -13.298 1.00 25.80 ? 77  HIS X ND1 1 
ATOM   609  C CD2 . HIS A 1 77  ? 7.757   13.152  -15.154 1.00 25.99 ? 77  HIS X CD2 1 
ATOM   610  C CE1 . HIS A 1 77  ? 9.224   11.764  -14.299 1.00 26.49 ? 77  HIS X CE1 1 
ATOM   611  N NE2 . HIS A 1 77  ? 8.731   12.225  -15.435 1.00 26.48 ? 77  HIS X NE2 1 
ATOM   612  N N   . SER A 1 78  ? 4.151   14.180  -10.743 1.00 25.07 ? 78  SER X N   1 
ATOM   613  C CA  . SER A 1 78  ? 3.451   14.988  -9.753  1.00 25.55 ? 78  SER X CA  1 
ATOM   614  C C   . SER A 1 78  ? 2.285   14.215  -9.163  1.00 25.39 ? 78  SER X C   1 
ATOM   615  O O   . SER A 1 78  ? 1.640   13.429  -9.860  1.00 24.39 ? 78  SER X O   1 
ATOM   616  C CB  . SER A 1 78  ? 2.952   16.286  -10.390 1.00 26.30 ? 78  SER X CB  1 
ATOM   617  O OG  . SER A 1 78  ? 1.665   16.634  -9.896  1.00 27.26 ? 78  SER X OG  1 
ATOM   618  N N   . ILE A 1 79  ? 2.019   14.439  -7.879  1.00 25.82 ? 79  ILE X N   1 
ATOM   619  C CA  . ILE A 1 79  ? 0.868   13.827  -7.224  1.00 26.58 ? 79  ILE X CA  1 
ATOM   620  C C   . ILE A 1 79  ? -0.375  14.073  -8.060  1.00 27.07 ? 79  ILE X C   1 
ATOM   621  O O   . ILE A 1 79  ? -1.217  13.190  -8.212  1.00 26.91 ? 79  ILE X O   1 
ATOM   622  C CB  . ILE A 1 79  ? 0.652   14.399  -5.810  1.00 26.69 ? 79  ILE X CB  1 
ATOM   623  C CG1 . ILE A 1 79  ? 1.653   13.813  -4.817  1.00 26.53 ? 79  ILE X CG1 1 
ATOM   624  C CG2 . ILE A 1 79  ? -0.755  14.070  -5.320  1.00 27.40 ? 79  ILE X CG2 1 
ATOM   625  C CD1 . ILE A 1 79  ? 1.817   12.314  -4.925  1.00 26.32 ? 79  ILE X CD1 1 
ATOM   626  N N   . GLU A 1 80  ? -0.482  15.282  -8.607  1.00 28.30 ? 80  GLU X N   1 
ATOM   627  C CA  . GLU A 1 80  ? -1.700  15.705  -9.291  1.00 29.37 ? 80  GLU X CA  1 
ATOM   628  C C   . GLU A 1 80  ? -1.980  14.806  -10.490 1.00 28.89 ? 80  GLU X C   1 
ATOM   629  O O   . GLU A 1 80  ? -3.115  14.721  -10.956 1.00 29.39 ? 80  GLU X O   1 
ATOM   630  C CB  . GLU A 1 80  ? -1.583  17.166  -9.743  1.00 31.03 ? 80  GLU X CB  1 
ATOM   631  C CG  . GLU A 1 80  ? -1.904  18.190  -8.658  1.00 32.39 ? 80  GLU X CG  1 
ATOM   632  C CD  . GLU A 1 80  ? -3.350  18.113  -8.183  1.00 33.89 ? 80  GLU X CD  1 
ATOM   633  O OE1 . GLU A 1 80  ? -3.629  18.548  -7.041  1.00 34.82 ? 80  GLU X OE1 1 
ATOM   634  O OE2 . GLU A 1 80  ? -4.210  17.617  -8.944  1.00 34.85 ? 80  GLU X OE2 1 
ATOM   635  N N   . ASP A 1 81  ? -0.943  14.135  -10.982 1.00 28.04 ? 81  ASP X N   1 
ATOM   636  C CA  . ASP A 1 81  ? -1.094  13.181  -12.074 1.00 27.63 ? 81  ASP X CA  1 
ATOM   637  C C   . ASP A 1 81  ? -1.966  11.996  -11.691 1.00 27.11 ? 81  ASP X C   1 
ATOM   638  O O   . ASP A 1 81  ? -2.582  11.374  -12.555 1.00 26.57 ? 81  ASP X O   1 
ATOM   639  C CB  . ASP A 1 81  ? 0.273   12.670  -12.538 1.00 28.01 ? 81  ASP X CB  1 
ATOM   640  C CG  . ASP A 1 81  ? 1.162   13.778  -13.076 1.00 28.69 ? 81  ASP X CG  1 
ATOM   641  O OD1 . ASP A 1 81  ? 0.634   14.689  -13.746 1.00 28.40 ? 81  ASP X OD1 1 
ATOM   642  O OD2 . ASP A 1 81  ? 2.402   13.818  -12.870 1.00 29.55 ? 81  ASP X OD2 1 
ATOM   643  N N   . ILE A 1 82  ? -2.016  11.676  -10.400 1.00 26.76 ? 82  ILE X N   1 
ATOM   644  C CA  . ILE A 1 82  ? -2.733  10.485  -9.942  1.00 26.51 ? 82  ILE X CA  1 
ATOM   645  C C   . ILE A 1 82  ? -4.205  10.559  -10.345 1.00 27.07 ? 82  ILE X C   1 
ATOM   646  O O   . ILE A 1 82  ? -4.795  9.565   -10.753 1.00 26.18 ? 82  ILE X O   1 
ATOM   647  C CB  . ILE A 1 82  ? -2.586  10.339  -8.416  1.00 26.16 ? 82  ILE X CB  1 
ATOM   648  C CG1 . ILE A 1 82  ? -1.159  9.904   -8.077  1.00 26.03 ? 82  ILE X CG1 1 
ATOM   649  C CG2 . ILE A 1 82  ? -3.598  9.338   -7.862  1.00 25.80 ? 82  ILE X CG2 1 
ATOM   650  C CD1 . ILE A 1 82  ? -0.830  9.966   -6.616  1.00 25.87 ? 82  ILE X CD1 1 
ATOM   651  N N   . TYR A 1 83  ? -4.765  11.765  -10.276 1.00 29.03 ? 83  TYR X N   1 
ATOM   652  C CA  . TYR A 1 83  ? -6.204  11.980  -10.409 1.00 30.42 ? 83  TYR X CA  1 
ATOM   653  C C   . TYR A 1 83  ? -6.668  11.811  -11.852 1.00 31.37 ? 83  TYR X C   1 
ATOM   654  O O   . TYR A 1 83  ? -7.872  11.845  -12.143 1.00 31.53 ? 83  TYR X O   1 
ATOM   655  C CB  . TYR A 1 83  ? -6.562  13.385  -9.925  1.00 30.64 ? 83  TYR X CB  1 
ATOM   656  C CG  . TYR A 1 83  ? -6.139  13.657  -8.505  1.00 31.19 ? 83  TYR X CG  1 
ATOM   657  C CD1 . TYR A 1 83  ? -6.432  12.751  -7.498  1.00 31.88 ? 83  TYR X CD1 1 
ATOM   658  C CD2 . TYR A 1 83  ? -5.444  14.812  -8.170  1.00 31.60 ? 83  TYR X CD2 1 
ATOM   659  C CE1 . TYR A 1 83  ? -6.051  12.984  -6.195  1.00 32.20 ? 83  TYR X CE1 1 
ATOM   660  C CE2 . TYR A 1 83  ? -5.058  15.057  -6.866  1.00 32.09 ? 83  TYR X CE2 1 
ATOM   661  C CZ  . TYR A 1 83  ? -5.370  14.132  -5.880  1.00 32.32 ? 83  TYR X CZ  1 
ATOM   662  O OH  . TYR A 1 83  ? -4.996  14.346  -4.576  1.00 32.52 ? 83  TYR X OH  1 
ATOM   663  N N   . GLN A 1 84  ? -5.714  11.637  -12.756 1.00 31.94 ? 84  GLN X N   1 
ATOM   664  C CA  . GLN A 1 84  ? -6.031  11.539  -14.171 1.00 32.94 ? 84  GLN X CA  1 
ATOM   665  C C   . GLN A 1 84  ? -6.085  10.090  -14.607 1.00 32.44 ? 84  GLN X C   1 
ATOM   666  O O   . GLN A 1 84  ? -6.705  9.767   -15.610 1.00 32.90 ? 84  GLN X O   1 
ATOM   667  C CB  . GLN A 1 84  ? -4.996  12.294  -15.004 1.00 34.13 ? 84  GLN X CB  1 
ATOM   668  C CG  . GLN A 1 84  ? -5.491  13.635  -15.523 1.00 35.09 ? 84  GLN X CG  1 
ATOM   669  C CD  . GLN A 1 84  ? -5.935  14.553  -14.409 1.00 36.09 ? 84  GLN X CD  1 
ATOM   670  O OE1 . GLN A 1 84  ? -7.136  14.739  -14.196 1.00 37.20 ? 84  GLN X OE1 1 
ATOM   671  N NE2 . GLN A 1 84  ? -4.974  15.130  -13.689 1.00 36.67 ? 84  GLN X NE2 1 
ATOM   672  N N   . LEU A 1 85  ? -5.429  9.217   -13.849 1.00 31.37 ? 85  LEU X N   1 
ATOM   673  C CA  . LEU A 1 85  ? -5.521  7.786   -14.090 1.00 30.47 ? 85  LEU X CA  1 
ATOM   674  C C   . LEU A 1 85  ? -6.957  7.329   -13.907 1.00 30.02 ? 85  LEU X C   1 
ATOM   675  O O   . LEU A 1 85  ? -7.617  7.712   -12.943 1.00 30.29 ? 85  LEU X O   1 
ATOM   676  C CB  . LEU A 1 85  ? -4.602  7.017   -13.140 1.00 30.41 ? 85  LEU X CB  1 
ATOM   677  C CG  . LEU A 1 85  ? -3.176  7.546   -12.984 1.00 30.30 ? 85  LEU X CG  1 
ATOM   678  C CD1 . LEU A 1 85  ? -2.617  7.184   -11.617 1.00 30.01 ? 85  LEU X CD1 1 
ATOM   679  C CD2 . LEU A 1 85  ? -2.276  7.010   -14.092 1.00 30.28 ? 85  LEU X CD2 1 
ATOM   680  N N   . PRO A 1 86  ? -7.451  6.524   -14.842 1.00 29.66 ? 86  PRO X N   1 
ATOM   681  C CA  . PRO A 1 86  ? -8.807  5.977   -14.749 1.00 28.84 ? 86  PRO X CA  1 
ATOM   682  C C   . PRO A 1 86  ? -8.868  4.694   -13.937 1.00 27.26 ? 86  PRO X C   1 
ATOM   683  O O   . PRO A 1 86  ? -7.852  4.025   -13.727 1.00 27.85 ? 86  PRO X O   1 
ATOM   684  C CB  . PRO A 1 86  ? -9.159  5.687   -16.204 1.00 29.26 ? 86  PRO X CB  1 
ATOM   685  C CG  . PRO A 1 86  ? -7.847  5.336   -16.833 1.00 29.66 ? 86  PRO X CG  1 
ATOM   686  C CD  . PRO A 1 86  ? -6.771  6.091   -16.072 1.00 29.62 ? 86  PRO X CD  1 
ATOM   687  N N   . GLY A 1 87  ? -10.069 4.332   -13.516 1.00 25.21 ? 87  GLY X N   1 
ATOM   688  C CA  . GLY A 1 87  ? -10.295 3.013   -12.967 1.00 24.43 ? 87  GLY X CA  1 
ATOM   689  C C   . GLY A 1 87  ? -9.976  3.013   -11.482 1.00 22.94 ? 87  GLY X C   1 
ATOM   690  O O   . GLY A 1 87  ? -9.969  4.062   -10.850 1.00 21.98 ? 87  GLY X O   1 
ATOM   691  N N   . HIS A 1 88  ? -9.729  1.835   -10.926 1.00 22.12 ? 88  HIS X N   1 
ATOM   692  C CA  . HIS A 1 88  ? -9.440  1.735   -9.499  1.00 21.33 ? 88  HIS X CA  1 
ATOM   693  C C   . HIS A 1 88  ? -7.944  1.901   -9.240  1.00 20.40 ? 88  HIS X C   1 
ATOM   694  O O   . HIS A 1 88  ? -7.151  1.048   -9.620  1.00 19.50 ? 88  HIS X O   1 
ATOM   695  C CB  . HIS A 1 88  ? -9.922  0.411   -8.926  1.00 21.24 ? 88  HIS X CB  1 
ATOM   696  C CG  . HIS A 1 88  ? -10.223 0.477   -7.463  1.00 21.60 ? 88  HIS X CG  1 
ATOM   697  N ND1 . HIS A 1 88  ? -10.792 -0.567  -6.769  1.00 21.45 ? 88  HIS X ND1 1 
ATOM   698  C CD2 . HIS A 1 88  ? -10.024 1.468   -6.561  1.00 21.53 ? 88  HIS X CD2 1 
ATOM   699  C CE1 . HIS A 1 88  ? -10.936 -0.221  -5.502  1.00 22.15 ? 88  HIS X CE1 1 
ATOM   700  N NE2 . HIS A 1 88  ? -10.477 1.009   -5.349  1.00 22.15 ? 88  HIS X NE2 1 
ATOM   701  N N   . VAL A 1 89  ? -7.583  3.003   -8.587  1.00 19.88 ? 89  VAL X N   1 
ATOM   702  C CA  . VAL A 1 89  ? -6.192  3.334   -8.276  1.00 19.83 ? 89  VAL X CA  1 
ATOM   703  C C   . VAL A 1 89  ? -5.881  3.057   -6.808  1.00 19.08 ? 89  VAL X C   1 
ATOM   704  O O   . VAL A 1 89  ? -6.497  3.644   -5.920  1.00 18.82 ? 89  VAL X O   1 
ATOM   705  C CB  . VAL A 1 89  ? -5.932  4.820   -8.540  1.00 20.18 ? 89  VAL X CB  1 
ATOM   706  C CG1 . VAL A 1 89  ? -4.520  5.208   -8.114  1.00 20.39 ? 89  VAL X CG1 1 
ATOM   707  C CG2 . VAL A 1 89  ? -6.165  5.146   -10.018 1.00 21.03 ? 89  VAL X CG2 1 
ATOM   708  N N   . PHE A 1 90  ? -4.917  2.171   -6.562  1.00 18.53 ? 90  PHE X N   1 
ATOM   709  C CA  . PHE A 1 90  ? -4.423  1.919   -5.213  1.00 17.85 ? 90  PHE X CA  1 
ATOM   710  C C   . PHE A 1 90  ? -3.093  2.611   -4.967  1.00 17.00 ? 90  PHE X C   1 
ATOM   711  O O   . PHE A 1 90  ? -2.095  2.320   -5.638  1.00 16.10 ? 90  PHE X O   1 
ATOM   712  C CB  . PHE A 1 90  ? -4.252  0.419   -4.980  1.00 17.89 ? 90  PHE X CB  1 
ATOM   713  C CG  . PHE A 1 90  ? -5.536  -0.363  -5.072  1.00 18.25 ? 90  PHE X CG  1 
ATOM   714  C CD1 . PHE A 1 90  ? -6.315  -0.575  -3.947  1.00 18.43 ? 90  PHE X CD1 1 
ATOM   715  C CD2 . PHE A 1 90  ? -5.958  -0.892  -6.280  1.00 18.22 ? 90  PHE X CD2 1 
ATOM   716  C CE1 . PHE A 1 90  ? -7.501  -1.298  -4.031  1.00 18.67 ? 90  PHE X CE1 1 
ATOM   717  C CE2 . PHE A 1 90  ? -7.130  -1.612  -6.365  1.00 18.73 ? 90  PHE X CE2 1 
ATOM   718  C CZ  . PHE A 1 90  ? -7.907  -1.814  -5.234  1.00 18.72 ? 90  PHE X CZ  1 
ATOM   719  N N   . ILE A 1 91  ? -3.080  3.500   -3.982  1.00 16.37 ? 91  ILE X N   1 
ATOM   720  C CA  . ILE A 1 91  ? -1.835  4.034   -3.440  1.00 15.94 ? 91  ILE X CA  1 
ATOM   721  C C   . ILE A 1 91  ? -1.048  2.964   -2.679  1.00 15.70 ? 91  ILE X C   1 
ATOM   722  O O   . ILE A 1 91  ? -1.488  2.459   -1.640  1.00 15.48 ? 91  ILE X O   1 
ATOM   723  C CB  . ILE A 1 91  ? -2.124  5.235   -2.520  1.00 15.78 ? 91  ILE X CB  1 
ATOM   724  C CG1 . ILE A 1 91  ? -3.029  6.258   -3.214  1.00 16.01 ? 91  ILE X CG1 1 
ATOM   725  C CG2 . ILE A 1 91  ? -0.823  5.898   -2.088  1.00 15.96 ? 91  ILE X CG2 1 
ATOM   726  C CD1 . ILE A 1 91  ? -2.382  6.975   -4.394  1.00 16.64 ? 91  ILE X CD1 1 
ATOM   727  N N   . PHE A 1 92  ? 0.124   2.629   -3.205  1.00 14.82 ? 92  PHE X N   1 
ATOM   728  C CA  . PHE A 1 92  ? 0.798   1.377   -2.908  1.00 14.83 ? 92  PHE X CA  1 
ATOM   729  C C   . PHE A 1 92  ? 1.957   1.569   -1.910  1.00 14.24 ? 92  PHE X C   1 
ATOM   730  O O   . PHE A 1 92  ? 2.595   0.600   -1.500  1.00 13.76 ? 92  PHE X O   1 
ATOM   731  C CB  . PHE A 1 92  ? 1.296   0.762   -4.219  1.00 16.15 ? 92  PHE X CB  1 
ATOM   732  C CG  . PHE A 1 92  ? 1.450   -0.715  -4.184  1.00 17.08 ? 92  PHE X CG  1 
ATOM   733  C CD1 . PHE A 1 92  ? 2.602   -1.316  -4.661  1.00 18.59 ? 92  PHE X CD1 1 
ATOM   734  C CD2 . PHE A 1 92  ? 0.441   -1.501  -3.698  1.00 18.00 ? 92  PHE X CD2 1 
ATOM   735  C CE1 . PHE A 1 92  ? 2.737   -2.688  -4.639  1.00 18.64 ? 92  PHE X CE1 1 
ATOM   736  C CE2 . PHE A 1 92  ? 0.571   -2.862  -3.676  1.00 18.43 ? 92  PHE X CE2 1 
ATOM   737  C CZ  . PHE A 1 92  ? 1.721   -3.457  -4.147  1.00 18.53 ? 92  PHE X CZ  1 
ATOM   738  N N   . GLY A 1 93  ? 2.194   2.806   -1.493  1.00 13.72 ? 93  GLY X N   1 
ATOM   739  C CA  . GLY A 1 93  ? 3.340   3.128   -0.649  1.00 13.79 ? 93  GLY X CA  1 
ATOM   740  C C   . GLY A 1 93  ? 4.383   3.954   -1.395  1.00 13.84 ? 93  GLY X C   1 
ATOM   741  O O   . GLY A 1 93  ? 4.273   4.115   -2.616  1.00 13.21 ? 93  GLY X O   1 
ATOM   742  N N   . GLY A 1 94  ? 5.375   4.502   -0.682  1.00 14.65 ? 94  GLY X N   1 
ATOM   743  C CA  . GLY A 1 94  ? 5.590   4.244   0.734   1.00 14.73 ? 94  GLY X CA  1 
ATOM   744  C C   . GLY A 1 94  ? 5.160   5.412   1.609   1.00 15.26 ? 94  GLY X C   1 
ATOM   745  O O   . GLY A 1 94  ? 4.108   6.022   1.358   1.00 15.55 ? 94  GLY X O   1 
ATOM   746  N N   . GLN A 1 95  ? 5.971   5.734   2.622   1.00 14.85 ? 95  GLN X N   1 
ATOM   747  C CA  . GLN A 1 95  ? 5.591   6.700   3.656   1.00 15.24 ? 95  GLN X CA  1 
ATOM   748  C C   . GLN A 1 95  ? 5.202   8.036   3.035   1.00 16.01 ? 95  GLN X C   1 
ATOM   749  O O   . GLN A 1 95  ? 4.175   8.612   3.389   1.00 14.80 ? 95  GLN X O   1 
ATOM   750  C CB  . GLN A 1 95  ? 6.722   6.900   4.684   1.00 14.19 ? 95  GLN X CB  1 
ATOM   751  C CG  . GLN A 1 95  ? 6.481   8.079   5.611   1.00 13.64 ? 95  GLN X CG  1 
ATOM   752  C CD  . GLN A 1 95  ? 7.360   8.085   6.858   1.00 13.13 ? 95  GLN X CD  1 
ATOM   753  O OE1 . GLN A 1 95  ? 7.969   7.073   7.212   1.00 12.61 ? 95  GLN X OE1 1 
ATOM   754  N NE2 . GLN A 1 95  ? 7.411   9.228   7.531   1.00 12.76 ? 95  GLN X NE2 1 
ATOM   755  N N   . THR A 1 96  ? 6.014   8.527   2.098   1.00 17.59 ? 96  THR X N   1 
ATOM   756  C CA  . THR A 1 96  ? 5.766   9.836   1.503   1.00 18.00 ? 96  THR X CA  1 
ATOM   757  C C   . THR A 1 96  ? 4.416   9.860   0.799   1.00 17.41 ? 96  THR X C   1 
ATOM   758  O O   . THR A 1 96  ? 3.650   10.801  0.937   1.00 16.84 ? 96  THR X O   1 
ATOM   759  C CB  . THR A 1 96  ? 6.880   10.210  0.493   1.00 18.98 ? 96  THR X CB  1 
ATOM   760  O OG1 . THR A 1 96  ? 6.810   9.358   -0.663  1.00 19.56 ? 96  THR X OG1 1 
ATOM   761  C CG2 . THR A 1 96  ? 8.259   9.927   1.073   1.00 18.64 ? 96  THR X CG2 1 
ATOM   762  N N   . LEU A 1 97  ? 4.143   8.808   0.045   1.00 18.14 ? 97  LEU X N   1 
ATOM   763  C CA  . LEU A 1 97  ? 2.907   8.701   -0.702  1.00 18.63 ? 97  LEU X CA  1 
ATOM   764  C C   . LEU A 1 97  ? 1.689   8.624   0.213   1.00 18.10 ? 97  LEU X C   1 
ATOM   765  O O   . LEU A 1 97  ? 0.657   9.238   -0.059  1.00 19.43 ? 97  LEU X O   1 
ATOM   766  C CB  . LEU A 1 97  ? 2.955   7.450   -1.566  1.00 19.60 ? 97  LEU X CB  1 
ATOM   767  C CG  . LEU A 1 97  ? 3.011   7.748   -3.054  1.00 20.35 ? 97  LEU X CG  1 
ATOM   768  C CD1 . LEU A 1 97  ? 2.837   6.480   -3.851  1.00 21.01 ? 97  LEU X CD1 1 
ATOM   769  C CD2 . LEU A 1 97  ? 1.947   8.772   -3.389  1.00 20.56 ? 97  LEU X CD2 1 
ATOM   770  N N   . TYR A 1 98  ? 1.798   7.855   1.291   1.00 16.51 ? 98  TYR X N   1 
ATOM   771  C CA  . TYR A 1 98  ? 0.692   7.741   2.226   1.00 15.59 ? 98  TYR X CA  1 
ATOM   772  C C   . TYR A 1 98  ? 0.437   9.103   2.855   1.00 16.62 ? 98  TYR X C   1 
ATOM   773  O O   . TYR A 1 98  ? -0.713  9.518   2.997   1.00 16.24 ? 98  TYR X O   1 
ATOM   774  C CB  . TYR A 1 98  ? 0.967   6.660   3.281   1.00 13.73 ? 98  TYR X CB  1 
ATOM   775  C CG  . TYR A 1 98  ? 1.023   5.227   2.734   1.00 12.13 ? 98  TYR X CG  1 
ATOM   776  C CD1 . TYR A 1 98  ? 0.076   4.754   1.827   1.00 11.83 ? 98  TYR X CD1 1 
ATOM   777  C CD2 . TYR A 1 98  ? 2.016   4.355   3.141   1.00 10.98 ? 98  TYR X CD2 1 
ATOM   778  C CE1 . TYR A 1 98  ? 0.127   3.446   1.339   1.00 10.92 ? 98  TYR X CE1 1 
ATOM   779  C CE2 . TYR A 1 98  ? 2.095   3.071   2.658   1.00 10.91 ? 98  TYR X CE2 1 
ATOM   780  C CZ  . TYR A 1 98  ? 1.136   2.608   1.766   1.00 11.23 ? 98  TYR X CZ  1 
ATOM   781  O OH  . TYR A 1 98  ? 1.225   1.320   1.318   1.00 10.08 ? 98  TYR X OH  1 
ATOM   782  N N   . GLU A 1 99  ? 1.501   9.816   3.221   1.00 18.01 ? 99  GLU X N   1 
ATOM   783  C CA  . GLU A 1 99  ? 1.347   11.138  3.836   1.00 19.74 ? 99  GLU X CA  1 
ATOM   784  C C   . GLU A 1 99  ? 0.636   12.103  2.887   1.00 20.20 ? 99  GLU X C   1 
ATOM   785  O O   . GLU A 1 99  ? -0.242  12.859  3.303   1.00 21.27 ? 99  GLU X O   1 
ATOM   786  C CB  . GLU A 1 99  ? 2.706   11.717  4.240   1.00 20.34 ? 99  GLU X CB  1 
ATOM   787  C CG  . GLU A 1 99  ? 3.276   11.126  5.519   1.00 21.46 ? 99  GLU X CG  1 
ATOM   788  C CD  . GLU A 1 99  ? 4.732   11.505  5.736   1.00 21.88 ? 99  GLU X CD  1 
ATOM   789  O OE1 . GLU A 1 99  ? 5.341   10.982  6.696   1.00 23.57 ? 99  GLU X OE1 1 
ATOM   790  O OE2 . GLU A 1 99  ? 5.274   12.274  4.920   1.00 22.92 ? 99  GLU X OE2 1 
ATOM   791  N N   . GLU A 1 100 ? 1.012   12.059  1.613   1.00 21.42 ? 100 GLU X N   1 
ATOM   792  C CA  . GLU A 1 100 ? 0.452   12.949  0.605   1.00 22.08 ? 100 GLU X CA  1 
ATOM   793  C C   . GLU A 1 100 ? -0.992  12.593  0.240   1.00 21.80 ? 100 GLU X C   1 
ATOM   794  O O   . GLU A 1 100 ? -1.734  13.456  -0.216  1.00 21.88 ? 100 GLU X O   1 
ATOM   795  C CB  . GLU A 1 100 ? 1.332   12.934  -0.647  1.00 23.08 ? 100 GLU X CB  1 
ATOM   796  C CG  . GLU A 1 100 ? 2.765   13.317  -0.334  1.00 24.39 ? 100 GLU X CG  1 
ATOM   797  C CD  . GLU A 1 100 ? 3.716   13.146  -1.500  1.00 25.27 ? 100 GLU X CD  1 
ATOM   798  O OE1 . GLU A 1 100 ? 4.135   14.175  -2.084  1.00 25.55 ? 100 GLU X OE1 1 
ATOM   799  O OE2 . GLU A 1 100 ? 4.063   11.983  -1.810  1.00 25.71 ? 100 GLU X OE2 1 
ATOM   800  N N   . MET A 1 101 ? -1.389  11.338  0.425   1.00 21.31 ? 101 MET X N   1 
ATOM   801  C CA  . MET A 1 101 ? -2.636  10.864  -0.174  1.00 21.18 ? 101 MET X CA  1 
ATOM   802  C C   . MET A 1 101 ? -3.729  10.563  0.867   1.00 21.70 ? 101 MET X C   1 
ATOM   803  O O   . MET A 1 101 ? -4.916  10.502  0.533   1.00 21.14 ? 101 MET X O   1 
ATOM   804  C CB  . MET A 1 101 ? -2.376  9.639   -1.043  1.00 21.34 ? 101 MET X CB  1 
ATOM   805  C CG  . MET A 1 101 ? -1.574  9.951   -2.295  1.00 21.77 ? 101 MET X CG  1 
ATOM   806  S SD  . MET A 1 101 ? -2.236  11.389  -3.193  1.00 23.01 ? 101 MET X SD  1 
ATOM   807  C CE  . MET A 1 101 ? -3.787  10.757  -3.651  1.00 22.27 ? 101 MET X CE  1 
ATOM   808  N N   . ILE A 1 102 ? -3.341  10.378  2.127   1.00 21.78 ? 102 ILE X N   1 
ATOM   809  C CA  . ILE A 1 102 ? -4.268  9.814   3.105   1.00 22.17 ? 102 ILE X CA  1 
ATOM   810  C C   . ILE A 1 102 ? -5.491  10.718  3.301   1.00 22.28 ? 102 ILE X C   1 
ATOM   811  O O   . ILE A 1 102 ? -6.594  10.230  3.537   1.00 22.26 ? 102 ILE X O   1 
ATOM   812  C CB  . ILE A 1 102 ? -3.565  9.533   4.443   1.00 22.64 ? 102 ILE X CB  1 
ATOM   813  C CG1 . ILE A 1 102 ? -4.358  8.485   5.242   1.00 23.52 ? 102 ILE X CG1 1 
ATOM   814  C CG2 . ILE A 1 102 ? -3.395  10.815  5.245   1.00 22.36 ? 102 ILE X CG2 1 
ATOM   815  C CD1 . ILE A 1 102 ? -3.988  7.026   4.927   1.00 24.35 ? 102 ILE X CD1 1 
ATOM   816  N N   . ASP A 1 103 ? -5.312  12.024  3.168   1.00 22.32 ? 103 ASP X N   1 
ATOM   817  C CA  . ASP A 1 103 ? -6.451  12.941  3.236   1.00 22.88 ? 103 ASP X CA  1 
ATOM   818  C C   . ASP A 1 103 ? -7.261  13.020  1.934   1.00 22.15 ? 103 ASP X C   1 
ATOM   819  O O   . ASP A 1 103 ? -8.246  13.742  1.849   1.00 21.80 ? 103 ASP X O   1 
ATOM   820  C CB  . ASP A 1 103 ? -5.972  14.334  3.640   1.00 23.84 ? 103 ASP X CB  1 
ATOM   821  C CG  . ASP A 1 103 ? -5.483  14.378  5.075   1.00 24.40 ? 103 ASP X CG  1 
ATOM   822  O OD1 . ASP A 1 103 ? -4.549  15.156  5.362   1.00 25.59 ? 103 ASP X OD1 1 
ATOM   823  O OD2 . ASP A 1 103 ? -5.971  13.667  5.981   1.00 24.22 ? 103 ASP X OD2 1 
ATOM   824  N N   . LYS A 1 104 ? -6.851  12.266  0.928   1.00 22.04 ? 104 LYS X N   1 
ATOM   825  C CA  . LYS A 1 104 ? -7.379  12.444  -0.414  1.00 22.29 ? 104 LYS X CA  1 
ATOM   826  C C   . LYS A 1 104 ? -8.163  11.215  -0.859  1.00 21.18 ? 104 LYS X C   1 
ATOM   827  O O   . LYS A 1 104 ? -9.046  11.307  -1.711  1.00 21.06 ? 104 LYS X O   1 
ATOM   828  C CB  . LYS A 1 104 ? -6.236  12.737  -1.391  1.00 23.52 ? 104 LYS X CB  1 
ATOM   829  C CG  . LYS A 1 104 ? -5.485  14.025  -1.076  1.00 24.74 ? 104 LYS X CG  1 
ATOM   830  C CD  . LYS A 1 104 ? -6.198  15.250  -1.632  1.00 25.50 ? 104 LYS X CD  1 
ATOM   831  C CE  . LYS A 1 104 ? -5.768  16.538  -0.912  1.00 26.23 ? 104 LYS X CE  1 
ATOM   832  N NZ  . LYS A 1 104 ? -6.498  17.753  -1.411  1.00 26.24 ? 104 LYS X NZ  1 
ATOM   833  N N   . VAL A 1 105 ? -7.854  10.060  -0.280  1.00 19.71 ? 105 VAL X N   1 
ATOM   834  C CA  . VAL A 1 105 ? -8.407  8.811   -0.786  1.00 18.77 ? 105 VAL X CA  1 
ATOM   835  C C   . VAL A 1 105 ? -9.868  8.599   -0.358  1.00 18.42 ? 105 VAL X C   1 
ATOM   836  O O   . VAL A 1 105 ? -10.343 9.149   0.638   1.00 16.89 ? 105 VAL X O   1 
ATOM   837  C CB  . VAL A 1 105 ? -7.565  7.603   -0.356  1.00 18.73 ? 105 VAL X CB  1 
ATOM   838  C CG1 . VAL A 1 105 ? -6.177  7.684   -0.963  1.00 18.56 ? 105 VAL X CG1 1 
ATOM   839  C CG2 . VAL A 1 105 ? -7.503  7.502   1.168   1.00 18.63 ? 105 VAL X CG2 1 
ATOM   840  N N   . ASP A 1 106 ? -10.575 7.785   -1.126  1.00 18.34 ? 106 ASP X N   1 
ATOM   841  C CA  . ASP A 1 106 ? -11.939 7.411   -0.776  1.00 18.77 ? 106 ASP X CA  1 
ATOM   842  C C   . ASP A 1 106 ? -11.920 6.442   0.411   1.00 17.63 ? 106 ASP X C   1 
ATOM   843  O O   . ASP A 1 106 ? -12.677 6.594   1.370   1.00 16.23 ? 106 ASP X O   1 
ATOM   844  C CB  . ASP A 1 106 ? -12.621 6.778   -1.984  1.00 19.83 ? 106 ASP X CB  1 
ATOM   845  C CG  . ASP A 1 106 ? -12.713 7.736   -3.170  1.00 20.66 ? 106 ASP X CG  1 
ATOM   846  O OD1 . ASP A 1 106 ? -13.097 8.901   -2.946  1.00 21.55 ? 106 ASP X OD1 1 
ATOM   847  O OD2 . ASP A 1 106 ? -12.475 7.385   -4.342  1.00 22.13 ? 106 ASP X OD2 1 
ATOM   848  N N   . ASP A 1 107 ? -11.027 5.460   0.347   1.00 16.37 ? 107 ASP X N   1 
ATOM   849  C CA  . ASP A 1 107 ? -10.992 4.424   1.361   1.00 15.16 ? 107 ASP X CA  1 
ATOM   850  C C   . ASP A 1 107 ? -9.597  3.818   1.517   1.00 14.67 ? 107 ASP X C   1 
ATOM   851  O O   . ASP A 1 107 ? -8.678  4.140   0.758   1.00 13.90 ? 107 ASP X O   1 
ATOM   852  C CB  . ASP A 1 107 ? -11.990 3.329   1.001   1.00 15.53 ? 107 ASP X CB  1 
ATOM   853  C CG  . ASP A 1 107 ? -11.776 2.783   -0.378  1.00 15.41 ? 107 ASP X CG  1 
ATOM   854  O OD1 . ASP A 1 107 ? -12.418 1.768   -0.703  1.00 16.22 ? 107 ASP X OD1 1 
ATOM   855  O OD2 . ASP A 1 107 ? -10.999 3.306   -1.215  1.00 16.26 ? 107 ASP X OD2 1 
ATOM   856  N N   . MET A 1 108 ? -9.457  2.931   2.500   1.00 13.17 ? 108 MET X N   1 
ATOM   857  C CA  . MET A 1 108 ? -8.187  2.269   2.779   1.00 12.67 ? 108 MET X CA  1 
ATOM   858  C C   . MET A 1 108 ? -8.406  0.783   3.006   1.00 11.68 ? 108 MET X C   1 
ATOM   859  O O   . MET A 1 108 ? -9.325  0.377   3.726   1.00 11.74 ? 108 MET X O   1 
ATOM   860  C CB  . MET A 1 108 ? -7.512  2.883   4.008   1.00 12.45 ? 108 MET X CB  1 
ATOM   861  C CG  . MET A 1 108 ? -7.594  4.402   4.064   1.00 12.87 ? 108 MET X CG  1 
ATOM   862  S SD  . MET A 1 108 ? -6.311  5.149   5.101   1.00 12.49 ? 108 MET X SD  1 
ATOM   863  C CE  . MET A 1 108 ? -7.035  4.966   6.713   1.00 13.02 ? 108 MET X CE  1 
ATOM   864  N N   . TYR A 1 109 ? -7.554  -0.012  2.375   1.00 11.11 ? 109 TYR X N   1 
ATOM   865  C CA  . TYR A 1 109 ? -7.387  -1.408  2.709   1.00 11.34 ? 109 TYR X CA  1 
ATOM   866  C C   . TYR A 1 109 ? -6.125  -1.625  3.517   1.00 11.30 ? 109 TYR X C   1 
ATOM   867  O O   . TYR A 1 109 ? -5.015  -1.584  2.986   1.00 10.88 ? 109 TYR X O   1 
ATOM   868  C CB  . TYR A 1 109 ? -7.303  -2.213  1.430   1.00 12.44 ? 109 TYR X CB  1 
ATOM   869  C CG  . TYR A 1 109 ? -8.569  -2.156  0.620   1.00 13.96 ? 109 TYR X CG  1 
ATOM   870  C CD1 . TYR A 1 109 ? -8.788  -1.143  -0.294  1.00 14.72 ? 109 TYR X CD1 1 
ATOM   871  C CD2 . TYR A 1 109 ? -9.562  -3.101  0.800   1.00 14.53 ? 109 TYR X CD2 1 
ATOM   872  C CE1 . TYR A 1 109 ? -9.951  -1.103  -1.033  1.00 15.10 ? 109 TYR X CE1 1 
ATOM   873  C CE2 . TYR A 1 109 ? -10.722 -3.060  0.079   1.00 14.45 ? 109 TYR X CE2 1 
ATOM   874  C CZ  . TYR A 1 109 ? -10.910 -2.078  -0.841  1.00 14.27 ? 109 TYR X CZ  1 
ATOM   875  O OH  . TYR A 1 109 ? -12.078 -2.053  -1.557  1.00 14.62 ? 109 TYR X OH  1 
ATOM   876  N N   . ILE A 1 110 ? -6.297  -1.869  4.806   1.00 11.30 ? 110 ILE X N   1 
ATOM   877  C CA  . ILE A 1 110 ? -5.164  -1.938  5.705   1.00 11.73 ? 110 ILE X CA  1 
ATOM   878  C C   . ILE A 1 110 ? -5.114  -3.350  6.210   1.00 11.88 ? 110 ILE X C   1 
ATOM   879  O O   . ILE A 1 110 ? -6.126  -3.874  6.651   1.00 12.79 ? 110 ILE X O   1 
ATOM   880  C CB  . ILE A 1 110 ? -5.344  -0.963  6.872   1.00 12.15 ? 110 ILE X CB  1 
ATOM   881  C CG1 . ILE A 1 110 ? -5.502  0.455   6.342   1.00 12.71 ? 110 ILE X CG1 1 
ATOM   882  C CG2 . ILE A 1 110 ? -4.174  -1.091  7.863   1.00 12.57 ? 110 ILE X CG2 1 
ATOM   883  C CD1 . ILE A 1 110 ? -5.362  1.541   7.387   1.00 13.63 ? 110 ILE X CD1 1 
ATOM   884  N N   . THR A 1 111 ? -3.942  -3.962  6.150   1.00 10.61 ? 111 THR X N   1 
ATOM   885  C CA  . THR A 1 111 ? -3.634  -5.117  6.977   1.00 11.16 ? 111 THR X CA  1 
ATOM   886  C C   . THR A 1 111 ? -3.004  -4.637  8.294   1.00 11.98 ? 111 THR X C   1 
ATOM   887  O O   . THR A 1 111 ? -1.905  -4.078  8.287   1.00 11.26 ? 111 THR X O   1 
ATOM   888  C CB  . THR A 1 111 ? -2.695  -6.071  6.199   1.00 10.94 ? 111 THR X CB  1 
ATOM   889  O OG1 . THR A 1 111 ? -3.224  -6.332  4.885   1.00 11.59 ? 111 THR X OG1 1 
ATOM   890  C CG2 . THR A 1 111 ? -2.627  -7.473  6.837   1.00 11.91 ? 111 THR X CG2 1 
ATOM   891  N N   . VAL A 1 112 ? -3.701  -4.816  9.412   1.00 11.78 ? 112 VAL X N   1 
ATOM   892  C CA  . VAL A 1 112 ? -3.074  -4.634  10.720  1.00 12.52 ? 112 VAL X CA  1 
ATOM   893  C C   . VAL A 1 112 ? -2.256  -5.848  11.124  1.00 13.18 ? 112 VAL X C   1 
ATOM   894  O O   . VAL A 1 112 ? -2.790  -6.945  11.312  1.00 11.44 ? 112 VAL X O   1 
ATOM   895  C CB  . VAL A 1 112 ? -4.104  -4.315  11.827  1.00 12.99 ? 112 VAL X CB  1 
ATOM   896  C CG1 . VAL A 1 112 ? -3.397  -3.857  13.102  1.00 13.02 ? 112 VAL X CG1 1 
ATOM   897  C CG2 . VAL A 1 112 ? -5.106  -3.285  11.341  1.00 12.97 ? 112 VAL X CG2 1 
ATOM   898  N N   . ILE A 1 113 ? -0.944  -5.649  11.230  1.00 13.92 ? 113 ILE X N   1 
ATOM   899  C CA  . ILE A 1 113 ? -0.052  -6.701  11.680  1.00 14.47 ? 113 ILE X CA  1 
ATOM   900  C C   . ILE A 1 113 ? 0.087   -6.633  13.196  1.00 14.10 ? 113 ILE X C   1 
ATOM   901  O O   . ILE A 1 113 ? 0.670   -5.690  13.734  1.00 13.17 ? 113 ILE X O   1 
ATOM   902  C CB  . ILE A 1 113 ? 1.328   -6.561  11.029  1.00 15.36 ? 113 ILE X CB  1 
ATOM   903  C CG1 . ILE A 1 113 ? 1.207   -6.318  9.516   1.00 15.76 ? 113 ILE X CG1 1 
ATOM   904  C CG2 . ILE A 1 113 ? 2.156   -7.802  11.308  1.00 15.44 ? 113 ILE X CG2 1 
ATOM   905  C CD1 . ILE A 1 113 ? 1.092   -7.571  8.709   1.00 15.94 ? 113 ILE X CD1 1 
ATOM   906  N N   . GLU A 1 114 ? -0.450  -7.631  13.886  1.00 14.54 ? 114 GLU X N   1 
ATOM   907  C CA  . GLU A 1 114 ? -0.624  -7.527  15.329  1.00 15.00 ? 114 GLU X CA  1 
ATOM   908  C C   . GLU A 1 114 ? 0.691   -7.874  16.037  1.00 14.74 ? 114 GLU X C   1 
ATOM   909  O O   . GLU A 1 114 ? 0.777   -8.812  16.842  1.00 14.40 ? 114 GLU X O   1 
ATOM   910  C CB  . GLU A 1 114 ? -1.786  -8.408  15.792  1.00 16.93 ? 114 GLU X CB  1 
ATOM   911  C CG  . GLU A 1 114 ? -3.021  -8.315  14.891  1.00 18.65 ? 114 GLU X CG  1 
ATOM   912  C CD  . GLU A 1 114 ? -3.891  -7.105  15.180  1.00 20.36 ? 114 GLU X CD  1 
ATOM   913  O OE1 . GLU A 1 114 ? -3.568  -6.349  16.112  1.00 19.95 ? 114 GLU X OE1 1 
ATOM   914  O OE2 . GLU A 1 114 ? -4.912  -6.914  14.468  1.00 22.33 ? 114 GLU X OE2 1 
ATOM   915  N N   . GLY A 1 115 ? 1.717   -7.091  15.723  1.00 13.69 ? 115 GLY X N   1 
ATOM   916  C CA  . GLY A 1 115 ? 3.057   -7.324  16.224  1.00 13.30 ? 115 GLY X CA  1 
ATOM   917  C C   . GLY A 1 115 ? 3.807   -5.999  16.284  1.00 12.96 ? 115 GLY X C   1 
ATOM   918  O O   . GLY A 1 115 ? 3.329   -4.976  15.811  1.00 12.26 ? 115 GLY X O   1 
ATOM   919  N N   . LYS A 1 116 ? 4.983   -6.012  16.880  1.00 12.78 ? 116 LYS X N   1 
ATOM   920  C CA  . LYS A 1 116 ? 5.738   -4.785  17.052  1.00 13.39 ? 116 LYS X CA  1 
ATOM   921  C C   . LYS A 1 116 ? 7.103   -4.976  16.414  1.00 12.47 ? 116 LYS X C   1 
ATOM   922  O O   . LYS A 1 116 ? 7.939   -5.731  16.916  1.00 12.89 ? 116 LYS X O   1 
ATOM   923  C CB  . LYS A 1 116 ? 5.836   -4.424  18.533  1.00 14.76 ? 116 LYS X CB  1 
ATOM   924  C CG  . LYS A 1 116 ? 4.539   -3.821  19.061  1.00 15.87 ? 116 LYS X CG  1 
ATOM   925  C CD  . LYS A 1 116 ? 4.487   -3.726  20.581  1.00 17.76 ? 116 LYS X CD  1 
ATOM   926  C CE  . LYS A 1 116 ? 5.726   -3.066  21.130  1.00 18.45 ? 116 LYS X CE  1 
ATOM   927  N NZ  . LYS A 1 116 ? 6.083   -3.590  22.498  1.00 20.79 ? 116 LYS X NZ  1 
ATOM   928  N N   . PHE A 1 117 ? 7.301   -4.333  15.267  1.00 11.17 ? 117 PHE X N   1 
ATOM   929  C CA  . PHE A 1 117 ? 8.516   -4.529  14.490  1.00 11.79 ? 117 PHE X CA  1 
ATOM   930  C C   . PHE A 1 117 ? 9.412   -3.310  14.590  1.00 12.13 ? 117 PHE X C   1 
ATOM   931  O O   . PHE A 1 117 ? 8.941   -2.191  14.801  1.00 12.86 ? 117 PHE X O   1 
ATOM   932  C CB  . PHE A 1 117 ? 8.184   -4.838  13.025  1.00 11.32 ? 117 PHE X CB  1 
ATOM   933  C CG  . PHE A 1 117 ? 7.583   -6.192  12.823  1.00 11.11 ? 117 PHE X CG  1 
ATOM   934  C CD1 . PHE A 1 117 ? 8.331   -7.236  12.283  1.00 11.33 ? 117 PHE X CD1 1 
ATOM   935  C CD2 . PHE A 1 117 ? 6.286   -6.436  13.196  1.00 10.02 ? 117 PHE X CD2 1 
ATOM   936  C CE1 . PHE A 1 117 ? 7.768   -8.500  12.111  1.00 10.90 ? 117 PHE X CE1 1 
ATOM   937  C CE2 . PHE A 1 117 ? 5.724   -7.700  13.026  1.00 10.87 ? 117 PHE X CE2 1 
ATOM   938  C CZ  . PHE A 1 117 ? 6.470   -8.727  12.485  1.00 10.25 ? 117 PHE X CZ  1 
ATOM   939  N N   . ARG A 1 118 ? 10.712  -3.531  14.467  1.00 12.31 ? 118 ARG X N   1 
ATOM   940  C CA  . ARG A 1 118 ? 11.653  -2.435  14.313  1.00 13.43 ? 118 ARG X CA  1 
ATOM   941  C C   . ARG A 1 118 ? 11.525  -1.847  12.907  1.00 12.09 ? 118 ARG X C   1 
ATOM   942  O O   . ARG A 1 118 ? 11.551  -2.579  11.927  1.00 12.98 ? 118 ARG X O   1 
ATOM   943  C CB  . ARG A 1 118 ? 13.069  -2.940  14.571  1.00 15.74 ? 118 ARG X CB  1 
ATOM   944  C CG  . ARG A 1 118 ? 14.125  -2.224  13.820  1.00 18.61 ? 118 ARG X CG  1 
ATOM   945  C CD  . ARG A 1 118 ? 15.505  -2.777  14.079  1.00 20.80 ? 118 ARG X CD  1 
ATOM   946  N NE  . ARG A 1 118 ? 16.164  -2.035  15.139  1.00 23.20 ? 118 ARG X NE  1 
ATOM   947  C CZ  . ARG A 1 118 ? 16.506  -2.542  16.314  1.00 24.84 ? 118 ARG X CZ  1 
ATOM   948  N NH1 . ARG A 1 118 ? 16.243  -3.809  16.601  1.00 25.57 ? 118 ARG X NH1 1 
ATOM   949  N NH2 . ARG A 1 118 ? 17.124  -1.781  17.200  1.00 26.15 ? 118 ARG X NH2 1 
ATOM   950  N N   . GLY A 1 119 ? 11.364  -0.532  12.805  1.00 10.83 ? 119 GLY X N   1 
ATOM   951  C CA  . GLY A 1 119 ? 11.021  0.090   11.536  1.00 10.57 ? 119 GLY X CA  1 
ATOM   952  C C   . GLY A 1 119 ? 11.768  1.390   11.285  1.00 10.15 ? 119 GLY X C   1 
ATOM   953  O O   . GLY A 1 119 ? 12.223  2.022   12.233  1.00 8.46  ? 119 GLY X O   1 
ATOM   954  N N   . ASP A 1 120 ? 11.906  1.793   10.016  1.00 9.86  ? 120 ASP X N   1 
ATOM   955  C CA  . ASP A 1 120 ? 12.391  3.134   9.711   1.00 10.08 ? 120 ASP X CA  1 
ATOM   956  C C   . ASP A 1 120 ? 11.417  3.931   8.851   1.00 10.18 ? 120 ASP X C   1 
ATOM   957  O O   . ASP A 1 120 ? 11.723  5.039   8.418   1.00 10.24 ? 120 ASP X O   1 
ATOM   958  C CB  . ASP A 1 120 ? 13.787  3.083   9.045   1.00 10.78 ? 120 ASP X CB  1 
ATOM   959  C CG  . ASP A 1 120 ? 13.808  2.249   7.784   1.00 10.64 ? 120 ASP X CG  1 
ATOM   960  O OD1 . ASP A 1 120 ? 14.892  1.740   7.446   1.00 10.71 ? 120 ASP X OD1 1 
ATOM   961  O OD2 . ASP A 1 120 ? 12.786  2.032   7.092   1.00 10.28 ? 120 ASP X OD2 1 
ATOM   962  N N   . THR A 1 121 ? 10.242  3.366   8.604   1.00 10.01 ? 121 THR X N   1 
ATOM   963  C CA  . THR A 1 121 ? 9.239   4.017   7.781   1.00 11.34 ? 121 THR X CA  1 
ATOM   964  C C   . THR A 1 121 ? 7.852   3.664   8.300   1.00 11.25 ? 121 THR X C   1 
ATOM   965  O O   . THR A 1 121 ? 7.603   2.533   8.731   1.00 10.44 ? 121 THR X O   1 
ATOM   966  C CB  . THR A 1 121 ? 9.382   3.592   6.295   1.00 11.72 ? 121 THR X CB  1 
ATOM   967  O OG1 . THR A 1 121 ? 9.324   2.174   6.201   1.00 14.32 ? 121 THR X OG1 1 
ATOM   968  C CG2 . THR A 1 121 ? 10.754  3.892   5.784   1.00 12.87 ? 121 THR X CG2 1 
ATOM   969  N N   . PHE A 1 122 ? 6.964   4.647   8.279   1.00 11.34 ? 122 PHE X N   1 
ATOM   970  C CA  . PHE A 1 122 ? 5.736   4.606   9.070   1.00 11.74 ? 122 PHE X CA  1 
ATOM   971  C C   . PHE A 1 122 ? 4.539   5.089   8.258   1.00 11.76 ? 122 PHE X C   1 
ATOM   972  O O   . PHE A 1 122 ? 4.653   6.017   7.452   1.00 11.48 ? 122 PHE X O   1 
ATOM   973  C CB  . PHE A 1 122 ? 5.852   5.491   10.311  1.00 12.38 ? 122 PHE X CB  1 
ATOM   974  C CG  . PHE A 1 122 ? 6.672   4.885   11.414  1.00 12.03 ? 122 PHE X CG  1 
ATOM   975  C CD1 . PHE A 1 122 ? 6.061   4.253   12.477  1.00 12.08 ? 122 PHE X CD1 1 
ATOM   976  C CD2 . PHE A 1 122 ? 8.046   4.955   11.383  1.00 11.93 ? 122 PHE X CD2 1 
ATOM   977  C CE1 . PHE A 1 122 ? 6.803   3.700   13.487  1.00 12.36 ? 122 PHE X CE1 1 
ATOM   978  C CE2 . PHE A 1 122 ? 8.803   4.392   12.387  1.00 12.04 ? 122 PHE X CE2 1 
ATOM   979  C CZ  . PHE A 1 122 ? 8.181   3.771   13.445  1.00 12.35 ? 122 PHE X CZ  1 
ATOM   980  N N   . PHE A 1 123 ? 3.393   4.458   8.505   1.00 11.64 ? 123 PHE X N   1 
ATOM   981  C CA  . PHE A 1 123 ? 2.093   4.990   8.116   1.00 11.31 ? 123 PHE X CA  1 
ATOM   982  C C   . PHE A 1 123 ? 1.684   6.116   9.078   1.00 11.99 ? 123 PHE X C   1 
ATOM   983  O O   . PHE A 1 123 ? 1.932   6.037   10.277  1.00 10.88 ? 123 PHE X O   1 
ATOM   984  C CB  . PHE A 1 123 ? 1.052   3.861   8.127   1.00 10.87 ? 123 PHE X CB  1 
ATOM   985  C CG  . PHE A 1 123 ? -0.208  4.176   7.366   1.00 9.85  ? 123 PHE X CG  1 
ATOM   986  C CD1 . PHE A 1 123 ? -0.222  4.147   5.982   1.00 10.26 ? 123 PHE X CD1 1 
ATOM   987  C CD2 . PHE A 1 123 ? -1.378  4.496   8.039   1.00 10.38 ? 123 PHE X CD2 1 
ATOM   988  C CE1 . PHE A 1 123 ? -1.380  4.424   5.282   1.00 10.05 ? 123 PHE X CE1 1 
ATOM   989  C CE2 . PHE A 1 123 ? -2.547  4.790   7.340   1.00 9.68  ? 123 PHE X CE2 1 
ATOM   990  C CZ  . PHE A 1 123 ? -2.548  4.745   5.970   1.00 10.08 ? 123 PHE X CZ  1 
ATOM   991  N N   . PRO A 1 124 ? 1.060   7.162   8.555   1.00 12.98 ? 124 PRO X N   1 
ATOM   992  C CA  . PRO A 1 124 ? 0.681   8.302   9.395   1.00 13.74 ? 124 PRO X CA  1 
ATOM   993  C C   . PRO A 1 124 ? -0.433  7.964   10.375  1.00 14.14 ? 124 PRO X C   1 
ATOM   994  O O   . PRO A 1 124 ? -1.283  7.124   10.052  1.00 13.86 ? 124 PRO X O   1 
ATOM   995  C CB  . PRO A 1 124 ? 0.203   9.361   8.393   1.00 14.36 ? 124 PRO X CB  1 
ATOM   996  C CG  . PRO A 1 124 ? 0.000   8.665   7.083   1.00 14.06 ? 124 PRO X CG  1 
ATOM   997  C CD  . PRO A 1 124 ? 0.675   7.334   7.147   1.00 13.74 ? 124 PRO X CD  1 
ATOM   998  N N   . PRO A 1 125 ? -0.435  8.587   11.551  1.00 14.87 ? 125 PRO X N   1 
ATOM   999  C CA  . PRO A 1 125 ? -1.533  8.376   12.496  1.00 14.95 ? 125 PRO X CA  1 
ATOM   1000 C C   . PRO A 1 125 ? -2.865  8.691   11.832  1.00 15.33 ? 125 PRO X C   1 
ATOM   1001 O O   . PRO A 1 125 ? -2.938  9.631   11.043  1.00 14.50 ? 125 PRO X O   1 
ATOM   1002 C CB  . PRO A 1 125 ? -1.238  9.374   13.618  1.00 15.56 ? 125 PRO X CB  1 
ATOM   1003 C CG  . PRO A 1 125 ? 0.231   9.650   13.527  1.00 15.33 ? 125 PRO X CG  1 
ATOM   1004 C CD  . PRO A 1 125 ? 0.586   9.516   12.069  1.00 15.33 ? 125 PRO X CD  1 
ATOM   1005 N N   . TYR A 1 126 ? -3.882  7.883   12.116  1.00 15.41 ? 126 TYR X N   1 
ATOM   1006 C CA  . TYR A 1 126 ? -5.259  8.189   11.757  1.00 15.65 ? 126 TYR X CA  1 
ATOM   1007 C C   . TYR A 1 126 ? -6.202  7.800   12.904  1.00 17.34 ? 126 TYR X C   1 
ATOM   1008 O O   . TYR A 1 126 ? -5.823  7.039   13.795  1.00 16.21 ? 126 TYR X O   1 
ATOM   1009 C CB  . TYR A 1 126 ? -5.668  7.426   10.502  1.00 14.49 ? 126 TYR X CB  1 
ATOM   1010 C CG  . TYR A 1 126 ? -5.493  5.924   10.611  1.00 13.43 ? 126 TYR X CG  1 
ATOM   1011 C CD1 . TYR A 1 126 ? -6.580  5.093   10.866  1.00 13.09 ? 126 TYR X CD1 1 
ATOM   1012 C CD2 . TYR A 1 126 ? -4.244  5.335   10.464  1.00 13.04 ? 126 TYR X CD2 1 
ATOM   1013 C CE1 . TYR A 1 126 ? -6.431  3.732   10.955  1.00 12.15 ? 126 TYR X CE1 1 
ATOM   1014 C CE2 . TYR A 1 126 ? -4.084  3.966   10.540  1.00 12.03 ? 126 TYR X CE2 1 
ATOM   1015 C CZ  . TYR A 1 126 ? -5.181  3.169   10.800  1.00 12.17 ? 126 TYR X CZ  1 
ATOM   1016 O OH  . TYR A 1 126 ? -5.045  1.798   10.889  1.00 11.40 ? 126 TYR X OH  1 
ATOM   1017 N N   . THR A 1 127 ? -7.421  8.334   12.852  1.00 19.39 ? 127 THR X N   1 
ATOM   1018 C CA  . THR A 1 127 ? -8.484  8.036   13.812  1.00 21.76 ? 127 THR X CA  1 
ATOM   1019 C C   . THR A 1 127 ? -9.644  7.320   13.120  1.00 22.72 ? 127 THR X C   1 
ATOM   1020 O O   . THR A 1 127 ? -9.950  7.593   11.959  1.00 22.14 ? 127 THR X O   1 
ATOM   1021 C CB  . THR A 1 127 ? -9.015  9.339   14.434  1.00 22.61 ? 127 THR X CB  1 
ATOM   1022 O OG1 . THR A 1 127 ? -7.926  10.217  14.762  1.00 24.24 ? 127 THR X OG1 1 
ATOM   1023 C CG2 . THR A 1 127 ? -9.679  9.062   15.766  1.00 22.98 ? 127 THR X CG2 1 
ATOM   1024 N N   . PHE A 1 128 ? -10.295 6.407   13.839  1.00 24.73 ? 128 PHE X N   1 
ATOM   1025 C CA  . PHE A 1 128 ? -11.562 5.815   13.392  1.00 25.95 ? 128 PHE X CA  1 
ATOM   1026 C C   . PHE A 1 128 ? -12.718 6.784   13.641  1.00 26.69 ? 128 PHE X C   1 
ATOM   1027 O O   . PHE A 1 128 ? -13.836 6.587   13.169  1.00 26.88 ? 128 PHE X O   1 
ATOM   1028 C CB  . PHE A 1 128 ? -11.825 4.490   14.114  1.00 26.68 ? 128 PHE X CB  1 
ATOM   1029 C CG  . PHE A 1 128 ? -11.051 3.327   13.549  1.00 27.10 ? 128 PHE X CG  1 
ATOM   1030 C CD1 . PHE A 1 128 ? -11.432 2.731   12.358  1.00 27.52 ? 128 PHE X CD1 1 
ATOM   1031 C CD2 . PHE A 1 128 ? -9.922  2.855   14.199  1.00 27.63 ? 128 PHE X CD2 1 
ATOM   1032 C CE1 . PHE A 1 128 ? -10.707 1.690   11.832  1.00 27.39 ? 128 PHE X CE1 1 
ATOM   1033 C CE2 . PHE A 1 128 ? -9.198  1.801   13.673  1.00 27.51 ? 128 PHE X CE2 1 
ATOM   1034 C CZ  . PHE A 1 128 ? -9.594  1.221   12.494  1.00 27.51 ? 128 PHE X CZ  1 
ATOM   1035 N N   . GLU A 1 129 ? -12.432 7.842   14.385  1.00 27.22 ? 129 GLU X N   1 
ATOM   1036 C CA  . GLU A 1 129 ? -13.267 9.035   14.384  1.00 28.15 ? 129 GLU X CA  1 
ATOM   1037 C C   . GLU A 1 129 ? -13.580 9.503   12.966  1.00 26.60 ? 129 GLU X C   1 
ATOM   1038 O O   . GLU A 1 129 ? -14.648 10.067  12.710  1.00 25.80 ? 129 GLU X O   1 
ATOM   1039 C CB  . GLU A 1 129 ? -12.551 10.153  15.129  1.00 30.26 ? 129 GLU X CB  1 
ATOM   1040 C CG  . GLU A 1 129 ? -13.249 10.632  16.385  1.00 31.91 ? 129 GLU X CG  1 
ATOM   1041 C CD  . GLU A 1 129 ? -13.087 12.131  16.593  1.00 33.33 ? 129 GLU X CD  1 
ATOM   1042 O OE1 . GLU A 1 129 ? -11.985 12.675  16.341  1.00 34.34 ? 129 GLU X OE1 1 
ATOM   1043 O OE2 . GLU A 1 129 ? -14.070 12.779  17.003  1.00 34.74 ? 129 GLU X OE2 1 
ATOM   1044 N N   . ASP A 1 130 ? -12.640 9.267   12.057  1.00 23.91 ? 130 ASP X N   1 
ATOM   1045 C CA  . ASP A 1 130 ? -12.727 9.765   10.692  1.00 22.84 ? 130 ASP X CA  1 
ATOM   1046 C C   . ASP A 1 130 ? -13.052 8.641   9.698   1.00 21.33 ? 130 ASP X C   1 
ATOM   1047 O O   . ASP A 1 130 ? -13.290 8.892   8.522   1.00 20.24 ? 130 ASP X O   1 
ATOM   1048 C CB  . ASP A 1 130 ? -11.399 10.389  10.280  1.00 23.33 ? 130 ASP X CB  1 
ATOM   1049 C CG  . ASP A 1 130 ? -11.135 11.720  10.957  1.00 23.79 ? 130 ASP X CG  1 
ATOM   1050 O OD1 . ASP A 1 130 ? -9.999  12.227  10.815  1.00 24.09 ? 130 ASP X OD1 1 
ATOM   1051 O OD2 . ASP A 1 130 ? -11.989 12.322  11.646  1.00 23.40 ? 130 ASP X OD2 1 
ATOM   1052 N N   . TRP A 1 131 ? -13.016 7.402   10.166  1.00 19.63 ? 131 TRP X N   1 
ATOM   1053 C CA  . TRP A 1 131 ? -12.992 6.252   9.264   1.00 19.14 ? 131 TRP X CA  1 
ATOM   1054 C C   . TRP A 1 131 ? -13.928 5.188   9.778   1.00 19.14 ? 131 TRP X C   1 
ATOM   1055 O O   . TRP A 1 131 ? -13.832 4.765   10.926  1.00 18.79 ? 131 TRP X O   1 
ATOM   1056 C CB  . TRP A 1 131 ? -11.583 5.664   9.131   1.00 18.69 ? 131 TRP X CB  1 
ATOM   1057 C CG  . TRP A 1 131 ? -10.603 6.574   8.453   1.00 18.10 ? 131 TRP X CG  1 
ATOM   1058 C CD1 . TRP A 1 131 ? -9.694  7.387   9.058   1.00 17.76 ? 131 TRP X CD1 1 
ATOM   1059 C CD2 . TRP A 1 131 ? -10.441 6.778   7.040   1.00 18.17 ? 131 TRP X CD2 1 
ATOM   1060 N NE1 . TRP A 1 131 ? -8.973  8.074   8.112   1.00 18.18 ? 131 TRP X NE1 1 
ATOM   1061 C CE2 . TRP A 1 131 ? -9.410  7.718   6.866   1.00 17.84 ? 131 TRP X CE2 1 
ATOM   1062 C CE3 . TRP A 1 131 ? -11.053 6.247   5.902   1.00 17.78 ? 131 TRP X CE3 1 
ATOM   1063 C CZ2 . TRP A 1 131 ? -8.987  8.144   5.611   1.00 17.71 ? 131 TRP X CZ2 1 
ATOM   1064 C CZ3 . TRP A 1 131 ? -10.630 6.672   4.656   1.00 18.14 ? 131 TRP X CZ3 1 
ATOM   1065 C CH2 . TRP A 1 131 ? -9.608  7.614   4.523   1.00 17.73 ? 131 TRP X CH2 1 
ATOM   1066 N N   . GLU A 1 132 ? -14.830 4.755   8.907   1.00 18.67 ? 132 GLU X N   1 
ATOM   1067 C CA  . GLU A 1 132 ? -15.777 3.711   9.222   1.00 18.31 ? 132 GLU X CA  1 
ATOM   1068 C C   . GLU A 1 132 ? -15.254 2.339   8.808   1.00 16.73 ? 132 GLU X C   1 
ATOM   1069 O O   . GLU A 1 132 ? -14.765 2.167   7.696   1.00 14.99 ? 132 GLU X O   1 
ATOM   1070 C CB  . GLU A 1 132 ? -17.070 3.987   8.471   1.00 20.04 ? 132 GLU X CB  1 
ATOM   1071 C CG  . GLU A 1 132 ? -17.972 2.787   8.377   1.00 21.76 ? 132 GLU X CG  1 
ATOM   1072 C CD  . GLU A 1 132 ? -19.208 2.953   9.214   1.00 23.42 ? 132 GLU X CD  1 
ATOM   1073 O OE1 . GLU A 1 132 ? -19.130 2.739   10.452  1.00 25.22 ? 132 GLU X OE1 1 
ATOM   1074 O OE2 . GLU A 1 132 ? -20.254 3.298   8.622   1.00 25.19 ? 132 GLU X OE2 1 
ATOM   1075 N N   . VAL A 1 133 ? -15.396 1.354   9.690   1.00 15.76 ? 133 VAL X N   1 
ATOM   1076 C CA  . VAL A 1 133 ? -14.972 -0.007  9.383   1.00 14.97 ? 133 VAL X CA  1 
ATOM   1077 C C   . VAL A 1 133 ? -16.033 -0.710  8.525   1.00 14.51 ? 133 VAL X C   1 
ATOM   1078 O O   . VAL A 1 133 ? -17.075 -1.134  9.029   1.00 13.91 ? 133 VAL X O   1 
ATOM   1079 C CB  . VAL A 1 133 ? -14.726 -0.802  10.673  1.00 15.29 ? 133 VAL X CB  1 
ATOM   1080 C CG1 . VAL A 1 133 ? -14.209 -2.193  10.358  1.00 15.08 ? 133 VAL X CG1 1 
ATOM   1081 C CG2 . VAL A 1 133 ? -13.751 -0.056  11.593  1.00 15.37 ? 133 VAL X CG2 1 
ATOM   1082 N N   . ALA A 1 134 ? -15.785 -0.801  7.221   1.00 13.68 ? 134 ALA X N   1 
ATOM   1083 C CA  . ALA A 1 134 ? -16.716 -1.460  6.321   1.00 13.22 ? 134 ALA X CA  1 
ATOM   1084 C C   . ALA A 1 134 ? -16.596 -2.960  6.490   1.00 13.77 ? 134 ALA X C   1 
ATOM   1085 O O   . ALA A 1 134 ? -17.550 -3.706  6.258   1.00 13.96 ? 134 ALA X O   1 
ATOM   1086 C CB  . ALA A 1 134 ? -16.435 -1.080  4.885   1.00 13.13 ? 134 ALA X CB  1 
ATOM   1087 N N   . SER A 1 135 ? -15.402 -3.403  6.868   1.00 13.58 ? 135 SER X N   1 
ATOM   1088 C CA  . SER A 1 135 ? -15.185 -4.798  7.216   1.00 13.64 ? 135 SER X CA  1 
ATOM   1089 C C   . SER A 1 135 ? -13.871 -4.983  7.983   1.00 13.91 ? 135 SER X C   1 
ATOM   1090 O O   . SER A 1 135 ? -12.919 -4.210  7.833   1.00 12.29 ? 135 SER X O   1 
ATOM   1091 C CB  . SER A 1 135 ? -15.156 -5.656  5.960   1.00 13.60 ? 135 SER X CB  1 
ATOM   1092 O OG  . SER A 1 135 ? -14.070 -5.292  5.142   1.00 13.13 ? 135 SER X OG  1 
ATOM   1093 N N   . SER A 1 136 ? -13.855 -6.017  8.812   1.00 13.76 ? 136 SER X N   1 
ATOM   1094 C CA  . SER A 1 136 ? -12.669 -6.440  9.532   1.00 13.59 ? 136 SER X CA  1 
ATOM   1095 C C   . SER A 1 136 ? -12.625 -7.948  9.552   1.00 14.95 ? 136 SER X C   1 
ATOM   1096 O O   . SER A 1 136 ? -13.492 -8.578  10.147  1.00 14.79 ? 136 SER X O   1 
ATOM   1097 C CB  . SER A 1 136 ? -12.716 -5.919  10.967  1.00 13.66 ? 136 SER X CB  1 
ATOM   1098 O OG  . SER A 1 136 ? -11.582 -6.344  11.702  1.00 13.11 ? 136 SER X OG  1 
ATOM   1099 N N   . VAL A 1 137 ? -11.628 -8.533  8.898   1.00 15.61 ? 137 VAL X N   1 
ATOM   1100 C CA  . VAL A 1 137 ? -11.503 -9.975  8.795   1.00 16.65 ? 137 VAL X CA  1 
ATOM   1101 C C   . VAL A 1 137 ? -10.152 -10.414 9.351   1.00 17.55 ? 137 VAL X C   1 
ATOM   1102 O O   . VAL A 1 137 ? -9.104  -9.964  8.889   1.00 16.03 ? 137 VAL X O   1 
ATOM   1103 C CB  . VAL A 1 137 ? -11.636 -10.425 7.335   1.00 17.26 ? 137 VAL X CB  1 
ATOM   1104 C CG1 . VAL A 1 137 ? -11.696 -11.935 7.247   1.00 17.36 ? 137 VAL X CG1 1 
ATOM   1105 C CG2 . VAL A 1 137 ? -12.870 -9.783  6.698   1.00 17.24 ? 137 VAL X CG2 1 
ATOM   1106 N N   . GLU A 1 138 ? -10.208 -11.260 10.376  1.00 18.68 ? 138 GLU X N   1 
ATOM   1107 C CA  . GLU A 1 138 ? -9.049  -11.960 10.903  1.00 20.39 ? 138 GLU X CA  1 
ATOM   1108 C C   . GLU A 1 138 ? -8.337  -12.765 9.823   1.00 20.09 ? 138 GLU X C   1 
ATOM   1109 O O   . GLU A 1 138 ? -8.940  -13.602 9.161   1.00 19.33 ? 138 GLU X O   1 
ATOM   1110 C CB  . GLU A 1 138 ? -9.498  -12.891 12.029  1.00 22.59 ? 138 GLU X CB  1 
ATOM   1111 C CG  . GLU A 1 138 ? -8.848  -12.600 13.366  1.00 24.45 ? 138 GLU X CG  1 
ATOM   1112 C CD  . GLU A 1 138 ? -9.231  -13.579 14.459  1.00 25.79 ? 138 GLU X CD  1 
ATOM   1113 O OE1 . GLU A 1 138 ? -9.812  -13.134 15.474  1.00 26.59 ? 138 GLU X OE1 1 
ATOM   1114 O OE2 . GLU A 1 138 ? -8.930  -14.785 14.313  1.00 27.32 ? 138 GLU X OE2 1 
ATOM   1115 N N   . GLY A 1 139 ? -7.043  -12.519 9.651   1.00 19.99 ? 139 GLY X N   1 
ATOM   1116 C CA  . GLY A 1 139 ? -6.183  -13.456 8.952   1.00 20.46 ? 139 GLY X CA  1 
ATOM   1117 C C   . GLY A 1 139 ? -6.105  -14.791 9.673   1.00 20.94 ? 139 GLY X C   1 
ATOM   1118 O O   . GLY A 1 139 ? -6.065  -14.850 10.902  1.00 20.10 ? 139 GLY X O   1 
ATOM   1119 N N   . LYS A 1 140 ? -6.082  -15.872 8.911   1.00 22.09 ? 140 LYS X N   1 
ATOM   1120 C CA  . LYS A 1 140 ? -5.927  -17.196 9.504   1.00 24.17 ? 140 LYS X CA  1 
ATOM   1121 C C   . LYS A 1 140 ? -4.439  -17.543 9.628   1.00 24.55 ? 140 LYS X C   1 
ATOM   1122 O O   . LYS A 1 140 ? -3.642  -17.243 8.734   1.00 24.59 ? 140 LYS X O   1 
ATOM   1123 C CB  . LYS A 1 140 ? -6.722  -18.242 8.708   1.00 24.99 ? 140 LYS X CB  1 
ATOM   1124 C CG  . LYS A 1 140 ? -8.190  -18.341 9.164   1.00 25.78 ? 140 LYS X CG  1 
ATOM   1125 C CD  . LYS A 1 140 ? -9.189  -18.428 8.009   1.00 26.20 ? 140 LYS X CD  1 
ATOM   1126 C CE  . LYS A 1 140 ? -10.581 -18.865 8.515   1.00 26.80 ? 140 LYS X CE  1 
ATOM   1127 N NZ  . LYS A 1 140 ? -11.473 -19.388 7.430   1.00 26.28 ? 140 LYS X NZ  1 
ATOM   1128 N N   . LEU A 1 141 ? -4.067  -18.118 10.768  1.00 25.66 ? 141 LEU X N   1 
ATOM   1129 C CA  . LEU A 1 141 ? -2.678  -18.461 11.048  1.00 26.96 ? 141 LEU X CA  1 
ATOM   1130 C C   . LEU A 1 141 ? -2.361  -19.865 10.558  1.00 28.30 ? 141 LEU X C   1 
ATOM   1131 O O   . LEU A 1 141 ? -3.187  -20.782 10.645  1.00 27.87 ? 141 LEU X O   1 
ATOM   1132 C CB  . LEU A 1 141 ? -2.380  -18.373 12.544  1.00 27.48 ? 141 LEU X CB  1 
ATOM   1133 C CG  . LEU A 1 141 ? -2.838  -17.094 13.239  1.00 27.71 ? 141 LEU X CG  1 
ATOM   1134 C CD1 . LEU A 1 141 ? -1.682  -16.404 13.919  1.00 27.82 ? 141 LEU X CD1 1 
ATOM   1135 C CD2 . LEU A 1 141 ? -3.489  -16.168 12.234  1.00 28.18 ? 141 LEU X CD2 1 
ATOM   1136 N N   . ASP A 1 142 ? -1.151  -20.025 10.044  1.00 29.57 ? 142 ASP X N   1 
ATOM   1137 C CA  . ASP A 1 142 ? -0.567  -21.339 9.849   1.00 30.64 ? 142 ASP X CA  1 
ATOM   1138 C C   . ASP A 1 142 ? 0.949   -21.219 9.914   1.00 31.97 ? 142 ASP X C   1 
ATOM   1139 O O   . ASP A 1 142 ? 1.486   -20.219 10.399  1.00 32.17 ? 142 ASP X O   1 
ATOM   1140 C CB  . ASP A 1 142 ? -1.001  -21.903 8.499   1.00 30.79 ? 142 ASP X CB  1 
ATOM   1141 C CG  . ASP A 1 142 ? -0.693  -20.962 7.350   1.00 30.90 ? 142 ASP X CG  1 
ATOM   1142 O OD1 . ASP A 1 142 ? -1.601  -20.674 6.544   1.00 30.62 ? 142 ASP X OD1 1 
ATOM   1143 O OD2 . ASP A 1 142 ? 0.431   -20.451 7.184   1.00 30.84 ? 142 ASP X OD2 1 
ATOM   1144 N N   . GLU A 1 143 ? 1.642   -22.237 9.424   1.00 33.69 ? 143 GLU X N   1 
ATOM   1145 C CA  . GLU A 1 143 ? 3.091   -22.276 9.532   1.00 34.42 ? 143 GLU X CA  1 
ATOM   1146 C C   . GLU A 1 143 ? 3.736   -21.507 8.382   1.00 33.54 ? 143 GLU X C   1 
ATOM   1147 O O   . GLU A 1 143 ? 4.906   -21.147 8.455   1.00 34.22 ? 143 GLU X O   1 
ATOM   1148 C CB  . GLU A 1 143 ? 3.584   -23.721 9.544   1.00 35.69 ? 143 GLU X CB  1 
ATOM   1149 C CG  . GLU A 1 143 ? 4.334   -24.130 10.806  1.00 36.78 ? 143 GLU X CG  1 
ATOM   1150 C CD  . GLU A 1 143 ? 4.564   -25.634 10.859  1.00 37.52 ? 143 GLU X CD  1 
ATOM   1151 O OE1 . GLU A 1 143 ? 4.544   -26.205 11.969  1.00 38.01 ? 143 GLU X OE1 1 
ATOM   1152 O OE2 . GLU A 1 143 ? 4.755   -26.255 9.784   1.00 38.76 ? 143 GLU X OE2 1 
ATOM   1153 N N   . LYS A 1 144 ? 2.974   -21.242 7.324   1.00 32.35 ? 144 LYS X N   1 
ATOM   1154 C CA  . LYS A 1 144 ? 3.383   -20.237 6.347   1.00 31.10 ? 144 LYS X CA  1 
ATOM   1155 C C   . LYS A 1 144 ? 3.209   -18.816 6.892   1.00 29.07 ? 144 LYS X C   1 
ATOM   1156 O O   . LYS A 1 144 ? 3.953   -17.913 6.517   1.00 28.40 ? 144 LYS X O   1 
ATOM   1157 C CB  . LYS A 1 144 ? 2.600   -20.404 5.043   1.00 32.30 ? 144 LYS X CB  1 
ATOM   1158 C CG  . LYS A 1 144 ? 2.707   -21.795 4.415   1.00 33.13 ? 144 LYS X CG  1 
ATOM   1159 C CD  . LYS A 1 144 ? 3.950   -22.545 4.892   1.00 33.73 ? 144 LYS X CD  1 
ATOM   1160 C CE  . LYS A 1 144 ? 3.798   -24.053 4.699   1.00 34.33 ? 144 LYS X CE  1 
ATOM   1161 N NZ  . LYS A 1 144 ? 4.443   -24.838 5.798   1.00 34.63 ? 144 LYS X NZ  1 
ATOM   1162 N N   . ASN A 1 145 ? 2.222   -18.627 7.772   1.00 26.22 ? 145 ASN X N   1 
ATOM   1163 C CA  . ASN A 1 145 ? 1.749   -17.292 8.143   1.00 23.87 ? 145 ASN X CA  1 
ATOM   1164 C C   . ASN A 1 145 ? 1.515   -17.178 9.642   1.00 22.56 ? 145 ASN X C   1 
ATOM   1165 O O   . ASN A 1 145 ? 0.443   -17.532 10.136  1.00 22.22 ? 145 ASN X O   1 
ATOM   1166 C CB  . ASN A 1 145 ? 0.430   -16.959 7.426   1.00 23.25 ? 145 ASN X CB  1 
ATOM   1167 C CG  . ASN A 1 145 ? 0.590   -16.826 5.916   1.00 22.94 ? 145 ASN X CG  1 
ATOM   1168 O OD1 . ASN A 1 145 ? 0.767   -15.720 5.380   1.00 21.90 ? 145 ASN X OD1 1 
ATOM   1169 N ND2 . ASN A 1 145 ? 0.498   -17.949 5.222   1.00 22.45 ? 145 ASN X ND2 1 
ATOM   1170 N N   . THR A 1 146 ? 2.506   -16.685 10.371  1.00 21.04 ? 146 THR X N   1 
ATOM   1171 C CA  . THR A 1 146 ? 2.625   -17.003 11.786  1.00 20.00 ? 146 THR X CA  1 
ATOM   1172 C C   . THR A 1 146 ? 2.414   -15.754 12.635  1.00 18.54 ? 146 THR X C   1 
ATOM   1173 O O   . THR A 1 146 ? 2.414   -15.807 13.866  1.00 16.46 ? 146 THR X O   1 
ATOM   1174 C CB  . THR A 1 146 ? 4.008   -17.642 12.076  1.00 21.13 ? 146 THR X CB  1 
ATOM   1175 O OG1 . THR A 1 146 ? 5.065   -16.752 11.694  1.00 21.64 ? 146 THR X OG1 1 
ATOM   1176 C CG2 . THR A 1 146 ? 4.243   -18.847 11.193  1.00 21.79 ? 146 THR X CG2 1 
ATOM   1177 N N   . ILE A 1 147 ? 2.223   -14.623 11.962  1.00 17.61 ? 147 ILE X N   1 
ATOM   1178 C CA  . ILE A 1 147 ? 1.924   -13.375 12.645  1.00 17.23 ? 147 ILE X CA  1 
ATOM   1179 C C   . ILE A 1 147 ? 0.439   -13.049 12.534  1.00 15.22 ? 147 ILE X C   1 
ATOM   1180 O O   . ILE A 1 147 ? -0.110  -12.956 11.452  1.00 13.73 ? 147 ILE X O   1 
ATOM   1181 C CB  . ILE A 1 147 ? 2.752   -12.238 12.050  1.00 18.11 ? 147 ILE X CB  1 
ATOM   1182 C CG1 . ILE A 1 147 ? 2.430   -10.931 12.754  1.00 18.87 ? 147 ILE X CG1 1 
ATOM   1183 C CG2 . ILE A 1 147 ? 2.463   -12.081 10.576  1.00 18.67 ? 147 ILE X CG2 1 
ATOM   1184 C CD1 . ILE A 1 147 ? 2.672   -10.978 14.232  1.00 19.73 ? 147 ILE X CD1 1 
ATOM   1185 N N   . PRO A 1 148 ? -0.214  -12.875 13.669  1.00 15.09 ? 148 PRO X N   1 
ATOM   1186 C CA  . PRO A 1 148 ? -1.626  -12.492 13.668  1.00 14.59 ? 148 PRO X CA  1 
ATOM   1187 C C   . PRO A 1 148 ? -1.839  -11.221 12.868  1.00 14.14 ? 148 PRO X C   1 
ATOM   1188 O O   . PRO A 1 148 ? -1.007  -10.311 12.889  1.00 12.98 ? 148 PRO X O   1 
ATOM   1189 C CB  . PRO A 1 148 ? -1.940  -12.267 15.145  1.00 14.66 ? 148 PRO X CB  1 
ATOM   1190 C CG  . PRO A 1 148 ? -0.861  -12.975 15.894  1.00 15.06 ? 148 PRO X CG  1 
ATOM   1191 C CD  . PRO A 1 148 ? 0.333   -13.024 15.024  1.00 15.01 ? 148 PRO X CD  1 
ATOM   1192 N N   . HIS A 1 149 ? -2.939  -11.174 12.138  1.00 13.69 ? 149 HIS X N   1 
ATOM   1193 C CA  . HIS A 1 149 ? -3.181  -10.058 11.232  1.00 14.43 ? 149 HIS X CA  1 
ATOM   1194 C C   . HIS A 1 149 ? -4.657  -9.902  10.893  1.00 13.52 ? 149 HIS X C   1 
ATOM   1195 O O   . HIS A 1 149 ? -5.398  -10.887 10.821  1.00 13.49 ? 149 HIS X O   1 
ATOM   1196 C CB  . HIS A 1 149 ? -2.420  -10.279 9.944   1.00 15.79 ? 149 HIS X CB  1 
ATOM   1197 C CG  . HIS A 1 149 ? -2.769  -11.566 9.270   1.00 17.71 ? 149 HIS X CG  1 
ATOM   1198 N ND1 . HIS A 1 149 ? -1.925  -12.653 9.266   1.00 17.41 ? 149 HIS X ND1 1 
ATOM   1199 C CD2 . HIS A 1 149 ? -3.887  -11.956 8.615   1.00 19.87 ? 149 HIS X CD2 1 
ATOM   1200 C CE1 . HIS A 1 149 ? -2.487  -13.648 8.600   1.00 18.20 ? 149 HIS X CE1 1 
ATOM   1201 N NE2 . HIS A 1 149 ? -3.683  -13.258 8.199   1.00 20.11 ? 149 HIS X NE2 1 
ATOM   1202 N N   . THR A 1 150 ? -5.063  -8.668  10.638  1.00 12.62 ? 150 THR X N   1 
ATOM   1203 C CA  . THR A 1 150 ? -6.460  -8.342  10.406  1.00 12.59 ? 150 THR X CA  1 
ATOM   1204 C C   . THR A 1 150 ? -6.556  -7.429  9.198   1.00 12.27 ? 150 THR X C   1 
ATOM   1205 O O   . THR A 1 150 ? -5.831  -6.438  9.097   1.00 12.40 ? 150 THR X O   1 
ATOM   1206 C CB  . THR A 1 150 ? -7.048  -7.668  11.651  1.00 12.37 ? 150 THR X CB  1 
ATOM   1207 O OG1 . THR A 1 150 ? -7.075  -8.593  12.746  1.00 12.79 ? 150 THR X OG1 1 
ATOM   1208 C CG2 . THR A 1 150 ? -8.517  -7.300  11.443  1.00 12.03 ? 150 THR X CG2 1 
ATOM   1209 N N   . PHE A 1 151 ? -7.411  -7.802  8.252   1.00 12.63 ? 151 PHE X N   1 
ATOM   1210 C CA  . PHE A 1 151 ? -7.705  -6.959  7.109   1.00 12.78 ? 151 PHE X CA  1 
ATOM   1211 C C   . PHE A 1 151 ? -8.861  -6.030  7.426   1.00 12.19 ? 151 PHE X C   1 
ATOM   1212 O O   . PHE A 1 151 ? -9.990  -6.500  7.668   1.00 11.73 ? 151 PHE X O   1 
ATOM   1213 C CB  . PHE A 1 151 ? -8.074  -7.818  5.904   1.00 13.55 ? 151 PHE X CB  1 
ATOM   1214 C CG  . PHE A 1 151 ? -7.072  -8.869  5.585   1.00 14.45 ? 151 PHE X CG  1 
ATOM   1215 C CD1 . PHE A 1 151 ? -5.817  -8.532  5.099   1.00 14.41 ? 151 PHE X CD1 1 
ATOM   1216 C CD2 . PHE A 1 151 ? -7.389  -10.206 5.729   1.00 14.78 ? 151 PHE X CD2 1 
ATOM   1217 C CE1 . PHE A 1 151 ? -4.905  -9.503  4.792   1.00 14.64 ? 151 PHE X CE1 1 
ATOM   1218 C CE2 . PHE A 1 151 ? -6.465  -11.181 5.423   1.00 14.73 ? 151 PHE X CE2 1 
ATOM   1219 C CZ  . PHE A 1 151 ? -5.221  -10.829 4.954   1.00 14.25 ? 151 PHE X CZ  1 
ATOM   1220 N N   . LEU A 1 152 ? -8.570  -4.726  7.433   1.00 11.65 ? 152 LEU X N   1 
ATOM   1221 C CA  . LEU A 1 152 ? -9.588  -3.682  7.518   1.00 12.66 ? 152 LEU X CA  1 
ATOM   1222 C C   . LEU A 1 152 ? -9.875  -3.076  6.158   1.00 12.77 ? 152 LEU X C   1 
ATOM   1223 O O   . LEU A 1 152 ? -8.961  -2.721  5.413   1.00 10.90 ? 152 LEU X O   1 
ATOM   1224 C CB  . LEU A 1 152 ? -9.144  -2.567  8.460   1.00 13.32 ? 152 LEU X CB  1 
ATOM   1225 C CG  . LEU A 1 152 ? -8.739  -2.984  9.866   1.00 13.36 ? 152 LEU X CG  1 
ATOM   1226 C CD1 . LEU A 1 152 ? -8.316  -1.777  10.691  1.00 12.94 ? 152 LEU X CD1 1 
ATOM   1227 C CD2 . LEU A 1 152 ? -9.873  -3.738  10.549  1.00 14.08 ? 152 LEU X CD2 1 
ATOM   1228 N N   . HIS A 1 153 ? -11.159 -2.927  5.855   1.00 12.64 ? 153 HIS X N   1 
ATOM   1229 C CA  . HIS A 1 153 ? -11.579 -1.968  4.856   1.00 13.11 ? 153 HIS X CA  1 
ATOM   1230 C C   . HIS A 1 153 ? -12.222 -0.795  5.565   1.00 12.53 ? 153 HIS X C   1 
ATOM   1231 O O   . HIS A 1 153 ? -13.268 -0.941  6.197   1.00 12.00 ? 153 HIS X O   1 
ATOM   1232 C CB  . HIS A 1 153 ? -12.556 -2.623  3.878   1.00 13.57 ? 153 HIS X CB  1 
ATOM   1233 C CG  . HIS A 1 153 ? -13.002 -1.721  2.774   1.00 14.66 ? 153 HIS X CG  1 
ATOM   1234 N ND1 . HIS A 1 153 ? -13.951 -2.094  1.845   1.00 14.04 ? 153 HIS X ND1 1 
ATOM   1235 C CD2 . HIS A 1 153 ? -12.634 -0.458  2.450   1.00 14.96 ? 153 HIS X CD2 1 
ATOM   1236 C CE1 . HIS A 1 153 ? -14.137 -1.106  0.989   1.00 14.14 ? 153 HIS X CE1 1 
ATOM   1237 N NE2 . HIS A 1 153 ? -13.357 -0.099  1.338   1.00 14.69 ? 153 HIS X NE2 1 
ATOM   1238 N N   . LEU A 1 154 ? -11.584 0.363   5.462   1.00 12.90 ? 154 LEU X N   1 
ATOM   1239 C CA  . LEU A 1 154 ? -12.078 1.599   6.068   1.00 13.07 ? 154 LEU X CA  1 
ATOM   1240 C C   . LEU A 1 154 ? -12.569 2.566   4.989   1.00 13.78 ? 154 LEU X C   1 
ATOM   1241 O O   . LEU A 1 154 ? -11.904 2.763   3.966   1.00 12.92 ? 154 LEU X O   1 
ATOM   1242 C CB  . LEU A 1 154 ? -10.968 2.277   6.881   1.00 13.71 ? 154 LEU X CB  1 
ATOM   1243 C CG  . LEU A 1 154 ? -10.157 1.436   7.867   1.00 14.62 ? 154 LEU X CG  1 
ATOM   1244 C CD1 . LEU A 1 154 ? -9.074  2.319   8.518   1.00 15.00 ? 154 LEU X CD1 1 
ATOM   1245 C CD2 . LEU A 1 154 ? -11.057 0.789   8.919   1.00 14.56 ? 154 LEU X CD2 1 
ATOM   1246 N N   . ILE A 1 155 ? -13.735 3.163   5.225   1.00 14.83 ? 155 ILE X N   1 
ATOM   1247 C CA  . ILE A 1 155 ? -14.292 4.177   4.337   1.00 16.05 ? 155 ILE X CA  1 
ATOM   1248 C C   . ILE A 1 155 ? -14.374 5.508   5.066   1.00 16.53 ? 155 ILE X C   1 
ATOM   1249 O O   . ILE A 1 155 ? -14.785 5.561   6.216   1.00 16.53 ? 155 ILE X O   1 
ATOM   1250 C CB  . ILE A 1 155 ? -15.694 3.772   3.852   1.00 16.87 ? 155 ILE X CB  1 
ATOM   1251 C CG1 . ILE A 1 155 ? -15.640 2.445   3.111   1.00 17.10 ? 155 ILE X CG1 1 
ATOM   1252 C CG2 . ILE A 1 155 ? -16.289 4.855   2.930   1.00 17.90 ? 155 ILE X CG2 1 
ATOM   1253 C CD1 . ILE A 1 155 ? -16.948 2.070   2.463   1.00 17.55 ? 155 ILE X CD1 1 
ATOM   1254 N N   . ARG A 1 156 ? -13.972 6.585   4.402   1.00 17.72 ? 156 ARG X N   1 
ATOM   1255 C CA  . ARG A 1 156 ? -13.965 7.893   5.041   1.00 18.75 ? 156 ARG X CA  1 
ATOM   1256 C C   . ARG A 1 156 ? -15.385 8.227   5.465   1.00 20.19 ? 156 ARG X C   1 
ATOM   1257 O O   . ARG A 1 156 ? -16.307 8.087   4.674   1.00 20.20 ? 156 ARG X O   1 
ATOM   1258 C CB  . ARG A 1 156 ? -13.448 8.969   4.087   1.00 19.06 ? 156 ARG X CB  1 
ATOM   1259 C CG  . ARG A 1 156 ? -13.413 10.362  4.693   1.00 18.77 ? 156 ARG X CG  1 
ATOM   1260 C CD  . ARG A 1 156 ? -12.814 11.445  3.797   1.00 18.98 ? 156 ARG X CD  1 
ATOM   1261 N NE  . ARG A 1 156 ? -11.591 11.034  3.118   1.00 18.48 ? 156 ARG X NE  1 
ATOM   1262 C CZ  . ARG A 1 156 ? -10.367 11.146  3.630   1.00 18.13 ? 156 ARG X CZ  1 
ATOM   1263 N NH1 . ARG A 1 156 ? -10.193 11.650  4.839   1.00 18.05 ? 156 ARG X NH1 1 
ATOM   1264 N NH2 . ARG A 1 156 ? -9.318  10.742  2.929   1.00 18.00 ? 156 ARG X NH2 1 
ATOM   1265 N N   . LYS A 1 157 ? -15.560 8.678   6.705   1.00 21.49 ? 157 LYS X N   1 
ATOM   1266 C CA  . LYS A 1 157 ? -16.872 9.120   7.162   1.00 22.82 ? 157 LYS X CA  1 
ATOM   1267 C C   . LYS A 1 157 ? -17.209 10.476  6.551   1.00 23.73 ? 157 LYS X C   1 
ATOM   1268 O O   . LYS A 1 157 ? -16.364 11.379  6.518   1.00 24.32 ? 157 LYS X O   1 
ATOM   1269 C CB  . LYS A 1 157 ? -16.913 9.219   8.688   1.00 23.35 ? 157 LYS X CB  1 
ATOM   1270 C CG  . LYS A 1 157 ? -16.765 7.887   9.431   1.00 23.75 ? 157 LYS X CG  1 
ATOM   1271 C CD  . LYS A 1 157 ? -17.174 8.041   10.896  1.00 24.14 ? 157 LYS X CD  1 
ATOM   1272 C CE  . LYS A 1 157 ? -16.910 6.782   11.705  1.00 24.21 ? 157 LYS X CE  1 
ATOM   1273 N NZ  . LYS A 1 157 ? -16.990 7.059   13.169  1.00 24.45 ? 157 LYS X NZ  1 
HETATM 1274 P PA  . NAP B 2 .   ? 8.898   5.672   -1.327  1.00 16.32 ? 301 NAP X PA  1 
HETATM 1275 O O1A . NAP B 2 .   ? 8.905   4.212   -1.772  1.00 15.96 ? 301 NAP X O1A 1 
HETATM 1276 O O2A . NAP B 2 .   ? 7.606   6.355   -0.993  1.00 14.54 ? 301 NAP X O2A 1 
HETATM 1277 O O5B . NAP B 2 .   ? 9.607   6.561   -2.462  1.00 15.59 ? 301 NAP X O5B 1 
HETATM 1278 C C5B . NAP B 2 .   ? 9.996   7.889   -2.162  1.00 15.54 ? 301 NAP X C5B 1 
HETATM 1279 C C4B . NAP B 2 .   ? 10.289  8.516   -3.513  1.00 16.21 ? 301 NAP X C4B 1 
HETATM 1280 O O4B . NAP B 2 .   ? 9.082   8.592   -4.281  1.00 16.23 ? 301 NAP X O4B 1 
HETATM 1281 C C3B . NAP B 2 .   ? 10.844  9.926   -3.474  1.00 16.06 ? 301 NAP X C3B 1 
HETATM 1282 O O3B . NAP B 2 .   ? 12.235  9.999   -3.201  1.00 15.62 ? 301 NAP X O3B 1 
HETATM 1283 C C2B . NAP B 2 .   ? 10.514  10.339  -4.889  1.00 16.04 ? 301 NAP X C2B 1 
HETATM 1284 O O2B . NAP B 2 .   ? 11.368  9.665   -5.799  1.00 15.99 ? 301 NAP X O2B 1 
HETATM 1285 C C1B . NAP B 2 .   ? 9.125   9.771   -5.093  1.00 16.99 ? 301 NAP X C1B 1 
HETATM 1286 N N9A . NAP B 2 .   ? 8.093   10.765  -4.719  1.00 18.30 ? 301 NAP X N9A 1 
HETATM 1287 C C8A . NAP B 2 .   ? 7.305   10.765  -3.631  1.00 18.75 ? 301 NAP X C8A 1 
HETATM 1288 N N7A . NAP B 2 .   ? 6.474   11.840  -3.649  1.00 19.88 ? 301 NAP X N7A 1 
HETATM 1289 C C5A . NAP B 2 .   ? 6.737   12.549  -4.756  1.00 20.41 ? 301 NAP X C5A 1 
HETATM 1290 C C6A . NAP B 2 .   ? 6.227   13.778  -5.399  1.00 21.11 ? 301 NAP X C6A 1 
HETATM 1291 N N6A . NAP B 2 .   ? 5.245   14.524  -4.834  1.00 22.34 ? 301 NAP X N6A 1 
HETATM 1292 N N1A . NAP B 2 .   ? 6.785   14.141  -6.560  1.00 22.00 ? 301 NAP X N1A 1 
HETATM 1293 C C2A . NAP B 2 .   ? 7.760   13.421  -7.156  1.00 21.18 ? 301 NAP X C2A 1 
HETATM 1294 N N3A . NAP B 2 .   ? 8.262   12.302  -6.623  1.00 20.25 ? 301 NAP X N3A 1 
HETATM 1295 C C4A . NAP B 2 .   ? 7.798   11.825  -5.466  1.00 19.87 ? 301 NAP X C4A 1 
HETATM 1296 O O3  . NAP B 2 .   ? 9.940   5.851   -0.119  1.00 15.70 ? 301 NAP X O3  1 
HETATM 1297 P PN  . NAP B 2 .   ? 9.659   5.685   1.464   1.00 15.58 ? 301 NAP X PN  1 
HETATM 1298 O O1N . NAP B 2 .   ? 8.601   6.627   1.932   1.00 15.67 ? 301 NAP X O1N 1 
HETATM 1299 O O2N . NAP B 2 .   ? 11.036  5.669   2.090   1.00 14.76 ? 301 NAP X O2N 1 
HETATM 1300 O O5D . NAP B 2 .   ? 8.983   4.237   1.606   1.00 14.94 ? 301 NAP X O5D 1 
HETATM 1301 C C5D . NAP B 2 .   ? 9.696   3.031   1.385   1.00 14.10 ? 301 NAP X C5D 1 
HETATM 1302 C C4D . NAP B 2 .   ? 9.480   2.118   2.584   1.00 14.13 ? 301 NAP X C4D 1 
HETATM 1303 O O4D . NAP B 2 .   ? 8.094   1.768   2.725   1.00 13.79 ? 301 NAP X O4D 1 
HETATM 1304 C C3D . NAP B 2 .   ? 10.233  0.818   2.409   1.00 13.61 ? 301 NAP X C3D 1 
HETATM 1305 O O3D . NAP B 2 .   ? 10.688  0.369   3.684   1.00 13.51 ? 301 NAP X O3D 1 
HETATM 1306 C C2D . NAP B 2 .   ? 9.180   -0.118  1.876   1.00 13.52 ? 301 NAP X C2D 1 
HETATM 1307 O O2D . NAP B 2 .   ? 9.512   -1.468  2.156   1.00 13.32 ? 301 NAP X O2D 1 
HETATM 1308 C C1D . NAP B 2 .   ? 7.974   0.352   2.680   1.00 13.21 ? 301 NAP X C1D 1 
HETATM 1309 N N1N . NAP B 2 .   ? 6.679   -0.038  2.093   1.00 13.25 ? 301 NAP X N1N 1 
HETATM 1310 C C2N . NAP B 2 .   ? 5.758   -0.692  2.902   1.00 13.00 ? 301 NAP X C2N 1 
HETATM 1311 C C3N . NAP B 2 .   ? 4.484   -0.966  2.412   1.00 13.27 ? 301 NAP X C3N 1 
HETATM 1312 C C7N . NAP B 2 .   ? 3.494   -1.641  3.261   1.00 13.69 ? 301 NAP X C7N 1 
HETATM 1313 O O7N . NAP B 2 .   ? 2.322   -1.820  2.916   1.00 13.52 ? 301 NAP X O7N 1 
HETATM 1314 N N7N . NAP B 2 .   ? 3.899   -2.094  4.513   1.00 14.42 ? 301 NAP X N7N 1 
HETATM 1315 C C4N . NAP B 2 .   ? 4.153   -0.576  1.107   1.00 13.20 ? 301 NAP X C4N 1 
HETATM 1316 C C5N . NAP B 2 .   ? 5.089   0.075   0.307   1.00 13.35 ? 301 NAP X C5N 1 
HETATM 1317 C C6N . NAP B 2 .   ? 6.356   0.351   0.797   1.00 13.26 ? 301 NAP X C6N 1 
HETATM 1318 P P2B . NAP B 2 .   ? 12.731  10.336  -6.363  1.00 16.28 ? 301 NAP X P2B 1 
HETATM 1319 O O1X . NAP B 2 .   ? 13.571  10.632  -5.154  1.00 15.71 ? 301 NAP X O1X 1 
HETATM 1320 O O2X . NAP B 2 .   ? 13.230  9.393   -7.424  1.00 16.18 ? 301 NAP X O2X 1 
HETATM 1321 O O3X . NAP B 2 .   ? 12.331  11.633  -6.990  1.00 13.83 ? 301 NAP X O3X 1 
HETATM 1322 C C1  . TOP C 3 .   ? 2.274   -4.830  0.784   1.00 14.96 ? 300 TOP X C1  1 
HETATM 1323 N N2  . TOP C 3 .   ? 1.209   -5.180  1.528   1.00 15.47 ? 300 TOP X N2  1 
HETATM 1324 C C3  . TOP C 3 .   ? 0.117   -4.415  1.614   1.00 14.73 ? 300 TOP X C3  1 
HETATM 1325 N N4  . TOP C 3 .   ? -0.963  -4.817  2.393   1.00 14.03 ? 300 TOP X N4  1 
HETATM 1326 N N5  . TOP C 3 .   ? 0.035   -3.247  0.975   1.00 15.51 ? 300 TOP X N5  1 
HETATM 1327 C C6  . TOP C 3 .   ? 1.041   -2.814  0.228   1.00 15.42 ? 300 TOP X C6  1 
HETATM 1328 N N7  . TOP C 3 .   ? 0.934   -1.595  -0.421  1.00 15.23 ? 300 TOP X N7  1 
HETATM 1329 C C8  . TOP C 3 .   ? 2.256   -3.640  0.092   1.00 15.26 ? 300 TOP X C8  1 
HETATM 1330 C C9  . TOP C 3 .   ? 3.396   -3.137  -0.784  1.00 16.06 ? 300 TOP X C9  1 
HETATM 1331 C C10 . TOP C 3 .   ? 4.454   -4.165  -1.150  1.00 16.45 ? 300 TOP X C10 1 
HETATM 1332 C C11 . TOP C 3 .   ? 4.130   -5.334  -1.852  1.00 16.00 ? 300 TOP X C11 1 
HETATM 1333 C C12 . TOP C 3 .   ? 5.113   -6.266  -2.190  1.00 17.15 ? 300 TOP X C12 1 
HETATM 1334 O O13 . TOP C 3 .   ? 4.824   -7.386  -2.854  1.00 17.99 ? 300 TOP X O13 1 
HETATM 1335 C C14 . TOP C 3 .   ? 3.526   -7.522  -3.395  1.00 18.21 ? 300 TOP X C14 1 
HETATM 1336 C C15 . TOP C 3 .   ? 6.517   -6.019  -1.818  1.00 17.07 ? 300 TOP X C15 1 
HETATM 1337 O O16 . TOP C 3 .   ? 7.479   -6.888  -2.116  1.00 17.62 ? 300 TOP X O16 1 
HETATM 1338 C C17 . TOP C 3 .   ? 8.076   -7.600  -1.057  1.00 17.92 ? 300 TOP X C17 1 
HETATM 1339 C C18 . TOP C 3 .   ? 6.815   -4.777  -1.085  1.00 16.90 ? 300 TOP X C18 1 
HETATM 1340 O O19 . TOP C 3 .   ? 8.070   -4.520  -0.733  1.00 16.74 ? 300 TOP X O19 1 
HETATM 1341 C C20 . TOP C 3 .   ? 8.362   -3.275  -0.142  1.00 16.80 ? 300 TOP X C20 1 
HETATM 1342 C C21 . TOP C 3 .   ? 5.779   -3.883  -0.781  1.00 16.38 ? 300 TOP X C21 1 
HETATM 1343 O O   . HOH D 4 .   ? 0.900   -8.875  -6.128  1.00 18.26 ? 159 HOH X O   1 
HETATM 1344 O O   . HOH D 4 .   ? -8.440  -8.047  -8.636  1.00 42.79 ? 160 HOH X O   1 
HETATM 1345 O O   . HOH D 4 .   ? -10.427 -5.058  -5.993  1.00 22.06 ? 161 HOH X O   1 
HETATM 1346 O O   . HOH D 4 .   ? -7.337  1.434   -13.039 1.00 27.66 ? 162 HOH X O   1 
HETATM 1347 O O   . HOH D 4 .   ? -9.617  -0.714  -12.491 1.00 21.36 ? 163 HOH X O   1 
HETATM 1348 O O   . HOH D 4 .   ? 9.021   3.929   -17.643 1.00 28.69 ? 164 HOH X O   1 
HETATM 1349 O O   . HOH D 4 .   ? 17.756  -0.499  -0.699  1.00 23.70 ? 165 HOH X O   1 
HETATM 1350 O O   . HOH D 4 .   ? 15.492  7.303   -10.279 1.00 24.42 ? 166 HOH X O   1 
HETATM 1351 O O   . HOH D 4 .   ? 15.530  10.080  -7.603  1.00 32.35 ? 167 HOH X O   1 
HETATM 1352 O O   . HOH D 4 .   ? 10.182  -6.776  1.317   1.00 17.76 ? 168 HOH X O   1 
HETATM 1353 O O   . HOH D 4 .   ? 10.437  -5.898  -1.586  1.00 32.09 ? 169 HOH X O   1 
HETATM 1354 O O   . HOH D 4 .   ? 7.108   -8.386  -4.476  1.00 31.69 ? 170 HOH X O   1 
HETATM 1355 O O   . HOH D 4 .   ? 12.939  3.989   2.969   1.00 20.74 ? 171 HOH X O   1 
HETATM 1356 O O   . HOH D 4 .   ? 12.935  1.564   4.538   1.00 11.96 ? 172 HOH X O   1 
HETATM 1357 O O   . HOH D 4 .   ? 2.962   -7.760  3.871   1.00 19.34 ? 173 HOH X O   1 
HETATM 1358 O O   . HOH D 4 .   ? 5.693   -10.600 3.450   1.00 20.15 ? 174 HOH X O   1 
HETATM 1359 O O   . HOH D 4 .   ? 4.627   -15.708 8.621   1.00 27.30 ? 175 HOH X O   1 
HETATM 1360 O O   . HOH D 4 .   ? -6.219  -15.264 5.093   1.00 27.09 ? 176 HOH X O   1 
HETATM 1361 O O   . HOH D 4 .   ? -4.857  -13.477 12.710  1.00 13.36 ? 177 HOH X O   1 
HETATM 1362 O O   . HOH D 4 .   ? -6.091  -11.064 13.729  1.00 20.25 ? 178 HOH X O   1 
HETATM 1363 O O   . HOH D 4 .   ? -5.248  -14.764 15.128  1.00 18.43 ? 179 HOH X O   1 
HETATM 1364 O O   . HOH D 4 .   ? -5.824  -18.666 12.514  1.00 31.47 ? 180 HOH X O   1 
HETATM 1365 O O   . HOH D 4 .   ? -4.025  -15.534 17.331  1.00 17.03 ? 181 HOH X O   1 
HETATM 1366 O O   . HOH D 4 .   ? -8.997  -14.269 6.227   1.00 28.61 ? 182 HOH X O   1 
HETATM 1367 O O   . HOH D 4 .   ? -7.469  -4.843  3.840   1.00 15.38 ? 183 HOH X O   1 
HETATM 1368 O O   . HOH D 4 .   ? -3.905  -4.387  2.939   1.00 8.49  ? 184 HOH X O   1 
HETATM 1369 O O   . HOH D 4 .   ? -11.735 -6.661  5.578   1.00 13.10 ? 185 HOH X O   1 
HETATM 1370 O O   . HOH D 4 .   ? -10.203 -5.635  3.186   1.00 13.85 ? 186 HOH X O   1 
HETATM 1371 O O   . HOH D 4 .   ? -10.641 -7.274  1.684   1.00 27.49 ? 187 HOH X O   1 
HETATM 1372 O O   . HOH D 4 .   ? -12.430 0.277   -3.085  1.00 14.38 ? 188 HOH X O   1 
HETATM 1373 O O   . HOH D 4 .   ? -13.998 -4.047  -1.331  1.00 24.71 ? 189 HOH X O   1 
HETATM 1374 O O   . HOH D 4 .   ? -11.835 -3.007  -4.409  1.00 33.18 ? 190 HOH X O   1 
HETATM 1375 O O   . HOH D 4 .   ? -14.194 -2.143  -5.954  1.00 41.57 ? 191 HOH X O   1 
HETATM 1376 O O   . HOH D 4 .   ? -15.635 -4.023  2.603   1.00 11.22 ? 192 HOH X O   1 
HETATM 1377 O O   . HOH D 4 .   ? -16.559 -3.509  -0.309  1.00 18.40 ? 193 HOH X O   1 
HETATM 1378 O O   . HOH D 4 .   ? -17.753 -1.756  1.660   1.00 19.78 ? 194 HOH X O   1 
HETATM 1379 O O   . HOH D 4 .   ? -8.824  8.179   -9.119  1.00 48.54 ? 195 HOH X O   1 
HETATM 1380 O O   . HOH D 4 .   ? 5.612   6.794   -18.486 1.00 32.36 ? 196 HOH X O   1 
HETATM 1381 O O   . HOH D 4 .   ? 8.195   6.183   -18.880 1.00 31.70 ? 197 HOH X O   1 
HETATM 1382 O O   . HOH D 4 .   ? 15.802  13.748  -18.925 1.00 26.88 ? 198 HOH X O   1 
HETATM 1383 O O   . HOH D 4 .   ? 15.560  14.343  -13.161 1.00 21.25 ? 199 HOH X O   1 
HETATM 1384 O O   . HOH D 4 .   ? 7.550   4.382   -22.528 1.00 33.83 ? 200 HOH X O   1 
HETATM 1385 O O   . HOH D 4 .   ? 7.978   1.605   -19.606 1.00 38.38 ? 201 HOH X O   1 
HETATM 1386 O O   . HOH D 4 .   ? 10.314  -0.339  -17.743 1.00 97.06 ? 202 HOH X O   1 
HETATM 1387 O O   . HOH D 4 .   ? 17.480  7.144   -2.746  1.00 15.96 ? 203 HOH X O   1 
HETATM 1388 O O   . HOH D 4 .   ? 14.317  0.950   -2.276  1.00 17.29 ? 204 HOH X O   1 
HETATM 1389 O O   . HOH D 4 .   ? 15.526  -5.763  12.543  1.00 26.98 ? 205 HOH X O   1 
HETATM 1390 O O   . HOH D 4 .   ? 14.548  1.723   13.788  1.00 16.86 ? 206 HOH X O   1 
HETATM 1391 O O   . HOH D 4 .   ? 11.409  -6.552  12.984  1.00 62.10 ? 207 HOH X O   1 
HETATM 1392 O O   . HOH D 4 .   ? 11.090  -10.634 7.707   1.00 35.43 ? 208 HOH X O   1 
HETATM 1393 O O   . HOH D 4 .   ? 2.143   17.047  -13.908 1.00 39.61 ? 209 HOH X O   1 
HETATM 1394 O O   . HOH D 4 .   ? 3.741   16.652  -6.421  1.00 25.37 ? 210 HOH X O   1 
HETATM 1395 O O   . HOH D 4 .   ? 9.747   13.537  -2.941  1.00 32.95 ? 211 HOH X O   1 
HETATM 1396 O O   . HOH D 4 .   ? 2.098   -14.761 -1.179  1.00 26.35 ? 212 HOH X O   1 
HETATM 1397 O O   . HOH D 4 .   ? -11.811 8.467   -13.227 1.00 52.22 ? 213 HOH X O   1 
HETATM 1398 O O   . HOH D 4 .   ? -7.709  10.347  10.882  1.00 18.18 ? 214 HOH X O   1 
HETATM 1399 O O   . HOH D 4 .   ? -9.462  13.161  8.374   1.00 20.93 ? 215 HOH X O   1 
HETATM 1400 O O   . HOH D 4 .   ? -7.839  11.997  6.768   1.00 18.98 ? 216 HOH X O   1 
HETATM 1401 O O   . HOH D 4 .   ? -6.856  9.999   8.180   1.00 16.94 ? 217 HOH X O   1 
HETATM 1402 O O   . HOH D 4 .   ? -4.451  10.698  8.790   1.00 24.44 ? 218 HOH X O   1 
HETATM 1403 O O   . HOH D 4 .   ? -1.587  12.152  10.829  1.00 21.40 ? 219 HOH X O   1 
HETATM 1404 O O   . HOH D 4 .   ? -8.699  5.835   16.678  1.00 25.09 ? 220 HOH X O   1 
HETATM 1405 O O   . HOH D 4 .   ? -5.625  0.203   13.071  1.00 19.30 ? 221 HOH X O   1 
HETATM 1406 O O   . HOH D 4 .   ? -4.668  4.198   14.264  1.00 29.81 ? 222 HOH X O   1 
HETATM 1407 O O   . HOH D 4 .   ? -11.727 -8.502  13.142  1.00 23.89 ? 223 HOH X O   1 
HETATM 1408 O O   . HOH D 4 .   ? -11.212 -4.693  13.763  1.00 26.62 ? 224 HOH X O   1 
HETATM 1409 O O   . HOH D 4 .   ? -9.093  -8.492  14.479  1.00 25.41 ? 225 HOH X O   1 
HETATM 1410 O O   . HOH D 4 .   ? -12.958 -10.483 13.889  1.00 18.18 ? 226 HOH X O   1 
HETATM 1411 O O   . HOH D 4 .   ? -17.135 1.598   12.178  1.00 17.49 ? 227 HOH X O   1 
HETATM 1412 O O   . HOH D 4 .   ? -16.420 -0.323  14.474  1.00 27.36 ? 228 HOH X O   1 
HETATM 1413 O O   . HOH D 4 .   ? -2.325  -7.218  -17.737 1.00 31.55 ? 229 HOH X O   1 
HETATM 1414 O O   . HOH D 4 .   ? -3.071  13.717  2.951   1.00 19.90 ? 230 HOH X O   1 
HETATM 1415 O O   . HOH D 4 .   ? -5.064  8.390   14.718  1.00 52.24 ? 231 HOH X O   1 
HETATM 1416 O O   . HOH D 4 .   ? -3.335  -0.503  14.692  1.00 29.16 ? 232 HOH X O   1 
HETATM 1417 O O   . HOH D 4 .   ? -4.781  -2.850  16.024  1.00 30.84 ? 233 HOH X O   1 
HETATM 1418 O O   . HOH D 4 .   ? -19.131 4.205   12.753  1.00 38.03 ? 234 HOH X O   1 
HETATM 1419 O O   . HOH D 4 .   ? -14.012 11.667  8.105   1.00 25.16 ? 235 HOH X O   1 
HETATM 1420 O O   . HOH D 4 .   ? -12.216 12.910  6.808   1.00 34.68 ? 236 HOH X O   1 
HETATM 1421 O O   . HOH D 4 .   ? -12.935 14.960  5.366   1.00 30.49 ? 237 HOH X O   1 
HETATM 1422 O O   . HOH D 4 .   ? -15.166 13.533  11.454  1.00 35.25 ? 238 HOH X O   1 
HETATM 1423 O O   . HOH D 4 .   ? 3.924   8.737   8.385   1.00 7.91  ? 239 HOH X O   1 
HETATM 1424 O O   . HOH D 4 .   ? 6.763   -1.194  15.750  1.00 17.48 ? 240 HOH X O   1 
HETATM 1425 O O   . HOH D 4 .   ? 8.182   1.286   16.110  1.00 8.42  ? 241 HOH X O   1 
HETATM 1426 O O   . HOH D 4 .   ? 7.133   3.203   17.266  1.00 17.59 ? 242 HOH X O   1 
HETATM 1427 O O   . HOH D 4 .   ? 4.546   4.508   16.364  1.00 11.88 ? 243 HOH X O   1 
HETATM 1428 O O   . HOH D 4 .   ? 10.522  1.235   14.803  1.00 13.68 ? 244 HOH X O   1 
HETATM 1429 O O   . HOH D 4 .   ? 16.949  2.308   8.726   1.00 11.27 ? 245 HOH X O   1 
HETATM 1430 O O   . HOH D 4 .   ? 16.907  2.320   12.065  1.00 18.95 ? 246 HOH X O   1 
HETATM 1431 O O   . HOH D 4 .   ? 18.468  0.307   12.837  1.00 15.79 ? 247 HOH X O   1 
HETATM 1432 O O   . HOH D 4 .   ? 11.786  13.735  -5.158  1.00 21.97 ? 248 HOH X O   1 
HETATM 1433 O O   . HOH D 4 .   ? 6.123   16.645  -7.626  1.00 28.48 ? 249 HOH X O   1 
HETATM 1434 O O   . HOH D 4 .   ? -15.056 2.516   -0.899  1.00 35.23 ? 250 HOH X O   1 
HETATM 1435 O O   . HOH D 4 .   ? -10.281 -11.650 3.449   1.00 32.85 ? 251 HOH X O   1 
HETATM 1436 O O   . HOH D 4 .   ? -11.078 -8.975  3.591   1.00 30.32 ? 252 HOH X O   1 
HETATM 1437 O O   . HOH D 4 .   ? -6.896  -12.854 -0.296  1.00 30.59 ? 253 HOH X O   1 
HETATM 1438 O O   . HOH D 4 .   ? -9.866  11.403  17.620  1.00 38.43 ? 254 HOH X O   1 
HETATM 1439 O O   . HOH D 4 .   ? -4.745  10.999  14.348  1.00 26.64 ? 255 HOH X O   1 
HETATM 1440 O O   . HOH D 4 .   ? 5.232   14.022  3.002   1.00 38.81 ? 256 HOH X O   1 
HETATM 1441 O O   . HOH D 4 .   ? 7.901   12.496  5.613   1.00 33.39 ? 257 HOH X O   1 
HETATM 1442 O O   . HOH D 4 .   ? 11.142  8.214   6.041   1.00 25.35 ? 258 HOH X O   1 
HETATM 1443 O O   . HOH D 4 .   ? 3.136   16.127  -2.021  1.00 30.59 ? 259 HOH X O   1 
HETATM 1444 O O   . HOH D 4 .   ? -5.100  3.675   -14.469 1.00 25.75 ? 260 HOH X O   1 
HETATM 1445 O O   . HOH D 4 .   ? 0.616   -5.672  -17.151 1.00 22.21 ? 261 HOH X O   1 
HETATM 1446 O O   . HOH D 4 .   ? -8.007  -2.269  -16.664 1.00 34.31 ? 262 HOH X O   1 
HETATM 1447 O O   . HOH D 4 .   ? -5.244  -13.381 1.759   1.00 37.31 ? 263 HOH X O   1 
HETATM 1448 O O   . HOH D 4 .   ? -3.728  -17.323 9.141   1.00 50.31 ? 264 HOH X O   1 
HETATM 1449 O O   . HOH D 4 .   ? -5.102  -5.217  18.081  1.00 37.05 ? 265 HOH X O   1 
HETATM 1450 O O   . HOH D 4 .   ? -9.218  -5.823  15.910  1.00 34.70 ? 266 HOH X O   1 
HETATM 1451 O O   . HOH D 4 .   ? -9.174  -3.087  17.021  1.00 42.83 ? 267 HOH X O   1 
HETATM 1452 O O   . HOH D 4 .   ? 3.902   -10.991 -4.403  1.00 32.87 ? 268 HOH X O   1 
HETATM 1453 O O   . HOH D 4 .   ? 0.430   -11.670 -10.229 1.00 32.41 ? 269 HOH X O   1 
HETATM 1454 O O   . HOH D 4 .   ? 2.031   -13.771 -7.138  1.00 40.95 ? 270 HOH X O   1 
HETATM 1455 O O   . HOH D 4 .   ? 16.809  -4.827  3.303   1.00 30.27 ? 271 HOH X O   1 
HETATM 1456 O O   . HOH D 4 .   ? 8.689   -12.027 9.736   1.00 22.89 ? 272 HOH X O   1 
HETATM 1457 O O   . HOH D 4 .   ? 12.851  -4.832  11.267  1.00 25.26 ? 273 HOH X O   1 
HETATM 1458 O O   . HOH D 4 .   ? 7.876   16.474  -3.507  1.00 47.88 ? 274 HOH X O   1 
HETATM 1459 O O   . HOH D 4 .   ? -2.149  -11.336 -10.884 1.00 31.23 ? 275 HOH X O   1 
HETATM 1460 O O   . HOH D 4 .   ? -0.211  -15.652 -5.085  1.00 41.93 ? 276 HOH X O   1 
HETATM 1461 O O   . HOH D 4 .   ? 0.623   -14.032 -3.576  1.00 36.21 ? 277 HOH X O   1 
HETATM 1462 O O   . HOH D 4 .   ? 1.407   -18.128 -3.922  1.00 36.86 ? 278 HOH X O   1 
HETATM 1463 O O   . HOH D 4 .   ? -5.663  -12.986 -6.869  1.00 33.62 ? 279 HOH X O   1 
# 
